data_2GO2
# 
_entry.id   2GO2 
# 
_audit_conform.dict_name       mmcif_pdbx.dic 
_audit_conform.dict_version    5.387 
_audit_conform.dict_location   http://mmcif.pdb.org/dictionaries/ascii/mmcif_pdbx.dic 
# 
loop_
_database_2.database_id 
_database_2.database_code 
_database_2.pdbx_database_accession 
_database_2.pdbx_DOI 
PDB   2GO2         pdb_00002go2 10.2210/pdb2go2/pdb 
RCSB  RCSB037348   ?            ?                   
WWPDB D_1000037348 ?            ?                   
# 
loop_
_pdbx_audit_revision_history.ordinal 
_pdbx_audit_revision_history.data_content_type 
_pdbx_audit_revision_history.major_revision 
_pdbx_audit_revision_history.minor_revision 
_pdbx_audit_revision_history.revision_date 
1 'Structure model' 1 0 2007-03-13 
2 'Structure model' 1 1 2008-05-01 
3 'Structure model' 1 2 2011-07-13 
4 'Structure model' 1 3 2024-02-14 
# 
_pdbx_audit_revision_details.ordinal             1 
_pdbx_audit_revision_details.revision_ordinal    1 
_pdbx_audit_revision_details.data_content_type   'Structure model' 
_pdbx_audit_revision_details.provider            repository 
_pdbx_audit_revision_details.type                'Initial release' 
_pdbx_audit_revision_details.description         ? 
_pdbx_audit_revision_details.details             ? 
# 
loop_
_pdbx_audit_revision_group.ordinal 
_pdbx_audit_revision_group.revision_ordinal 
_pdbx_audit_revision_group.data_content_type 
_pdbx_audit_revision_group.group 
1 2 'Structure model' 'Version format compliance' 
2 3 'Structure model' Advisory                    
3 3 'Structure model' 'Version format compliance' 
4 4 'Structure model' 'Data collection'           
5 4 'Structure model' 'Database references'       
6 4 'Structure model' 'Derived calculations'      
# 
loop_
_pdbx_audit_revision_category.ordinal 
_pdbx_audit_revision_category.revision_ordinal 
_pdbx_audit_revision_category.data_content_type 
_pdbx_audit_revision_category.category 
1 4 'Structure model' chem_comp_atom     
2 4 'Structure model' chem_comp_bond     
3 4 'Structure model' database_2         
4 4 'Structure model' struct_ref_seq_dif 
5 4 'Structure model' struct_site        
# 
loop_
_pdbx_audit_revision_item.ordinal 
_pdbx_audit_revision_item.revision_ordinal 
_pdbx_audit_revision_item.data_content_type 
_pdbx_audit_revision_item.item 
1 4 'Structure model' '_database_2.pdbx_DOI'                
2 4 'Structure model' '_database_2.pdbx_database_accession' 
3 4 'Structure model' '_struct_ref_seq_dif.details'         
4 4 'Structure model' '_struct_site.pdbx_auth_asym_id'      
5 4 'Structure model' '_struct_site.pdbx_auth_comp_id'      
6 4 'Structure model' '_struct_site.pdbx_auth_seq_id'       
# 
_pdbx_database_status.status_code                     REL 
_pdbx_database_status.entry_id                        2GO2 
_pdbx_database_status.recvd_initial_deposition_date   2006-04-12 
_pdbx_database_status.deposit_site                    RCSB 
_pdbx_database_status.process_site                    RCSB 
_pdbx_database_status.status_code_sf                  REL 
_pdbx_database_status.status_code_mr                  ? 
_pdbx_database_status.SG_entry                        ? 
_pdbx_database_status.pdb_format_compatible           Y 
_pdbx_database_status.status_code_cs                  ? 
_pdbx_database_status.status_code_nmr_data            ? 
_pdbx_database_status.methods_development_category    ? 
# 
loop_
_audit_author.name 
_audit_author.pdbx_ordinal 
'Navarro, M.V.A.S.' 1 
'Garratt, R.C.'     2 
# 
loop_
_citation.id 
_citation.title 
_citation.journal_abbrev 
_citation.journal_volume 
_citation.page_first 
_citation.page_last 
_citation.year 
_citation.journal_id_ASTM 
_citation.country 
_citation.journal_id_ISSN 
_citation.journal_id_CSD 
_citation.book_publisher 
_citation.pdbx_database_id_PubMed 
_citation.pdbx_database_id_DOI 
primary 'The Crystal Structure of BbKI, a kunitz-type kallikrein inhibitor devoid of disulfide bridges'                         
'To be Published'          ?  ?    ?    2006 ?      ?  ?         0353 ? ?        ?                         
1       'Crystallization and preliminary X-ray analysis of a novel Kunitz-type kallikrein inhibitor from Bauhinia bauhinioides' 
'Acta Crystallogr.,Sect.F' 61 910  913  2005 ?      DK 1744-3091 ?    ? 16511193 ?                         
2       'Getting the most out of X-ray home sources'                                                                            
'Acta Crystallogr.,Sect.D' 61 1022 1030 2005 ABCRE6 DK 0907-4449 0766 ? 16041066 10.1107/S0907444905012989 
# 
loop_
_citation_author.citation_id 
_citation_author.name 
_citation_author.ordinal 
_citation_author.identifier_ORCID 
primary 'Navarro, M.V.A.S.' 1  ? 
primary 'Oliva, M.L.V.'     2  ? 
primary 'Araujo, A.P.U.'    3  ? 
primary 'Garratt, R.C.'     4  ? 
1       'Navarro, M.V.'     5  ? 
1       'Vierira, D.F.'     6  ? 
1       'Nagem, R.A.'       7  ? 
1       'de Araujo, A.P.'   8  ? 
1       'Oliva, M.L.'       9  ? 
1       'Garratt, R.C.'     10 ? 
2       'Nagem, R.A.'       11 ? 
2       'Ambrosio, A.L.'    12 ? 
2       'Rojas, A.L.'       13 ? 
2       'Navarro, M.V.'     14 ? 
2       'Golubev, A.M.'     15 ? 
2       'Garratt, R.C.'     16 ? 
2       'Polikarpov, I.'    17 ? 
# 
loop_
_entity.id 
_entity.type 
_entity.src_method 
_entity.pdbx_description 
_entity.formula_weight 
_entity.pdbx_number_of_molecules 
_entity.pdbx_ec 
_entity.pdbx_mutation 
_entity.pdbx_fragment 
_entity.details 
1 polymer     man 'Kunitz-type serine protease inhibitor BbKI' 17839.266 1   ? ? ? ? 
2 non-polymer syn 1,2-ETHANEDIOL                               62.068    2   ? ? ? ? 
3 water       nat water                                        18.015    160 ? ? ? ? 
# 
_entity_poly.entity_id                      1 
_entity_poly.type                           'polypeptide(L)' 
_entity_poly.nstd_linkage                   no 
_entity_poly.nstd_monomer                   no 
_entity_poly.pdbx_seq_one_letter_code       
;SSVVVDTNGQPVSNGADAYYLVPVSHGHAGLALAKIGNEAEPRAVVLDPHHRPGLPVRFESPLRINIIKESYFLNIKFGP
SSSDSGVWDVIQQDPIGLAVKVTDTKSLLGPFKVEKEGEGYKIVYYPERGQTGLDIGLVHRNDKYYLAVKDGEPCVFKIR
KAT
;
_entity_poly.pdbx_seq_one_letter_code_can   
;SSVVVDTNGQPVSNGADAYYLVPVSHGHAGLALAKIGNEAEPRAVVLDPHHRPGLPVRFESPLRINIIKESYFLNIKFGP
SSSDSGVWDVIQQDPIGLAVKVTDTKSLLGPFKVEKEGEGYKIVYYPERGQTGLDIGLVHRNDKYYLAVKDGEPCVFKIR
KAT
;
_entity_poly.pdbx_strand_id                 A 
_entity_poly.pdbx_target_identifier         ? 
# 
loop_
_pdbx_entity_nonpoly.entity_id 
_pdbx_entity_nonpoly.name 
_pdbx_entity_nonpoly.comp_id 
2 1,2-ETHANEDIOL EDO 
3 water          HOH 
# 
loop_
_entity_poly_seq.entity_id 
_entity_poly_seq.num 
_entity_poly_seq.mon_id 
_entity_poly_seq.hetero 
1 1   SER n 
1 2   SER n 
1 3   VAL n 
1 4   VAL n 
1 5   VAL n 
1 6   ASP n 
1 7   THR n 
1 8   ASN n 
1 9   GLY n 
1 10  GLN n 
1 11  PRO n 
1 12  VAL n 
1 13  SER n 
1 14  ASN n 
1 15  GLY n 
1 16  ALA n 
1 17  ASP n 
1 18  ALA n 
1 19  TYR n 
1 20  TYR n 
1 21  LEU n 
1 22  VAL n 
1 23  PRO n 
1 24  VAL n 
1 25  SER n 
1 26  HIS n 
1 27  GLY n 
1 28  HIS n 
1 29  ALA n 
1 30  GLY n 
1 31  LEU n 
1 32  ALA n 
1 33  LEU n 
1 34  ALA n 
1 35  LYS n 
1 36  ILE n 
1 37  GLY n 
1 38  ASN n 
1 39  GLU n 
1 40  ALA n 
1 41  GLU n 
1 42  PRO n 
1 43  ARG n 
1 44  ALA n 
1 45  VAL n 
1 46  VAL n 
1 47  LEU n 
1 48  ASP n 
1 49  PRO n 
1 50  HIS n 
1 51  HIS n 
1 52  ARG n 
1 53  PRO n 
1 54  GLY n 
1 55  LEU n 
1 56  PRO n 
1 57  VAL n 
1 58  ARG n 
1 59  PHE n 
1 60  GLU n 
1 61  SER n 
1 62  PRO n 
1 63  LEU n 
1 64  ARG n 
1 65  ILE n 
1 66  ASN n 
1 67  ILE n 
1 68  ILE n 
1 69  LYS n 
1 70  GLU n 
1 71  SER n 
1 72  TYR n 
1 73  PHE n 
1 74  LEU n 
1 75  ASN n 
1 76  ILE n 
1 77  LYS n 
1 78  PHE n 
1 79  GLY n 
1 80  PRO n 
1 81  SER n 
1 82  SER n 
1 83  SER n 
1 84  ASP n 
1 85  SER n 
1 86  GLY n 
1 87  VAL n 
1 88  TRP n 
1 89  ASP n 
1 90  VAL n 
1 91  ILE n 
1 92  GLN n 
1 93  GLN n 
1 94  ASP n 
1 95  PRO n 
1 96  ILE n 
1 97  GLY n 
1 98  LEU n 
1 99  ALA n 
1 100 VAL n 
1 101 LYS n 
1 102 VAL n 
1 103 THR n 
1 104 ASP n 
1 105 THR n 
1 106 LYS n 
1 107 SER n 
1 108 LEU n 
1 109 LEU n 
1 110 GLY n 
1 111 PRO n 
1 112 PHE n 
1 113 LYS n 
1 114 VAL n 
1 115 GLU n 
1 116 LYS n 
1 117 GLU n 
1 118 GLY n 
1 119 GLU n 
1 120 GLY n 
1 121 TYR n 
1 122 LYS n 
1 123 ILE n 
1 124 VAL n 
1 125 TYR n 
1 126 TYR n 
1 127 PRO n 
1 128 GLU n 
1 129 ARG n 
1 130 GLY n 
1 131 GLN n 
1 132 THR n 
1 133 GLY n 
1 134 LEU n 
1 135 ASP n 
1 136 ILE n 
1 137 GLY n 
1 138 LEU n 
1 139 VAL n 
1 140 HIS n 
1 141 ARG n 
1 142 ASN n 
1 143 ASP n 
1 144 LYS n 
1 145 TYR n 
1 146 TYR n 
1 147 LEU n 
1 148 ALA n 
1 149 VAL n 
1 150 LYS n 
1 151 ASP n 
1 152 GLY n 
1 153 GLU n 
1 154 PRO n 
1 155 CYS n 
1 156 VAL n 
1 157 PHE n 
1 158 LYS n 
1 159 ILE n 
1 160 ARG n 
1 161 LYS n 
1 162 ALA n 
1 163 THR n 
# 
_entity_src_gen.entity_id                          1 
_entity_src_gen.pdbx_src_id                        1 
_entity_src_gen.pdbx_alt_source_flag               sample 
_entity_src_gen.pdbx_seq_type                      ? 
_entity_src_gen.pdbx_beg_seq_num                   ? 
_entity_src_gen.pdbx_end_seq_num                   ? 
_entity_src_gen.gene_src_common_name               ? 
_entity_src_gen.gene_src_genus                     Bauhinia 
_entity_src_gen.pdbx_gene_src_gene                 BbKI 
_entity_src_gen.gene_src_species                   ? 
_entity_src_gen.gene_src_strain                    ? 
_entity_src_gen.gene_src_tissue                    ? 
_entity_src_gen.gene_src_tissue_fraction           ? 
_entity_src_gen.gene_src_details                   ? 
_entity_src_gen.pdbx_gene_src_fragment             ? 
_entity_src_gen.pdbx_gene_src_scientific_name      'Bauhinia bauhinioides' 
_entity_src_gen.pdbx_gene_src_ncbi_taxonomy_id     166014 
_entity_src_gen.pdbx_gene_src_variant              ? 
_entity_src_gen.pdbx_gene_src_cell_line            ? 
_entity_src_gen.pdbx_gene_src_atcc                 ? 
_entity_src_gen.pdbx_gene_src_organ                ? 
_entity_src_gen.pdbx_gene_src_organelle            ? 
_entity_src_gen.pdbx_gene_src_cell                 ? 
_entity_src_gen.pdbx_gene_src_cellular_location    ? 
_entity_src_gen.host_org_common_name               ? 
_entity_src_gen.pdbx_host_org_scientific_name      'Escherichia coli BL21(DE3)' 
_entity_src_gen.pdbx_host_org_ncbi_taxonomy_id     469008 
_entity_src_gen.host_org_genus                     Escherichia 
_entity_src_gen.pdbx_host_org_gene                 ? 
_entity_src_gen.pdbx_host_org_organ                ? 
_entity_src_gen.host_org_species                   'Escherichia coli' 
_entity_src_gen.pdbx_host_org_tissue               ? 
_entity_src_gen.pdbx_host_org_tissue_fraction      ? 
_entity_src_gen.pdbx_host_org_strain               'BL21(DE3)' 
_entity_src_gen.pdbx_host_org_variant              ? 
_entity_src_gen.pdbx_host_org_cell_line            ? 
_entity_src_gen.pdbx_host_org_atcc                 ? 
_entity_src_gen.pdbx_host_org_culture_collection   ? 
_entity_src_gen.pdbx_host_org_cell                 ? 
_entity_src_gen.pdbx_host_org_organelle            ? 
_entity_src_gen.pdbx_host_org_cellular_location    ? 
_entity_src_gen.pdbx_host_org_vector_type          PLASMID 
_entity_src_gen.pdbx_host_org_vector               ? 
_entity_src_gen.host_org_details                   ? 
_entity_src_gen.expression_system_id               ? 
_entity_src_gen.plasmid_name                       pET28 
_entity_src_gen.plasmid_details                    ? 
_entity_src_gen.pdbx_description                   ? 
# 
loop_
_chem_comp.id 
_chem_comp.type 
_chem_comp.mon_nstd_flag 
_chem_comp.name 
_chem_comp.pdbx_synonyms 
_chem_comp.formula 
_chem_comp.formula_weight 
ALA 'L-peptide linking' y ALANINE         ?                 'C3 H7 N O2'     89.093  
ARG 'L-peptide linking' y ARGININE        ?                 'C6 H15 N4 O2 1' 175.209 
ASN 'L-peptide linking' y ASPARAGINE      ?                 'C4 H8 N2 O3'    132.118 
ASP 'L-peptide linking' y 'ASPARTIC ACID' ?                 'C4 H7 N O4'     133.103 
CYS 'L-peptide linking' y CYSTEINE        ?                 'C3 H7 N O2 S'   121.158 
EDO non-polymer         . 1,2-ETHANEDIOL  'ETHYLENE GLYCOL' 'C2 H6 O2'       62.068  
GLN 'L-peptide linking' y GLUTAMINE       ?                 'C5 H10 N2 O3'   146.144 
GLU 'L-peptide linking' y 'GLUTAMIC ACID' ?                 'C5 H9 N O4'     147.129 
GLY 'peptide linking'   y GLYCINE         ?                 'C2 H5 N O2'     75.067  
HIS 'L-peptide linking' y HISTIDINE       ?                 'C6 H10 N3 O2 1' 156.162 
HOH non-polymer         . WATER           ?                 'H2 O'           18.015  
ILE 'L-peptide linking' y ISOLEUCINE      ?                 'C6 H13 N O2'    131.173 
LEU 'L-peptide linking' y LEUCINE         ?                 'C6 H13 N O2'    131.173 
LYS 'L-peptide linking' y LYSINE          ?                 'C6 H15 N2 O2 1' 147.195 
PHE 'L-peptide linking' y PHENYLALANINE   ?                 'C9 H11 N O2'    165.189 
PRO 'L-peptide linking' y PROLINE         ?                 'C5 H9 N O2'     115.130 
SER 'L-peptide linking' y SERINE          ?                 'C3 H7 N O3'     105.093 
THR 'L-peptide linking' y THREONINE       ?                 'C4 H9 N O3'     119.119 
TRP 'L-peptide linking' y TRYPTOPHAN      ?                 'C11 H12 N2 O2'  204.225 
TYR 'L-peptide linking' y TYROSINE        ?                 'C9 H11 N O3'    181.189 
VAL 'L-peptide linking' y VALINE          ?                 'C5 H11 N O2'    117.146 
# 
loop_
_pdbx_poly_seq_scheme.asym_id 
_pdbx_poly_seq_scheme.entity_id 
_pdbx_poly_seq_scheme.seq_id 
_pdbx_poly_seq_scheme.mon_id 
_pdbx_poly_seq_scheme.ndb_seq_num 
_pdbx_poly_seq_scheme.pdb_seq_num 
_pdbx_poly_seq_scheme.auth_seq_num 
_pdbx_poly_seq_scheme.pdb_mon_id 
_pdbx_poly_seq_scheme.auth_mon_id 
_pdbx_poly_seq_scheme.pdb_strand_id 
_pdbx_poly_seq_scheme.pdb_ins_code 
_pdbx_poly_seq_scheme.hetero 
A 1 1   SER 1   1   1   SER SER A . n 
A 1 2   SER 2   2   2   SER SER A . n 
A 1 3   VAL 3   3   3   VAL VAL A . n 
A 1 4   VAL 4   4   4   VAL VAL A . n 
A 1 5   VAL 5   5   5   VAL VAL A . n 
A 1 6   ASP 6   6   6   ASP ASP A . n 
A 1 7   THR 7   7   7   THR THR A . n 
A 1 8   ASN 8   8   8   ASN ASN A . n 
A 1 9   GLY 9   9   9   GLY GLY A . n 
A 1 10  GLN 10  10  10  GLN GLN A . n 
A 1 11  PRO 11  11  11  PRO PRO A . n 
A 1 12  VAL 12  12  12  VAL VAL A . n 
A 1 13  SER 13  13  13  SER SER A . n 
A 1 14  ASN 14  14  14  ASN ASN A . n 
A 1 15  GLY 15  15  15  GLY GLY A . n 
A 1 16  ALA 16  16  16  ALA ALA A . n 
A 1 17  ASP 17  17  17  ASP ASP A . n 
A 1 18  ALA 18  18  18  ALA ALA A . n 
A 1 19  TYR 19  19  19  TYR TYR A . n 
A 1 20  TYR 20  20  20  TYR TYR A . n 
A 1 21  LEU 21  21  21  LEU LEU A . n 
A 1 22  VAL 22  22  22  VAL VAL A . n 
A 1 23  PRO 23  23  23  PRO PRO A . n 
A 1 24  VAL 24  24  24  VAL VAL A . n 
A 1 25  SER 25  25  25  SER SER A . n 
A 1 26  HIS 26  26  26  HIS HIS A . n 
A 1 27  GLY 27  27  27  GLY GLY A . n 
A 1 28  HIS 28  28  28  HIS HIS A . n 
A 1 29  ALA 29  29  29  ALA ALA A . n 
A 1 30  GLY 30  30  30  GLY GLY A . n 
A 1 31  LEU 31  31  31  LEU LEU A . n 
A 1 32  ALA 32  32  32  ALA ALA A . n 
A 1 33  LEU 33  33  33  LEU LEU A . n 
A 1 34  ALA 34  34  34  ALA ALA A . n 
A 1 35  LYS 35  35  35  LYS LYS A . n 
A 1 36  ILE 36  36  36  ILE ILE A . n 
A 1 37  GLY 37  37  37  GLY GLY A . n 
A 1 38  ASN 38  38  38  ASN ASN A . n 
A 1 39  GLU 39  39  39  GLU GLU A . n 
A 1 40  ALA 40  40  40  ALA ALA A . n 
A 1 41  GLU 41  41  41  GLU GLU A . n 
A 1 42  PRO 42  42  42  PRO PRO A . n 
A 1 43  ARG 43  43  43  ARG ARG A . n 
A 1 44  ALA 44  44  44  ALA ALA A . n 
A 1 45  VAL 45  45  45  VAL VAL A . n 
A 1 46  VAL 46  46  46  VAL VAL A . n 
A 1 47  LEU 47  47  47  LEU LEU A . n 
A 1 48  ASP 48  48  48  ASP ASP A . n 
A 1 49  PRO 49  49  49  PRO PRO A . n 
A 1 50  HIS 50  50  50  HIS HIS A . n 
A 1 51  HIS 51  51  51  HIS HIS A . n 
A 1 52  ARG 52  52  52  ARG ARG A . n 
A 1 53  PRO 53  53  53  PRO PRO A . n 
A 1 54  GLY 54  54  54  GLY GLY A . n 
A 1 55  LEU 55  55  55  LEU LEU A . n 
A 1 56  PRO 56  56  56  PRO PRO A . n 
A 1 57  VAL 57  57  57  VAL VAL A . n 
A 1 58  ARG 58  58  58  ARG ARG A . n 
A 1 59  PHE 59  59  59  PHE PHE A . n 
A 1 60  GLU 60  60  60  GLU GLU A . n 
A 1 61  SER 61  61  61  SER SER A . n 
A 1 62  PRO 62  62  62  PRO PRO A . n 
A 1 63  LEU 63  63  63  LEU LEU A . n 
A 1 64  ARG 64  64  64  ARG ARG A . n 
A 1 65  ILE 65  65  65  ILE ILE A . n 
A 1 66  ASN 66  66  66  ASN ASN A . n 
A 1 67  ILE 67  67  67  ILE ILE A . n 
A 1 68  ILE 68  68  68  ILE ILE A . n 
A 1 69  LYS 69  69  69  LYS LYS A . n 
A 1 70  GLU 70  70  70  GLU GLU A . n 
A 1 71  SER 71  71  71  SER SER A . n 
A 1 72  TYR 72  72  72  TYR TYR A . n 
A 1 73  PHE 73  73  73  PHE PHE A . n 
A 1 74  LEU 74  74  74  LEU LEU A . n 
A 1 75  ASN 75  75  75  ASN ASN A . n 
A 1 76  ILE 76  76  76  ILE ILE A . n 
A 1 77  LYS 77  77  77  LYS LYS A . n 
A 1 78  PHE 78  78  78  PHE PHE A . n 
A 1 79  GLY 79  79  79  GLY GLY A . n 
A 1 80  PRO 80  80  80  PRO PRO A . n 
A 1 81  SER 81  81  81  SER SER A . n 
A 1 82  SER 82  82  82  SER SER A . n 
A 1 83  SER 83  83  83  SER SER A . n 
A 1 84  ASP 84  84  84  ASP ASP A . n 
A 1 85  SER 85  85  85  SER SER A . n 
A 1 86  GLY 86  86  86  GLY GLY A . n 
A 1 87  VAL 87  87  87  VAL VAL A . n 
A 1 88  TRP 88  88  88  TRP TRP A . n 
A 1 89  ASP 89  89  89  ASP ASP A . n 
A 1 90  VAL 90  90  90  VAL VAL A . n 
A 1 91  ILE 91  91  91  ILE ILE A . n 
A 1 92  GLN 92  92  92  GLN GLN A . n 
A 1 93  GLN 93  93  93  GLN GLN A . n 
A 1 94  ASP 94  94  94  ASP ASP A . n 
A 1 95  PRO 95  95  95  PRO PRO A . n 
A 1 96  ILE 96  96  96  ILE ILE A . n 
A 1 97  GLY 97  97  97  GLY GLY A . n 
A 1 98  LEU 98  98  98  LEU LEU A . n 
A 1 99  ALA 99  99  99  ALA ALA A . n 
A 1 100 VAL 100 100 100 VAL VAL A . n 
A 1 101 LYS 101 101 101 LYS LYS A . n 
A 1 102 VAL 102 102 102 VAL VAL A . n 
A 1 103 THR 103 103 103 THR THR A . n 
A 1 104 ASP 104 104 104 ASP ASP A . n 
A 1 105 THR 105 105 105 THR THR A . n 
A 1 106 LYS 106 106 106 LYS LYS A . n 
A 1 107 SER 107 107 107 SER SER A . n 
A 1 108 LEU 108 108 108 LEU LEU A . n 
A 1 109 LEU 109 109 109 LEU LEU A . n 
A 1 110 GLY 110 110 110 GLY GLY A . n 
A 1 111 PRO 111 111 111 PRO PRO A . n 
A 1 112 PHE 112 112 112 PHE PHE A . n 
A 1 113 LYS 113 113 113 LYS LYS A . n 
A 1 114 VAL 114 114 114 VAL VAL A . n 
A 1 115 GLU 115 115 115 GLU GLU A . n 
A 1 116 LYS 116 116 116 LYS LYS A . n 
A 1 117 GLU 117 117 117 GLU GLU A . n 
A 1 118 GLY 118 118 118 GLY GLY A . n 
A 1 119 GLU 119 119 119 GLU GLU A . n 
A 1 120 GLY 120 120 120 GLY GLY A . n 
A 1 121 TYR 121 121 121 TYR TYR A . n 
A 1 122 LYS 122 122 122 LYS LYS A . n 
A 1 123 ILE 123 123 123 ILE ILE A . n 
A 1 124 VAL 124 124 124 VAL VAL A . n 
A 1 125 TYR 125 125 125 TYR TYR A . n 
A 1 126 TYR 126 126 126 TYR TYR A . n 
A 1 127 PRO 127 127 127 PRO PRO A . n 
A 1 128 GLU 128 128 128 GLU GLU A . n 
A 1 129 ARG 129 129 129 ARG ARG A . n 
A 1 130 GLY 130 130 130 GLY GLY A . n 
A 1 131 GLN 131 131 131 GLN GLN A . n 
A 1 132 THR 132 132 132 THR THR A . n 
A 1 133 GLY 133 133 133 GLY GLY A . n 
A 1 134 LEU 134 134 134 LEU LEU A . n 
A 1 135 ASP 135 135 135 ASP ASP A . n 
A 1 136 ILE 136 136 136 ILE ILE A . n 
A 1 137 GLY 137 137 137 GLY GLY A . n 
A 1 138 LEU 138 138 138 LEU LEU A . n 
A 1 139 VAL 139 139 139 VAL VAL A . n 
A 1 140 HIS 140 140 140 HIS HIS A . n 
A 1 141 ARG 141 141 141 ARG ARG A . n 
A 1 142 ASN 142 142 142 ASN ASN A . n 
A 1 143 ASP 143 143 143 ASP ASP A . n 
A 1 144 LYS 144 144 144 LYS LYS A . n 
A 1 145 TYR 145 145 145 TYR TYR A . n 
A 1 146 TYR 146 146 146 TYR TYR A . n 
A 1 147 LEU 147 147 147 LEU LEU A . n 
A 1 148 ALA 148 148 148 ALA ALA A . n 
A 1 149 VAL 149 149 149 VAL VAL A . n 
A 1 150 LYS 150 150 150 LYS LYS A . n 
A 1 151 ASP 151 151 151 ASP ASP A . n 
A 1 152 GLY 152 152 152 GLY GLY A . n 
A 1 153 GLU 153 153 153 GLU GLU A . n 
A 1 154 PRO 154 154 154 PRO PRO A . n 
A 1 155 CYS 155 155 155 CYS CYS A . n 
A 1 156 VAL 156 156 156 VAL VAL A . n 
A 1 157 PHE 157 157 157 PHE PHE A . n 
A 1 158 LYS 158 158 158 LYS LYS A . n 
A 1 159 ILE 159 159 159 ILE ILE A . n 
A 1 160 ARG 160 160 160 ARG ARG A . n 
A 1 161 LYS 161 161 161 LYS LYS A . n 
A 1 162 ALA 162 162 162 ALA ALA A . n 
A 1 163 THR 163 163 163 THR THR A . n 
# 
loop_
_pdbx_nonpoly_scheme.asym_id 
_pdbx_nonpoly_scheme.entity_id 
_pdbx_nonpoly_scheme.mon_id 
_pdbx_nonpoly_scheme.ndb_seq_num 
_pdbx_nonpoly_scheme.pdb_seq_num 
_pdbx_nonpoly_scheme.auth_seq_num 
_pdbx_nonpoly_scheme.pdb_mon_id 
_pdbx_nonpoly_scheme.auth_mon_id 
_pdbx_nonpoly_scheme.pdb_strand_id 
_pdbx_nonpoly_scheme.pdb_ins_code 
B 2 EDO 1   700 700 EDO EDO A . 
C 2 EDO 1   701 701 EDO EDO A . 
D 3 HOH 1   702 1   HOH HOH A . 
D 3 HOH 2   703 2   HOH HOH A . 
D 3 HOH 3   704 3   HOH HOH A . 
D 3 HOH 4   705 4   HOH HOH A . 
D 3 HOH 5   706 5   HOH HOH A . 
D 3 HOH 6   707 6   HOH HOH A . 
D 3 HOH 7   708 7   HOH HOH A . 
D 3 HOH 8   709 8   HOH HOH A . 
D 3 HOH 9   710 9   HOH HOH A . 
D 3 HOH 10  711 10  HOH HOH A . 
D 3 HOH 11  712 11  HOH HOH A . 
D 3 HOH 12  713 12  HOH HOH A . 
D 3 HOH 13  714 13  HOH HOH A . 
D 3 HOH 14  715 14  HOH HOH A . 
D 3 HOH 15  716 15  HOH HOH A . 
D 3 HOH 16  717 16  HOH HOH A . 
D 3 HOH 17  718 17  HOH HOH A . 
D 3 HOH 18  719 18  HOH HOH A . 
D 3 HOH 19  720 19  HOH HOH A . 
D 3 HOH 20  721 20  HOH HOH A . 
D 3 HOH 21  722 21  HOH HOH A . 
D 3 HOH 22  723 22  HOH HOH A . 
D 3 HOH 23  724 23  HOH HOH A . 
D 3 HOH 24  725 24  HOH HOH A . 
D 3 HOH 25  726 25  HOH HOH A . 
D 3 HOH 26  727 26  HOH HOH A . 
D 3 HOH 27  728 27  HOH HOH A . 
D 3 HOH 28  729 28  HOH HOH A . 
D 3 HOH 29  730 29  HOH HOH A . 
D 3 HOH 30  731 30  HOH HOH A . 
D 3 HOH 31  732 31  HOH HOH A . 
D 3 HOH 32  733 32  HOH HOH A . 
D 3 HOH 33  734 33  HOH HOH A . 
D 3 HOH 34  735 34  HOH HOH A . 
D 3 HOH 35  736 35  HOH HOH A . 
D 3 HOH 36  737 36  HOH HOH A . 
D 3 HOH 37  738 37  HOH HOH A . 
D 3 HOH 38  739 38  HOH HOH A . 
D 3 HOH 39  740 39  HOH HOH A . 
D 3 HOH 40  741 40  HOH HOH A . 
D 3 HOH 41  742 41  HOH HOH A . 
D 3 HOH 42  743 42  HOH HOH A . 
D 3 HOH 43  744 43  HOH HOH A . 
D 3 HOH 44  745 44  HOH HOH A . 
D 3 HOH 45  746 45  HOH HOH A . 
D 3 HOH 46  747 46  HOH HOH A . 
D 3 HOH 47  748 47  HOH HOH A . 
D 3 HOH 48  749 48  HOH HOH A . 
D 3 HOH 49  750 49  HOH HOH A . 
D 3 HOH 50  751 50  HOH HOH A . 
D 3 HOH 51  752 51  HOH HOH A . 
D 3 HOH 52  753 52  HOH HOH A . 
D 3 HOH 53  754 53  HOH HOH A . 
D 3 HOH 54  755 54  HOH HOH A . 
D 3 HOH 55  756 55  HOH HOH A . 
D 3 HOH 56  757 56  HOH HOH A . 
D 3 HOH 57  758 57  HOH HOH A . 
D 3 HOH 58  759 58  HOH HOH A . 
D 3 HOH 59  760 59  HOH HOH A . 
D 3 HOH 60  761 60  HOH HOH A . 
D 3 HOH 61  762 61  HOH HOH A . 
D 3 HOH 62  763 62  HOH HOH A . 
D 3 HOH 63  764 63  HOH HOH A . 
D 3 HOH 64  765 64  HOH HOH A . 
D 3 HOH 65  766 65  HOH HOH A . 
D 3 HOH 66  767 66  HOH HOH A . 
D 3 HOH 67  768 67  HOH HOH A . 
D 3 HOH 68  769 68  HOH HOH A . 
D 3 HOH 69  770 69  HOH HOH A . 
D 3 HOH 70  771 70  HOH HOH A . 
D 3 HOH 71  772 71  HOH HOH A . 
D 3 HOH 72  773 72  HOH HOH A . 
D 3 HOH 73  774 73  HOH HOH A . 
D 3 HOH 74  775 74  HOH HOH A . 
D 3 HOH 75  776 75  HOH HOH A . 
D 3 HOH 76  777 76  HOH HOH A . 
D 3 HOH 77  778 77  HOH HOH A . 
D 3 HOH 78  779 78  HOH HOH A . 
D 3 HOH 79  780 79  HOH HOH A . 
D 3 HOH 80  781 80  HOH HOH A . 
D 3 HOH 81  782 81  HOH HOH A . 
D 3 HOH 82  783 82  HOH HOH A . 
D 3 HOH 83  784 83  HOH HOH A . 
D 3 HOH 84  785 84  HOH HOH A . 
D 3 HOH 85  786 85  HOH HOH A . 
D 3 HOH 86  787 86  HOH HOH A . 
D 3 HOH 87  788 87  HOH HOH A . 
D 3 HOH 88  789 88  HOH HOH A . 
D 3 HOH 89  790 89  HOH HOH A . 
D 3 HOH 90  791 90  HOH HOH A . 
D 3 HOH 91  792 91  HOH HOH A . 
D 3 HOH 92  793 92  HOH HOH A . 
D 3 HOH 93  794 93  HOH HOH A . 
D 3 HOH 94  795 94  HOH HOH A . 
D 3 HOH 95  796 95  HOH HOH A . 
D 3 HOH 96  797 96  HOH HOH A . 
D 3 HOH 97  798 97  HOH HOH A . 
D 3 HOH 98  799 98  HOH HOH A . 
D 3 HOH 99  800 99  HOH HOH A . 
D 3 HOH 100 801 100 HOH HOH A . 
D 3 HOH 101 802 101 HOH HOH A . 
D 3 HOH 102 803 102 HOH HOH A . 
D 3 HOH 103 804 103 HOH HOH A . 
D 3 HOH 104 805 104 HOH HOH A . 
D 3 HOH 105 806 105 HOH HOH A . 
D 3 HOH 106 807 106 HOH HOH A . 
D 3 HOH 107 808 107 HOH HOH A . 
D 3 HOH 108 809 108 HOH HOH A . 
D 3 HOH 109 810 109 HOH HOH A . 
D 3 HOH 110 811 110 HOH HOH A . 
D 3 HOH 111 812 111 HOH HOH A . 
D 3 HOH 112 813 112 HOH HOH A . 
D 3 HOH 113 814 113 HOH HOH A . 
D 3 HOH 114 815 114 HOH HOH A . 
D 3 HOH 115 816 115 HOH HOH A . 
D 3 HOH 116 817 116 HOH HOH A . 
D 3 HOH 117 818 117 HOH HOH A . 
D 3 HOH 118 819 118 HOH HOH A . 
D 3 HOH 119 820 119 HOH HOH A . 
D 3 HOH 120 821 120 HOH HOH A . 
D 3 HOH 121 822 121 HOH HOH A . 
D 3 HOH 122 823 122 HOH HOH A . 
D 3 HOH 123 824 123 HOH HOH A . 
D 3 HOH 124 825 124 HOH HOH A . 
D 3 HOH 125 826 125 HOH HOH A . 
D 3 HOH 126 827 126 HOH HOH A . 
D 3 HOH 127 828 127 HOH HOH A . 
D 3 HOH 128 829 128 HOH HOH A . 
D 3 HOH 129 830 129 HOH HOH A . 
D 3 HOH 130 831 130 HOH HOH A . 
D 3 HOH 131 832 131 HOH HOH A . 
D 3 HOH 132 833 132 HOH HOH A . 
D 3 HOH 133 834 133 HOH HOH A . 
D 3 HOH 134 835 134 HOH HOH A . 
D 3 HOH 135 836 135 HOH HOH A . 
D 3 HOH 136 837 136 HOH HOH A . 
D 3 HOH 137 838 137 HOH HOH A . 
D 3 HOH 138 839 138 HOH HOH A . 
D 3 HOH 139 840 139 HOH HOH A . 
D 3 HOH 140 841 140 HOH HOH A . 
D 3 HOH 141 842 141 HOH HOH A . 
D 3 HOH 142 843 142 HOH HOH A . 
D 3 HOH 143 844 143 HOH HOH A . 
D 3 HOH 144 845 144 HOH HOH A . 
D 3 HOH 145 846 145 HOH HOH A . 
D 3 HOH 146 847 146 HOH HOH A . 
D 3 HOH 147 848 147 HOH HOH A . 
D 3 HOH 148 849 148 HOH HOH A . 
D 3 HOH 149 850 149 HOH HOH A . 
D 3 HOH 150 851 150 HOH HOH A . 
D 3 HOH 151 852 151 HOH HOH A . 
D 3 HOH 152 853 152 HOH HOH A . 
D 3 HOH 153 854 153 HOH HOH A . 
D 3 HOH 154 855 154 HOH HOH A . 
D 3 HOH 155 856 155 HOH HOH A . 
D 3 HOH 156 857 156 HOH HOH A . 
D 3 HOH 157 858 157 HOH HOH A . 
D 3 HOH 158 859 158 HOH HOH A . 
D 3 HOH 159 860 159 HOH HOH A . 
D 3 HOH 160 861 160 HOH HOH A . 
# 
loop_
_software.name 
_software.classification 
_software.version 
_software.citation_id 
_software.pdbx_ordinal 
REFMAC refinement       5.2.0019  ? 1 
MOSFLM 'data reduction' .         ? 2 
CCP4   'data scaling'   '(SCALA)' ? 3 
SHARP  phasing          .         ? 4 
# 
_cell.entry_id           2GO2 
_cell.length_a           46.701 
_cell.length_b           64.143 
_cell.length_c           59.244 
_cell.angle_alpha        90.00 
_cell.angle_beta         90.00 
_cell.angle_gamma        90.00 
_cell.Z_PDB              4 
_cell.pdbx_unique_axis   ? 
_cell.length_a_esd       ? 
_cell.length_b_esd       ? 
_cell.length_c_esd       ? 
_cell.angle_alpha_esd    ? 
_cell.angle_beta_esd     ? 
_cell.angle_gamma_esd    ? 
# 
_symmetry.entry_id                         2GO2 
_symmetry.space_group_name_H-M             'P 21 21 21' 
_symmetry.pdbx_full_space_group_name_H-M   ? 
_symmetry.cell_setting                     ? 
_symmetry.Int_Tables_number                19 
_symmetry.space_group_name_Hall            ? 
# 
_exptl.entry_id          2GO2 
_exptl.method            'X-RAY DIFFRACTION' 
_exptl.crystals_number   1 
# 
_exptl_crystal.id                    1 
_exptl_crystal.density_meas          ? 
_exptl_crystal.density_Matthews      2.49 
_exptl_crystal.density_percent_sol   50.51 
_exptl_crystal.description           ? 
_exptl_crystal.F_000                 ? 
_exptl_crystal.preparation           ? 
# 
_exptl_crystal_grow.crystal_id      1 
_exptl_crystal_grow.method          'VAPOR DIFFUSION, HANGING DROP' 
_exptl_crystal_grow.temp            293 
_exptl_crystal_grow.temp_details    ? 
_exptl_crystal_grow.pH              4.6 
_exptl_crystal_grow.pdbx_details    
'8%(w/v) PEG 4000, 0.1  M sodium acetate, pH 4.6, VAPOR DIFFUSION, HANGING DROP, temperature 293K' 
_exptl_crystal_grow.pdbx_pH_range   . 
# 
_diffrn.id                     1 
_diffrn.ambient_temp           100 
_diffrn.ambient_temp_details   ? 
_diffrn.crystal_id             1 
# 
_diffrn_detector.diffrn_id              1 
_diffrn_detector.detector               'IMAGE PLATE' 
_diffrn_detector.type                   'MAR scanner 345 mm plate' 
_diffrn_detector.pdbx_collection_date   2004-04-10 
_diffrn_detector.details                mirrors 
# 
_diffrn_radiation.diffrn_id                        1 
_diffrn_radiation.wavelength_id                    1 
_diffrn_radiation.pdbx_monochromatic_or_laue_m_l   M 
_diffrn_radiation.monochromator                    GRAPHITE 
_diffrn_radiation.pdbx_diffrn_protocol             'SINGLE WAVELENGTH' 
_diffrn_radiation.pdbx_scattering_type             x-ray 
# 
_diffrn_radiation_wavelength.id           1 
_diffrn_radiation_wavelength.wavelength   1.5418 
_diffrn_radiation_wavelength.wt           1.0 
# 
_diffrn_source.diffrn_id                   1 
_diffrn_source.source                      'ROTATING ANODE' 
_diffrn_source.type                        RIGAKU 
_diffrn_source.pdbx_synchrotron_site       ? 
_diffrn_source.pdbx_synchrotron_beamline   ? 
_diffrn_source.pdbx_wavelength             ? 
_diffrn_source.pdbx_wavelength_list        1.5418 
# 
_reflns.entry_id                     2GO2 
_reflns.observed_criterion_sigma_I   2.0 
_reflns.observed_criterion_sigma_F   2.0 
_reflns.d_resolution_low             26.44 
_reflns.d_resolution_high            1.87 
_reflns.number_obs                   14628 
_reflns.number_all                   ? 
_reflns.percent_possible_obs         95.8 
_reflns.pdbx_Rmerge_I_obs            0.044 
_reflns.pdbx_Rsym_value              ? 
_reflns.pdbx_netI_over_sigmaI        32.8 
_reflns.B_iso_Wilson_estimate        ? 
_reflns.pdbx_redundancy              8.5 
_reflns.R_free_details               ? 
_reflns.limit_h_max                  ? 
_reflns.limit_h_min                  ? 
_reflns.limit_k_max                  ? 
_reflns.limit_k_min                  ? 
_reflns.limit_l_max                  ? 
_reflns.limit_l_min                  ? 
_reflns.observed_criterion_F_max     ? 
_reflns.observed_criterion_F_min     ? 
_reflns.pdbx_chi_squared             ? 
_reflns.pdbx_scaling_rejects         ? 
_reflns.pdbx_ordinal                 1 
_reflns.pdbx_diffrn_id               1 
# 
_reflns_shell.d_res_high             1.87 
_reflns_shell.d_res_low              1.97 
_reflns_shell.percent_possible_all   91.7 
_reflns_shell.Rmerge_I_obs           0.207 
_reflns_shell.pdbx_Rsym_value        ? 
_reflns_shell.meanI_over_sigI_obs    10.7 
_reflns_shell.pdbx_redundancy        8.4 
_reflns_shell.percent_possible_obs   ? 
_reflns_shell.number_unique_all      ? 
_reflns_shell.number_measured_all    ? 
_reflns_shell.number_measured_obs    ? 
_reflns_shell.number_unique_obs      ? 
_reflns_shell.pdbx_chi_squared       ? 
_reflns_shell.pdbx_ordinal           1 
_reflns_shell.pdbx_diffrn_id         1 
# 
_refine.entry_id                                 2GO2 
_refine.ls_number_reflns_obs                     13850 
_refine.ls_number_reflns_all                     13850 
_refine.pdbx_ls_sigma_I                          ? 
_refine.pdbx_ls_sigma_F                          2.0 
_refine.pdbx_data_cutoff_high_absF               ? 
_refine.pdbx_data_cutoff_low_absF                ? 
_refine.pdbx_data_cutoff_high_rms_absF           ? 
_refine.ls_d_res_low                             19.73 
_refine.ls_d_res_high                            1.87 
_refine.ls_percent_reflns_obs                    95.66 
_refine.ls_R_factor_obs                          0.16799 
_refine.ls_R_factor_all                          ? 
_refine.ls_R_factor_R_work                       0.16579 
_refine.ls_R_factor_R_free                       0.20974 
_refine.ls_R_factor_R_free_error                 ? 
_refine.ls_R_factor_R_free_error_details         ? 
_refine.ls_percent_reflns_R_free                 5.0 
_refine.ls_number_reflns_R_free                  734 
_refine.ls_number_parameters                     ? 
_refine.ls_number_restraints                     ? 
_refine.occupancy_min                            ? 
_refine.occupancy_max                            ? 
_refine.correlation_coeff_Fo_to_Fc               0.956 
_refine.correlation_coeff_Fo_to_Fc_free          0.944 
_refine.B_iso_mean                               14.291 
_refine.aniso_B[1][1]                            -0.08 
_refine.aniso_B[2][2]                            0.00 
_refine.aniso_B[3][3]                            0.08 
_refine.aniso_B[1][2]                            0.00 
_refine.aniso_B[1][3]                            0.00 
_refine.aniso_B[2][3]                            0.00 
_refine.solvent_model_details                    MASK 
_refine.solvent_model_param_ksol                 ? 
_refine.solvent_model_param_bsol                 ? 
_refine.pdbx_solvent_vdw_probe_radii             1.40 
_refine.pdbx_solvent_ion_probe_radii             0.80 
_refine.pdbx_solvent_shrinkage_radii             0.80 
_refine.pdbx_ls_cross_valid_method               THROUGHOUT 
_refine.details                                  'HYDROGENS HAVE BEEN ADDED IN THE RIDING POSITIONS' 
_refine.pdbx_starting_model                      ? 
_refine.pdbx_method_to_determine_struct          SAD 
_refine.pdbx_isotropic_thermal_model             ? 
_refine.pdbx_stereochemistry_target_values       'MAXIMUM LIKELIHOOD' 
_refine.pdbx_stereochem_target_val_spec_case     ? 
_refine.pdbx_R_Free_selection_details            RANDOM 
_refine.pdbx_overall_ESU_R                       0.138 
_refine.pdbx_overall_ESU_R_Free                  0.132 
_refine.overall_SU_ML                            0.083 
_refine.overall_SU_B                             5.200 
_refine.ls_redundancy_reflns_obs                 ? 
_refine.B_iso_min                                ? 
_refine.B_iso_max                                ? 
_refine.overall_SU_R_Cruickshank_DPI             ? 
_refine.overall_SU_R_free                        ? 
_refine.ls_wR_factor_R_free                      ? 
_refine.ls_wR_factor_R_work                      ? 
_refine.overall_FOM_free_R_set                   ? 
_refine.overall_FOM_work_R_set                   ? 
_refine.pdbx_refine_id                           'X-RAY DIFFRACTION' 
_refine.pdbx_TLS_residual_ADP_flag               'LIKELY RESIDUAL' 
_refine.pdbx_diffrn_id                           1 
_refine.pdbx_overall_phase_error                 ? 
_refine.pdbx_overall_SU_R_free_Cruickshank_DPI   ? 
_refine.pdbx_overall_SU_R_Blow_DPI               ? 
_refine.pdbx_overall_SU_R_free_Blow_DPI          ? 
# 
_refine_hist.pdbx_refine_id                   'X-RAY DIFFRACTION' 
_refine_hist.cycle_id                         LAST 
_refine_hist.pdbx_number_atoms_protein        1260 
_refine_hist.pdbx_number_atoms_nucleic_acid   0 
_refine_hist.pdbx_number_atoms_ligand         8 
_refine_hist.number_atoms_solvent             160 
_refine_hist.number_atoms_total               1428 
_refine_hist.d_res_high                       1.87 
_refine_hist.d_res_low                        19.73 
# 
loop_
_refine_ls_restr.type 
_refine_ls_restr.dev_ideal 
_refine_ls_restr.dev_ideal_target 
_refine_ls_restr.weight 
_refine_ls_restr.number 
_refine_ls_restr.pdbx_refine_id 
_refine_ls_restr.pdbx_restraint_function 
r_bond_refined_d         0.030  0.022  ? 1349 'X-RAY DIFFRACTION' ? 
r_angle_refined_deg      2.173  1.973  ? 1842 'X-RAY DIFFRACTION' ? 
r_dihedral_angle_1_deg   14.202 5.000  ? 178  'X-RAY DIFFRACTION' ? 
r_dihedral_angle_2_deg   37.735 23.793 ? 58   'X-RAY DIFFRACTION' ? 
r_dihedral_angle_3_deg   15.302 15.000 ? 223  'X-RAY DIFFRACTION' ? 
r_dihedral_angle_4_deg   23.848 15.000 ? 8    'X-RAY DIFFRACTION' ? 
r_chiral_restr           0.173  0.200  ? 204  'X-RAY DIFFRACTION' ? 
r_gen_planes_refined     0.011  0.020  ? 1037 'X-RAY DIFFRACTION' ? 
r_nbd_refined            0.210  0.200  ? 583  'X-RAY DIFFRACTION' ? 
r_nbtor_refined          0.307  0.200  ? 889  'X-RAY DIFFRACTION' ? 
r_xyhbond_nbd_refined    0.200  0.200  ? 131  'X-RAY DIFFRACTION' ? 
r_symmetry_vdw_refined   0.223  0.200  ? 44   'X-RAY DIFFRACTION' ? 
r_symmetry_hbond_refined 0.178  0.200  ? 15   'X-RAY DIFFRACTION' ? 
r_mcbond_it              1.670  1.500  ? 864  'X-RAY DIFFRACTION' ? 
r_mcangle_it             2.508  2.000  ? 1368 'X-RAY DIFFRACTION' ? 
r_scbond_it              3.497  3.000  ? 552  'X-RAY DIFFRACTION' ? 
r_scangle_it             5.376  4.500  ? 467  'X-RAY DIFFRACTION' ? 
# 
_refine_ls_shell.pdbx_total_number_of_bins_used   20 
_refine_ls_shell.d_res_high                       1.870 
_refine_ls_shell.d_res_low                        1.918 
_refine_ls_shell.number_reflns_R_work             942 
_refine_ls_shell.R_factor_R_work                  0.204 
_refine_ls_shell.percent_reflns_obs               91.77 
_refine_ls_shell.R_factor_R_free                  0.294 
_refine_ls_shell.R_factor_R_free_error            ? 
_refine_ls_shell.percent_reflns_R_free            ? 
_refine_ls_shell.number_reflns_R_free             51 
_refine_ls_shell.number_reflns_all                ? 
_refine_ls_shell.R_factor_all                     ? 
_refine_ls_shell.number_reflns_obs                942 
_refine_ls_shell.redundancy_reflns_obs            ? 
_refine_ls_shell.pdbx_refine_id                   'X-RAY DIFFRACTION' 
# 
_struct.entry_id                  2GO2 
_struct.title                     'Crystal structure of BbKI, a Kunitz-type kallikrein inhibitor' 
_struct.pdbx_model_details        ? 
_struct.pdbx_CASP_flag            ? 
_struct.pdbx_model_type_details   ? 
# 
_struct_keywords.entry_id        2GO2 
_struct_keywords.pdbx_keywords   'PROTEIN BINDING' 
_struct_keywords.text            'BETA-TREFOIL FOLD, PROTEIN BINDING' 
# 
loop_
_struct_asym.id 
_struct_asym.pdbx_blank_PDB_chainid_flag 
_struct_asym.pdbx_modified 
_struct_asym.entity_id 
_struct_asym.details 
A N N 1 ? 
B N N 2 ? 
C N N 2 ? 
D N N 3 ? 
# 
_struct_ref.id                         1 
_struct_ref.db_name                    UNP 
_struct_ref.db_code                    BBKI_BAUBA 
_struct_ref.pdbx_db_accession          P83052 
_struct_ref.entity_id                  1 
_struct_ref.pdbx_seq_one_letter_code   
;SVVVDTNGQPVSNGADAYYLVPVSHGHAGLALAKIGNEAEPRAVVLDPHHRPGLPVRFESPLRINIIKESYFLNIKFGPS
SSDSGVWDVIQQDPIGLAVKVTDTKSLLGPFKVEKEGEGYKIVYYPERGQTGLDIGLVHRNDKYYLAVKDGEPCVFKIRK
AT
;
_struct_ref.pdbx_align_begin           1 
_struct_ref.pdbx_db_isoform            ? 
# 
_struct_ref_seq.align_id                      1 
_struct_ref_seq.ref_id                        1 
_struct_ref_seq.pdbx_PDB_id_code              2GO2 
_struct_ref_seq.pdbx_strand_id                A 
_struct_ref_seq.seq_align_beg                 2 
_struct_ref_seq.pdbx_seq_align_beg_ins_code   ? 
_struct_ref_seq.seq_align_end                 163 
_struct_ref_seq.pdbx_seq_align_end_ins_code   ? 
_struct_ref_seq.pdbx_db_accession             P83052 
_struct_ref_seq.db_align_beg                  1 
_struct_ref_seq.pdbx_db_align_beg_ins_code    ? 
_struct_ref_seq.db_align_end                  162 
_struct_ref_seq.pdbx_db_align_end_ins_code    ? 
_struct_ref_seq.pdbx_auth_seq_align_beg       2 
_struct_ref_seq.pdbx_auth_seq_align_end       163 
# 
_struct_ref_seq_dif.align_id                     1 
_struct_ref_seq_dif.pdbx_pdb_id_code             2GO2 
_struct_ref_seq_dif.mon_id                       SER 
_struct_ref_seq_dif.pdbx_pdb_strand_id           A 
_struct_ref_seq_dif.seq_num                      1 
_struct_ref_seq_dif.pdbx_pdb_ins_code            ? 
_struct_ref_seq_dif.pdbx_seq_db_name             UNP 
_struct_ref_seq_dif.pdbx_seq_db_accession_code   P83052 
_struct_ref_seq_dif.db_mon_id                    ? 
_struct_ref_seq_dif.pdbx_seq_db_seq_num          ? 
_struct_ref_seq_dif.details                      'cloning artifact' 
_struct_ref_seq_dif.pdbx_auth_seq_num            1 
_struct_ref_seq_dif.pdbx_ordinal                 1 
# 
_pdbx_struct_assembly.id                   1 
_pdbx_struct_assembly.details              author_defined_assembly 
_pdbx_struct_assembly.method_details       ? 
_pdbx_struct_assembly.oligomeric_details   monomeric 
_pdbx_struct_assembly.oligomeric_count     1 
# 
_pdbx_struct_assembly_gen.assembly_id       1 
_pdbx_struct_assembly_gen.oper_expression   1 
_pdbx_struct_assembly_gen.asym_id_list      A,B,C,D 
# 
_pdbx_struct_oper_list.id                   1 
_pdbx_struct_oper_list.type                 'identity operation' 
_pdbx_struct_oper_list.name                 1_555 
_pdbx_struct_oper_list.symmetry_operation   x,y,z 
_pdbx_struct_oper_list.matrix[1][1]         1.0000000000 
_pdbx_struct_oper_list.matrix[1][2]         0.0000000000 
_pdbx_struct_oper_list.matrix[1][3]         0.0000000000 
_pdbx_struct_oper_list.vector[1]            0.0000000000 
_pdbx_struct_oper_list.matrix[2][1]         0.0000000000 
_pdbx_struct_oper_list.matrix[2][2]         1.0000000000 
_pdbx_struct_oper_list.matrix[2][3]         0.0000000000 
_pdbx_struct_oper_list.vector[2]            0.0000000000 
_pdbx_struct_oper_list.matrix[3][1]         0.0000000000 
_pdbx_struct_oper_list.matrix[3][2]         0.0000000000 
_pdbx_struct_oper_list.matrix[3][3]         1.0000000000 
_pdbx_struct_oper_list.vector[3]            0.0000000000 
# 
_struct_biol.id                    1 
_struct_biol.details               
'The asymmetric unit of the crystal contains a monomer, which represents the biological assembly' 
_struct_biol.pdbx_parent_biol_id   ? 
# 
_struct_mon_prot_cis.pdbx_id                1 
_struct_mon_prot_cis.label_comp_id          ARG 
_struct_mon_prot_cis.label_seq_id           52 
_struct_mon_prot_cis.label_asym_id          A 
_struct_mon_prot_cis.label_alt_id           . 
_struct_mon_prot_cis.pdbx_PDB_ins_code      ? 
_struct_mon_prot_cis.auth_comp_id           ARG 
_struct_mon_prot_cis.auth_seq_id            52 
_struct_mon_prot_cis.auth_asym_id           A 
_struct_mon_prot_cis.pdbx_label_comp_id_2   PRO 
_struct_mon_prot_cis.pdbx_label_seq_id_2    53 
_struct_mon_prot_cis.pdbx_label_asym_id_2   A 
_struct_mon_prot_cis.pdbx_PDB_ins_code_2    ? 
_struct_mon_prot_cis.pdbx_auth_comp_id_2    PRO 
_struct_mon_prot_cis.pdbx_auth_seq_id_2     53 
_struct_mon_prot_cis.pdbx_auth_asym_id_2    A 
_struct_mon_prot_cis.pdbx_PDB_model_num     1 
_struct_mon_prot_cis.pdbx_omega_angle       2.85 
# 
loop_
_struct_sheet.id 
_struct_sheet.type 
_struct_sheet.number_strands 
_struct_sheet.details 
A ? 2 ? 
B ? 6 ? 
C ? 2 ? 
D ? 2 ? 
# 
loop_
_struct_sheet_order.sheet_id 
_struct_sheet_order.range_id_1 
_struct_sheet_order.range_id_2 
_struct_sheet_order.offset 
_struct_sheet_order.sense 
A 1 2 ? anti-parallel 
B 1 2 ? anti-parallel 
B 2 3 ? anti-parallel 
B 3 4 ? anti-parallel 
B 4 5 ? anti-parallel 
B 5 6 ? anti-parallel 
C 1 2 ? anti-parallel 
D 1 2 ? anti-parallel 
# 
loop_
_struct_sheet_range.sheet_id 
_struct_sheet_range.id 
_struct_sheet_range.beg_label_comp_id 
_struct_sheet_range.beg_label_asym_id 
_struct_sheet_range.beg_label_seq_id 
_struct_sheet_range.pdbx_beg_PDB_ins_code 
_struct_sheet_range.end_label_comp_id 
_struct_sheet_range.end_label_asym_id 
_struct_sheet_range.end_label_seq_id 
_struct_sheet_range.pdbx_end_PDB_ins_code 
_struct_sheet_range.beg_auth_comp_id 
_struct_sheet_range.beg_auth_asym_id 
_struct_sheet_range.beg_auth_seq_id 
_struct_sheet_range.end_auth_comp_id 
_struct_sheet_range.end_auth_asym_id 
_struct_sheet_range.end_auth_seq_id 
A 1 TYR A 19  ? PRO A 23  ? TYR A 19  PRO A 23  
A 2 PHE A 157 ? LYS A 161 ? PHE A 157 LYS A 161 
B 1 GLY A 30  ? ALA A 34  ? GLY A 30  ALA A 34  
B 2 ALA A 44  ? ASP A 48  ? ALA A 44  ASP A 48  
B 3 LYS A 144 ? VAL A 149 ? LYS A 144 VAL A 149 
B 4 LEU A 134 ? ARG A 141 ? LEU A 134 ARG A 141 
B 5 GLY A 120 ? TYR A 125 ? GLY A 120 TYR A 125 
B 6 PHE A 112 ? GLU A 117 ? PHE A 112 GLU A 117 
C 1 VAL A 57  ? GLU A 60  ? VAL A 57  GLU A 60  
C 2 ASN A 75  ? PHE A 78  ? ASN A 75  PHE A 78  
D 1 VAL A 87  ? GLN A 93  ? VAL A 87  GLN A 93  
D 2 GLY A 97  ? THR A 103 ? GLY A 97  THR A 103 
# 
loop_
_pdbx_struct_sheet_hbond.sheet_id 
_pdbx_struct_sheet_hbond.range_id_1 
_pdbx_struct_sheet_hbond.range_id_2 
_pdbx_struct_sheet_hbond.range_1_label_atom_id 
_pdbx_struct_sheet_hbond.range_1_label_comp_id 
_pdbx_struct_sheet_hbond.range_1_label_asym_id 
_pdbx_struct_sheet_hbond.range_1_label_seq_id 
_pdbx_struct_sheet_hbond.range_1_PDB_ins_code 
_pdbx_struct_sheet_hbond.range_1_auth_atom_id 
_pdbx_struct_sheet_hbond.range_1_auth_comp_id 
_pdbx_struct_sheet_hbond.range_1_auth_asym_id 
_pdbx_struct_sheet_hbond.range_1_auth_seq_id 
_pdbx_struct_sheet_hbond.range_2_label_atom_id 
_pdbx_struct_sheet_hbond.range_2_label_comp_id 
_pdbx_struct_sheet_hbond.range_2_label_asym_id 
_pdbx_struct_sheet_hbond.range_2_label_seq_id 
_pdbx_struct_sheet_hbond.range_2_PDB_ins_code 
_pdbx_struct_sheet_hbond.range_2_auth_atom_id 
_pdbx_struct_sheet_hbond.range_2_auth_comp_id 
_pdbx_struct_sheet_hbond.range_2_auth_asym_id 
_pdbx_struct_sheet_hbond.range_2_auth_seq_id 
A 1 2 N TYR A 20  ? N TYR A 20  O ARG A 160 ? O ARG A 160 
B 1 2 N GLY A 30  ? N GLY A 30  O ASP A 48  ? O ASP A 48  
B 2 3 N VAL A 45  ? N VAL A 45  O LEU A 147 ? O LEU A 147 
B 3 4 O ALA A 148 ? O ALA A 148 N GLY A 137 ? N GLY A 137 
B 4 5 O LEU A 134 ? O LEU A 134 N TYR A 125 ? N TYR A 125 
B 5 6 O LYS A 122 ? O LYS A 122 N GLU A 115 ? N GLU A 115 
C 1 2 N GLU A 60  ? N GLU A 60  O ASN A 75  ? O ASN A 75  
D 1 2 N ILE A 91  ? N ILE A 91  O ALA A 99  ? O ALA A 99  
# 
loop_
_struct_site.id 
_struct_site.pdbx_evidence_code 
_struct_site.pdbx_auth_asym_id 
_struct_site.pdbx_auth_comp_id 
_struct_site.pdbx_auth_seq_id 
_struct_site.pdbx_auth_ins_code 
_struct_site.pdbx_num_residues 
_struct_site.details 
AC1 Software A EDO 700 ? 10 'BINDING SITE FOR RESIDUE EDO A 700' 
AC2 Software A EDO 701 ? 9  'BINDING SITE FOR RESIDUE EDO A 701' 
# 
loop_
_struct_site_gen.id 
_struct_site_gen.site_id 
_struct_site_gen.pdbx_num_res 
_struct_site_gen.label_comp_id 
_struct_site_gen.label_asym_id 
_struct_site_gen.label_seq_id 
_struct_site_gen.pdbx_auth_ins_code 
_struct_site_gen.auth_comp_id 
_struct_site_gen.auth_asym_id 
_struct_site_gen.auth_seq_id 
_struct_site_gen.label_atom_id 
_struct_site_gen.label_alt_id 
_struct_site_gen.symmetry 
_struct_site_gen.details 
1  AC1 10 ASN A 14  ? ASN A 14  . ? 1_555 ? 
2  AC1 10 SER A 61  ? SER A 61  . ? 1_555 ? 
3  AC1 10 LEU A 63  ? LEU A 63  . ? 1_555 ? 
4  AC1 10 ARG A 64  ? ARG A 64  . ? 1_555 ? 
5  AC1 10 ILE A 65  ? ILE A 65  . ? 1_555 ? 
6  AC1 10 PRO A 127 ? PRO A 127 . ? 4_565 ? 
7  AC1 10 EDO C .   ? EDO A 701 . ? 1_555 ? 
8  AC1 10 HOH D .   ? HOH A 740 . ? 1_555 ? 
9  AC1 10 HOH D .   ? HOH A 818 . ? 1_555 ? 
10 AC1 10 HOH D .   ? HOH A 849 . ? 1_555 ? 
11 AC2 9  GLU A 60  ? GLU A 60  . ? 1_555 ? 
12 AC2 9  SER A 61  ? SER A 61  . ? 1_555 ? 
13 AC2 9  PRO A 62  ? PRO A 62  . ? 1_555 ? 
14 AC2 9  ASN A 75  ? ASN A 75  . ? 1_555 ? 
15 AC2 9  LEU A 108 ? LEU A 108 . ? 1_555 ? 
16 AC2 9  EDO B .   ? EDO A 700 . ? 1_555 ? 
17 AC2 9  HOH D .   ? HOH A 705 . ? 1_555 ? 
18 AC2 9  HOH D .   ? HOH A 739 . ? 1_555 ? 
19 AC2 9  HOH D .   ? HOH A 849 . ? 1_555 ? 
# 
loop_
_pdbx_validate_close_contact.id 
_pdbx_validate_close_contact.PDB_model_num 
_pdbx_validate_close_contact.auth_atom_id_1 
_pdbx_validate_close_contact.auth_asym_id_1 
_pdbx_validate_close_contact.auth_comp_id_1 
_pdbx_validate_close_contact.auth_seq_id_1 
_pdbx_validate_close_contact.PDB_ins_code_1 
_pdbx_validate_close_contact.label_alt_id_1 
_pdbx_validate_close_contact.auth_atom_id_2 
_pdbx_validate_close_contact.auth_asym_id_2 
_pdbx_validate_close_contact.auth_comp_id_2 
_pdbx_validate_close_contact.auth_seq_id_2 
_pdbx_validate_close_contact.PDB_ins_code_2 
_pdbx_validate_close_contact.label_alt_id_2 
_pdbx_validate_close_contact.dist 
1 1 O   A HOH 753 ? ? O A HOH 859 ? ? 2.02 
2 1 OD1 A ASP 94  ? ? O A HOH 859 ? ? 2.18 
# 
loop_
_pdbx_validate_rmsd_bond.id 
_pdbx_validate_rmsd_bond.PDB_model_num 
_pdbx_validate_rmsd_bond.auth_atom_id_1 
_pdbx_validate_rmsd_bond.auth_asym_id_1 
_pdbx_validate_rmsd_bond.auth_comp_id_1 
_pdbx_validate_rmsd_bond.auth_seq_id_1 
_pdbx_validate_rmsd_bond.PDB_ins_code_1 
_pdbx_validate_rmsd_bond.label_alt_id_1 
_pdbx_validate_rmsd_bond.auth_atom_id_2 
_pdbx_validate_rmsd_bond.auth_asym_id_2 
_pdbx_validate_rmsd_bond.auth_comp_id_2 
_pdbx_validate_rmsd_bond.auth_seq_id_2 
_pdbx_validate_rmsd_bond.PDB_ins_code_2 
_pdbx_validate_rmsd_bond.label_alt_id_2 
_pdbx_validate_rmsd_bond.bond_value 
_pdbx_validate_rmsd_bond.bond_target_value 
_pdbx_validate_rmsd_bond.bond_deviation 
_pdbx_validate_rmsd_bond.bond_standard_deviation 
_pdbx_validate_rmsd_bond.linker_flag 
1 1 CB  A VAL 4   ? ? CG1 A VAL 4   ? ? 1.657 1.524 0.133 0.021 N 
2 1 CD1 A TYR 145 ? ? CE1 A TYR 145 ? ? 1.482 1.389 0.093 0.015 N 
# 
loop_
_pdbx_validate_rmsd_angle.id 
_pdbx_validate_rmsd_angle.PDB_model_num 
_pdbx_validate_rmsd_angle.auth_atom_id_1 
_pdbx_validate_rmsd_angle.auth_asym_id_1 
_pdbx_validate_rmsd_angle.auth_comp_id_1 
_pdbx_validate_rmsd_angle.auth_seq_id_1 
_pdbx_validate_rmsd_angle.PDB_ins_code_1 
_pdbx_validate_rmsd_angle.label_alt_id_1 
_pdbx_validate_rmsd_angle.auth_atom_id_2 
_pdbx_validate_rmsd_angle.auth_asym_id_2 
_pdbx_validate_rmsd_angle.auth_comp_id_2 
_pdbx_validate_rmsd_angle.auth_seq_id_2 
_pdbx_validate_rmsd_angle.PDB_ins_code_2 
_pdbx_validate_rmsd_angle.label_alt_id_2 
_pdbx_validate_rmsd_angle.auth_atom_id_3 
_pdbx_validate_rmsd_angle.auth_asym_id_3 
_pdbx_validate_rmsd_angle.auth_comp_id_3 
_pdbx_validate_rmsd_angle.auth_seq_id_3 
_pdbx_validate_rmsd_angle.PDB_ins_code_3 
_pdbx_validate_rmsd_angle.label_alt_id_3 
_pdbx_validate_rmsd_angle.angle_value 
_pdbx_validate_rmsd_angle.angle_target_value 
_pdbx_validate_rmsd_angle.angle_deviation 
_pdbx_validate_rmsd_angle.angle_standard_deviation 
_pdbx_validate_rmsd_angle.linker_flag 
1 1 CB A ASP 6  ? ? CG A ASP 6  ? ? OD1 A ASP 6  ? ? 123.71 118.30 5.41  0.90 N 
2 1 N  A GLY 54 ? ? CA A GLY 54 ? ? C   A GLY 54 ? ? 129.54 113.10 16.44 2.50 N 
3 1 NE A ARG 64 ? B CZ A ARG 64 ? B NH2 A ARG 64 ? B 117.15 120.30 -3.15 0.50 N 
4 1 CB A ASP 94 ? ? CG A ASP 94 ? ? OD1 A ASP 94 ? ? 125.78 118.30 7.48  0.90 N 
# 
loop_
_pdbx_validate_torsion.id 
_pdbx_validate_torsion.PDB_model_num 
_pdbx_validate_torsion.auth_comp_id 
_pdbx_validate_torsion.auth_asym_id 
_pdbx_validate_torsion.auth_seq_id 
_pdbx_validate_torsion.PDB_ins_code 
_pdbx_validate_torsion.label_alt_id 
_pdbx_validate_torsion.phi 
_pdbx_validate_torsion.psi 
1 1 SER A 25  ? ? -107.52 -145.52 
2 1 GLU A 39  ? ? -43.38  152.79  
3 1 ARG A 64  ? B -92.82  57.73   
4 1 LYS A 150 ? ? -153.73 80.13   
# 
_pdbx_validate_peptide_omega.id               1 
_pdbx_validate_peptide_omega.PDB_model_num    1 
_pdbx_validate_peptide_omega.auth_comp_id_1   LEU 
_pdbx_validate_peptide_omega.auth_asym_id_1   A 
_pdbx_validate_peptide_omega.auth_seq_id_1    74 
_pdbx_validate_peptide_omega.PDB_ins_code_1   ? 
_pdbx_validate_peptide_omega.label_alt_id_1   ? 
_pdbx_validate_peptide_omega.auth_comp_id_2   ASN 
_pdbx_validate_peptide_omega.auth_asym_id_2   A 
_pdbx_validate_peptide_omega.auth_seq_id_2    75 
_pdbx_validate_peptide_omega.PDB_ins_code_2   ? 
_pdbx_validate_peptide_omega.label_alt_id_2   ? 
_pdbx_validate_peptide_omega.omega            148.98 
# 
_pdbx_refine_tls.id               1 
_pdbx_refine_tls.details          ? 
_pdbx_refine_tls.method           refined 
_pdbx_refine_tls.origin_x         -0.2432 
_pdbx_refine_tls.origin_y         0.0035 
_pdbx_refine_tls.origin_z         -0.1125 
_pdbx_refine_tls.T[1][1]          -0.0453 
_pdbx_refine_tls.T[2][2]          -0.0700 
_pdbx_refine_tls.T[3][3]          -0.0609 
_pdbx_refine_tls.T[1][2]          -0.0173 
_pdbx_refine_tls.T[1][3]          0.0219 
_pdbx_refine_tls.T[2][3]          0.0112 
_pdbx_refine_tls.L[1][1]          2.1099 
_pdbx_refine_tls.L[2][2]          0.9422 
_pdbx_refine_tls.L[3][3]          1.3073 
_pdbx_refine_tls.L[1][2]          0.2291 
_pdbx_refine_tls.L[1][3]          -0.1263 
_pdbx_refine_tls.L[2][3]          -0.2905 
_pdbx_refine_tls.S[1][1]          -0.0144 
_pdbx_refine_tls.S[1][2]          -0.1735 
_pdbx_refine_tls.S[1][3]          -0.0658 
_pdbx_refine_tls.S[2][1]          0.0136 
_pdbx_refine_tls.S[2][2]          0.0230 
_pdbx_refine_tls.S[2][3]          0.0497 
_pdbx_refine_tls.S[3][1]          0.0537 
_pdbx_refine_tls.S[3][2]          -0.0622 
_pdbx_refine_tls.S[3][3]          -0.0086 
_pdbx_refine_tls.pdbx_refine_id   'X-RAY DIFFRACTION' 
# 
loop_
_pdbx_refine_tls_group.id 
_pdbx_refine_tls_group.refine_tls_id 
_pdbx_refine_tls_group.beg_auth_asym_id 
_pdbx_refine_tls_group.beg_auth_seq_id 
_pdbx_refine_tls_group.beg_label_asym_id 
_pdbx_refine_tls_group.beg_label_seq_id 
_pdbx_refine_tls_group.end_auth_asym_id 
_pdbx_refine_tls_group.end_auth_seq_id 
_pdbx_refine_tls_group.end_label_asym_id 
_pdbx_refine_tls_group.end_label_seq_id 
_pdbx_refine_tls_group.selection 
_pdbx_refine_tls_group.pdbx_refine_id 
_pdbx_refine_tls_group.selection_details 
1 1 A 1   A 1 A 163 A 163 ? 'X-RAY DIFFRACTION' ? 
2 1 A 700 B ? A 701 C ?   ? 'X-RAY DIFFRACTION' ? 
# 
loop_
_chem_comp_atom.comp_id 
_chem_comp_atom.atom_id 
_chem_comp_atom.type_symbol 
_chem_comp_atom.pdbx_aromatic_flag 
_chem_comp_atom.pdbx_stereo_config 
_chem_comp_atom.pdbx_ordinal 
ALA N    N N N 1   
ALA CA   C N S 2   
ALA C    C N N 3   
ALA O    O N N 4   
ALA CB   C N N 5   
ALA OXT  O N N 6   
ALA H    H N N 7   
ALA H2   H N N 8   
ALA HA   H N N 9   
ALA HB1  H N N 10  
ALA HB2  H N N 11  
ALA HB3  H N N 12  
ALA HXT  H N N 13  
ARG N    N N N 14  
ARG CA   C N S 15  
ARG C    C N N 16  
ARG O    O N N 17  
ARG CB   C N N 18  
ARG CG   C N N 19  
ARG CD   C N N 20  
ARG NE   N N N 21  
ARG CZ   C N N 22  
ARG NH1  N N N 23  
ARG NH2  N N N 24  
ARG OXT  O N N 25  
ARG H    H N N 26  
ARG H2   H N N 27  
ARG HA   H N N 28  
ARG HB2  H N N 29  
ARG HB3  H N N 30  
ARG HG2  H N N 31  
ARG HG3  H N N 32  
ARG HD2  H N N 33  
ARG HD3  H N N 34  
ARG HE   H N N 35  
ARG HH11 H N N 36  
ARG HH12 H N N 37  
ARG HH21 H N N 38  
ARG HH22 H N N 39  
ARG HXT  H N N 40  
ASN N    N N N 41  
ASN CA   C N S 42  
ASN C    C N N 43  
ASN O    O N N 44  
ASN CB   C N N 45  
ASN CG   C N N 46  
ASN OD1  O N N 47  
ASN ND2  N N N 48  
ASN OXT  O N N 49  
ASN H    H N N 50  
ASN H2   H N N 51  
ASN HA   H N N 52  
ASN HB2  H N N 53  
ASN HB3  H N N 54  
ASN HD21 H N N 55  
ASN HD22 H N N 56  
ASN HXT  H N N 57  
ASP N    N N N 58  
ASP CA   C N S 59  
ASP C    C N N 60  
ASP O    O N N 61  
ASP CB   C N N 62  
ASP CG   C N N 63  
ASP OD1  O N N 64  
ASP OD2  O N N 65  
ASP OXT  O N N 66  
ASP H    H N N 67  
ASP H2   H N N 68  
ASP HA   H N N 69  
ASP HB2  H N N 70  
ASP HB3  H N N 71  
ASP HD2  H N N 72  
ASP HXT  H N N 73  
CYS N    N N N 74  
CYS CA   C N R 75  
CYS C    C N N 76  
CYS O    O N N 77  
CYS CB   C N N 78  
CYS SG   S N N 79  
CYS OXT  O N N 80  
CYS H    H N N 81  
CYS H2   H N N 82  
CYS HA   H N N 83  
CYS HB2  H N N 84  
CYS HB3  H N N 85  
CYS HG   H N N 86  
CYS HXT  H N N 87  
EDO C1   C N N 88  
EDO O1   O N N 89  
EDO C2   C N N 90  
EDO O2   O N N 91  
EDO H11  H N N 92  
EDO H12  H N N 93  
EDO HO1  H N N 94  
EDO H21  H N N 95  
EDO H22  H N N 96  
EDO HO2  H N N 97  
GLN N    N N N 98  
GLN CA   C N S 99  
GLN C    C N N 100 
GLN O    O N N 101 
GLN CB   C N N 102 
GLN CG   C N N 103 
GLN CD   C N N 104 
GLN OE1  O N N 105 
GLN NE2  N N N 106 
GLN OXT  O N N 107 
GLN H    H N N 108 
GLN H2   H N N 109 
GLN HA   H N N 110 
GLN HB2  H N N 111 
GLN HB3  H N N 112 
GLN HG2  H N N 113 
GLN HG3  H N N 114 
GLN HE21 H N N 115 
GLN HE22 H N N 116 
GLN HXT  H N N 117 
GLU N    N N N 118 
GLU CA   C N S 119 
GLU C    C N N 120 
GLU O    O N N 121 
GLU CB   C N N 122 
GLU CG   C N N 123 
GLU CD   C N N 124 
GLU OE1  O N N 125 
GLU OE2  O N N 126 
GLU OXT  O N N 127 
GLU H    H N N 128 
GLU H2   H N N 129 
GLU HA   H N N 130 
GLU HB2  H N N 131 
GLU HB3  H N N 132 
GLU HG2  H N N 133 
GLU HG3  H N N 134 
GLU HE2  H N N 135 
GLU HXT  H N N 136 
GLY N    N N N 137 
GLY CA   C N N 138 
GLY C    C N N 139 
GLY O    O N N 140 
GLY OXT  O N N 141 
GLY H    H N N 142 
GLY H2   H N N 143 
GLY HA2  H N N 144 
GLY HA3  H N N 145 
GLY HXT  H N N 146 
HIS N    N N N 147 
HIS CA   C N S 148 
HIS C    C N N 149 
HIS O    O N N 150 
HIS CB   C N N 151 
HIS CG   C Y N 152 
HIS ND1  N Y N 153 
HIS CD2  C Y N 154 
HIS CE1  C Y N 155 
HIS NE2  N Y N 156 
HIS OXT  O N N 157 
HIS H    H N N 158 
HIS H2   H N N 159 
HIS HA   H N N 160 
HIS HB2  H N N 161 
HIS HB3  H N N 162 
HIS HD1  H N N 163 
HIS HD2  H N N 164 
HIS HE1  H N N 165 
HIS HE2  H N N 166 
HIS HXT  H N N 167 
HOH O    O N N 168 
HOH H1   H N N 169 
HOH H2   H N N 170 
ILE N    N N N 171 
ILE CA   C N S 172 
ILE C    C N N 173 
ILE O    O N N 174 
ILE CB   C N S 175 
ILE CG1  C N N 176 
ILE CG2  C N N 177 
ILE CD1  C N N 178 
ILE OXT  O N N 179 
ILE H    H N N 180 
ILE H2   H N N 181 
ILE HA   H N N 182 
ILE HB   H N N 183 
ILE HG12 H N N 184 
ILE HG13 H N N 185 
ILE HG21 H N N 186 
ILE HG22 H N N 187 
ILE HG23 H N N 188 
ILE HD11 H N N 189 
ILE HD12 H N N 190 
ILE HD13 H N N 191 
ILE HXT  H N N 192 
LEU N    N N N 193 
LEU CA   C N S 194 
LEU C    C N N 195 
LEU O    O N N 196 
LEU CB   C N N 197 
LEU CG   C N N 198 
LEU CD1  C N N 199 
LEU CD2  C N N 200 
LEU OXT  O N N 201 
LEU H    H N N 202 
LEU H2   H N N 203 
LEU HA   H N N 204 
LEU HB2  H N N 205 
LEU HB3  H N N 206 
LEU HG   H N N 207 
LEU HD11 H N N 208 
LEU HD12 H N N 209 
LEU HD13 H N N 210 
LEU HD21 H N N 211 
LEU HD22 H N N 212 
LEU HD23 H N N 213 
LEU HXT  H N N 214 
LYS N    N N N 215 
LYS CA   C N S 216 
LYS C    C N N 217 
LYS O    O N N 218 
LYS CB   C N N 219 
LYS CG   C N N 220 
LYS CD   C N N 221 
LYS CE   C N N 222 
LYS NZ   N N N 223 
LYS OXT  O N N 224 
LYS H    H N N 225 
LYS H2   H N N 226 
LYS HA   H N N 227 
LYS HB2  H N N 228 
LYS HB3  H N N 229 
LYS HG2  H N N 230 
LYS HG3  H N N 231 
LYS HD2  H N N 232 
LYS HD3  H N N 233 
LYS HE2  H N N 234 
LYS HE3  H N N 235 
LYS HZ1  H N N 236 
LYS HZ2  H N N 237 
LYS HZ3  H N N 238 
LYS HXT  H N N 239 
PHE N    N N N 240 
PHE CA   C N S 241 
PHE C    C N N 242 
PHE O    O N N 243 
PHE CB   C N N 244 
PHE CG   C Y N 245 
PHE CD1  C Y N 246 
PHE CD2  C Y N 247 
PHE CE1  C Y N 248 
PHE CE2  C Y N 249 
PHE CZ   C Y N 250 
PHE OXT  O N N 251 
PHE H    H N N 252 
PHE H2   H N N 253 
PHE HA   H N N 254 
PHE HB2  H N N 255 
PHE HB3  H N N 256 
PHE HD1  H N N 257 
PHE HD2  H N N 258 
PHE HE1  H N N 259 
PHE HE2  H N N 260 
PHE HZ   H N N 261 
PHE HXT  H N N 262 
PRO N    N N N 263 
PRO CA   C N S 264 
PRO C    C N N 265 
PRO O    O N N 266 
PRO CB   C N N 267 
PRO CG   C N N 268 
PRO CD   C N N 269 
PRO OXT  O N N 270 
PRO H    H N N 271 
PRO HA   H N N 272 
PRO HB2  H N N 273 
PRO HB3  H N N 274 
PRO HG2  H N N 275 
PRO HG3  H N N 276 
PRO HD2  H N N 277 
PRO HD3  H N N 278 
PRO HXT  H N N 279 
SER N    N N N 280 
SER CA   C N S 281 
SER C    C N N 282 
SER O    O N N 283 
SER CB   C N N 284 
SER OG   O N N 285 
SER OXT  O N N 286 
SER H    H N N 287 
SER H2   H N N 288 
SER HA   H N N 289 
SER HB2  H N N 290 
SER HB3  H N N 291 
SER HG   H N N 292 
SER HXT  H N N 293 
THR N    N N N 294 
THR CA   C N S 295 
THR C    C N N 296 
THR O    O N N 297 
THR CB   C N R 298 
THR OG1  O N N 299 
THR CG2  C N N 300 
THR OXT  O N N 301 
THR H    H N N 302 
THR H2   H N N 303 
THR HA   H N N 304 
THR HB   H N N 305 
THR HG1  H N N 306 
THR HG21 H N N 307 
THR HG22 H N N 308 
THR HG23 H N N 309 
THR HXT  H N N 310 
TRP N    N N N 311 
TRP CA   C N S 312 
TRP C    C N N 313 
TRP O    O N N 314 
TRP CB   C N N 315 
TRP CG   C Y N 316 
TRP CD1  C Y N 317 
TRP CD2  C Y N 318 
TRP NE1  N Y N 319 
TRP CE2  C Y N 320 
TRP CE3  C Y N 321 
TRP CZ2  C Y N 322 
TRP CZ3  C Y N 323 
TRP CH2  C Y N 324 
TRP OXT  O N N 325 
TRP H    H N N 326 
TRP H2   H N N 327 
TRP HA   H N N 328 
TRP HB2  H N N 329 
TRP HB3  H N N 330 
TRP HD1  H N N 331 
TRP HE1  H N N 332 
TRP HE3  H N N 333 
TRP HZ2  H N N 334 
TRP HZ3  H N N 335 
TRP HH2  H N N 336 
TRP HXT  H N N 337 
TYR N    N N N 338 
TYR CA   C N S 339 
TYR C    C N N 340 
TYR O    O N N 341 
TYR CB   C N N 342 
TYR CG   C Y N 343 
TYR CD1  C Y N 344 
TYR CD2  C Y N 345 
TYR CE1  C Y N 346 
TYR CE2  C Y N 347 
TYR CZ   C Y N 348 
TYR OH   O N N 349 
TYR OXT  O N N 350 
TYR H    H N N 351 
TYR H2   H N N 352 
TYR HA   H N N 353 
TYR HB2  H N N 354 
TYR HB3  H N N 355 
TYR HD1  H N N 356 
TYR HD2  H N N 357 
TYR HE1  H N N 358 
TYR HE2  H N N 359 
TYR HH   H N N 360 
TYR HXT  H N N 361 
VAL N    N N N 362 
VAL CA   C N S 363 
VAL C    C N N 364 
VAL O    O N N 365 
VAL CB   C N N 366 
VAL CG1  C N N 367 
VAL CG2  C N N 368 
VAL OXT  O N N 369 
VAL H    H N N 370 
VAL H2   H N N 371 
VAL HA   H N N 372 
VAL HB   H N N 373 
VAL HG11 H N N 374 
VAL HG12 H N N 375 
VAL HG13 H N N 376 
VAL HG21 H N N 377 
VAL HG22 H N N 378 
VAL HG23 H N N 379 
VAL HXT  H N N 380 
# 
loop_
_chem_comp_bond.comp_id 
_chem_comp_bond.atom_id_1 
_chem_comp_bond.atom_id_2 
_chem_comp_bond.value_order 
_chem_comp_bond.pdbx_aromatic_flag 
_chem_comp_bond.pdbx_stereo_config 
_chem_comp_bond.pdbx_ordinal 
ALA N   CA   sing N N 1   
ALA N   H    sing N N 2   
ALA N   H2   sing N N 3   
ALA CA  C    sing N N 4   
ALA CA  CB   sing N N 5   
ALA CA  HA   sing N N 6   
ALA C   O    doub N N 7   
ALA C   OXT  sing N N 8   
ALA CB  HB1  sing N N 9   
ALA CB  HB2  sing N N 10  
ALA CB  HB3  sing N N 11  
ALA OXT HXT  sing N N 12  
ARG N   CA   sing N N 13  
ARG N   H    sing N N 14  
ARG N   H2   sing N N 15  
ARG CA  C    sing N N 16  
ARG CA  CB   sing N N 17  
ARG CA  HA   sing N N 18  
ARG C   O    doub N N 19  
ARG C   OXT  sing N N 20  
ARG CB  CG   sing N N 21  
ARG CB  HB2  sing N N 22  
ARG CB  HB3  sing N N 23  
ARG CG  CD   sing N N 24  
ARG CG  HG2  sing N N 25  
ARG CG  HG3  sing N N 26  
ARG CD  NE   sing N N 27  
ARG CD  HD2  sing N N 28  
ARG CD  HD3  sing N N 29  
ARG NE  CZ   sing N N 30  
ARG NE  HE   sing N N 31  
ARG CZ  NH1  sing N N 32  
ARG CZ  NH2  doub N N 33  
ARG NH1 HH11 sing N N 34  
ARG NH1 HH12 sing N N 35  
ARG NH2 HH21 sing N N 36  
ARG NH2 HH22 sing N N 37  
ARG OXT HXT  sing N N 38  
ASN N   CA   sing N N 39  
ASN N   H    sing N N 40  
ASN N   H2   sing N N 41  
ASN CA  C    sing N N 42  
ASN CA  CB   sing N N 43  
ASN CA  HA   sing N N 44  
ASN C   O    doub N N 45  
ASN C   OXT  sing N N 46  
ASN CB  CG   sing N N 47  
ASN CB  HB2  sing N N 48  
ASN CB  HB3  sing N N 49  
ASN CG  OD1  doub N N 50  
ASN CG  ND2  sing N N 51  
ASN ND2 HD21 sing N N 52  
ASN ND2 HD22 sing N N 53  
ASN OXT HXT  sing N N 54  
ASP N   CA   sing N N 55  
ASP N   H    sing N N 56  
ASP N   H2   sing N N 57  
ASP CA  C    sing N N 58  
ASP CA  CB   sing N N 59  
ASP CA  HA   sing N N 60  
ASP C   O    doub N N 61  
ASP C   OXT  sing N N 62  
ASP CB  CG   sing N N 63  
ASP CB  HB2  sing N N 64  
ASP CB  HB3  sing N N 65  
ASP CG  OD1  doub N N 66  
ASP CG  OD2  sing N N 67  
ASP OD2 HD2  sing N N 68  
ASP OXT HXT  sing N N 69  
CYS N   CA   sing N N 70  
CYS N   H    sing N N 71  
CYS N   H2   sing N N 72  
CYS CA  C    sing N N 73  
CYS CA  CB   sing N N 74  
CYS CA  HA   sing N N 75  
CYS C   O    doub N N 76  
CYS C   OXT  sing N N 77  
CYS CB  SG   sing N N 78  
CYS CB  HB2  sing N N 79  
CYS CB  HB3  sing N N 80  
CYS SG  HG   sing N N 81  
CYS OXT HXT  sing N N 82  
EDO C1  O1   sing N N 83  
EDO C1  C2   sing N N 84  
EDO C1  H11  sing N N 85  
EDO C1  H12  sing N N 86  
EDO O1  HO1  sing N N 87  
EDO C2  O2   sing N N 88  
EDO C2  H21  sing N N 89  
EDO C2  H22  sing N N 90  
EDO O2  HO2  sing N N 91  
GLN N   CA   sing N N 92  
GLN N   H    sing N N 93  
GLN N   H2   sing N N 94  
GLN CA  C    sing N N 95  
GLN CA  CB   sing N N 96  
GLN CA  HA   sing N N 97  
GLN C   O    doub N N 98  
GLN C   OXT  sing N N 99  
GLN CB  CG   sing N N 100 
GLN CB  HB2  sing N N 101 
GLN CB  HB3  sing N N 102 
GLN CG  CD   sing N N 103 
GLN CG  HG2  sing N N 104 
GLN CG  HG3  sing N N 105 
GLN CD  OE1  doub N N 106 
GLN CD  NE2  sing N N 107 
GLN NE2 HE21 sing N N 108 
GLN NE2 HE22 sing N N 109 
GLN OXT HXT  sing N N 110 
GLU N   CA   sing N N 111 
GLU N   H    sing N N 112 
GLU N   H2   sing N N 113 
GLU CA  C    sing N N 114 
GLU CA  CB   sing N N 115 
GLU CA  HA   sing N N 116 
GLU C   O    doub N N 117 
GLU C   OXT  sing N N 118 
GLU CB  CG   sing N N 119 
GLU CB  HB2  sing N N 120 
GLU CB  HB3  sing N N 121 
GLU CG  CD   sing N N 122 
GLU CG  HG2  sing N N 123 
GLU CG  HG3  sing N N 124 
GLU CD  OE1  doub N N 125 
GLU CD  OE2  sing N N 126 
GLU OE2 HE2  sing N N 127 
GLU OXT HXT  sing N N 128 
GLY N   CA   sing N N 129 
GLY N   H    sing N N 130 
GLY N   H2   sing N N 131 
GLY CA  C    sing N N 132 
GLY CA  HA2  sing N N 133 
GLY CA  HA3  sing N N 134 
GLY C   O    doub N N 135 
GLY C   OXT  sing N N 136 
GLY OXT HXT  sing N N 137 
HIS N   CA   sing N N 138 
HIS N   H    sing N N 139 
HIS N   H2   sing N N 140 
HIS CA  C    sing N N 141 
HIS CA  CB   sing N N 142 
HIS CA  HA   sing N N 143 
HIS C   O    doub N N 144 
HIS C   OXT  sing N N 145 
HIS CB  CG   sing N N 146 
HIS CB  HB2  sing N N 147 
HIS CB  HB3  sing N N 148 
HIS CG  ND1  sing Y N 149 
HIS CG  CD2  doub Y N 150 
HIS ND1 CE1  doub Y N 151 
HIS ND1 HD1  sing N N 152 
HIS CD2 NE2  sing Y N 153 
HIS CD2 HD2  sing N N 154 
HIS CE1 NE2  sing Y N 155 
HIS CE1 HE1  sing N N 156 
HIS NE2 HE2  sing N N 157 
HIS OXT HXT  sing N N 158 
HOH O   H1   sing N N 159 
HOH O   H2   sing N N 160 
ILE N   CA   sing N N 161 
ILE N   H    sing N N 162 
ILE N   H2   sing N N 163 
ILE CA  C    sing N N 164 
ILE CA  CB   sing N N 165 
ILE CA  HA   sing N N 166 
ILE C   O    doub N N 167 
ILE C   OXT  sing N N 168 
ILE CB  CG1  sing N N 169 
ILE CB  CG2  sing N N 170 
ILE CB  HB   sing N N 171 
ILE CG1 CD1  sing N N 172 
ILE CG1 HG12 sing N N 173 
ILE CG1 HG13 sing N N 174 
ILE CG2 HG21 sing N N 175 
ILE CG2 HG22 sing N N 176 
ILE CG2 HG23 sing N N 177 
ILE CD1 HD11 sing N N 178 
ILE CD1 HD12 sing N N 179 
ILE CD1 HD13 sing N N 180 
ILE OXT HXT  sing N N 181 
LEU N   CA   sing N N 182 
LEU N   H    sing N N 183 
LEU N   H2   sing N N 184 
LEU CA  C    sing N N 185 
LEU CA  CB   sing N N 186 
LEU CA  HA   sing N N 187 
LEU C   O    doub N N 188 
LEU C   OXT  sing N N 189 
LEU CB  CG   sing N N 190 
LEU CB  HB2  sing N N 191 
LEU CB  HB3  sing N N 192 
LEU CG  CD1  sing N N 193 
LEU CG  CD2  sing N N 194 
LEU CG  HG   sing N N 195 
LEU CD1 HD11 sing N N 196 
LEU CD1 HD12 sing N N 197 
LEU CD1 HD13 sing N N 198 
LEU CD2 HD21 sing N N 199 
LEU CD2 HD22 sing N N 200 
LEU CD2 HD23 sing N N 201 
LEU OXT HXT  sing N N 202 
LYS N   CA   sing N N 203 
LYS N   H    sing N N 204 
LYS N   H2   sing N N 205 
LYS CA  C    sing N N 206 
LYS CA  CB   sing N N 207 
LYS CA  HA   sing N N 208 
LYS C   O    doub N N 209 
LYS C   OXT  sing N N 210 
LYS CB  CG   sing N N 211 
LYS CB  HB2  sing N N 212 
LYS CB  HB3  sing N N 213 
LYS CG  CD   sing N N 214 
LYS CG  HG2  sing N N 215 
LYS CG  HG3  sing N N 216 
LYS CD  CE   sing N N 217 
LYS CD  HD2  sing N N 218 
LYS CD  HD3  sing N N 219 
LYS CE  NZ   sing N N 220 
LYS CE  HE2  sing N N 221 
LYS CE  HE3  sing N N 222 
LYS NZ  HZ1  sing N N 223 
LYS NZ  HZ2  sing N N 224 
LYS NZ  HZ3  sing N N 225 
LYS OXT HXT  sing N N 226 
PHE N   CA   sing N N 227 
PHE N   H    sing N N 228 
PHE N   H2   sing N N 229 
PHE CA  C    sing N N 230 
PHE CA  CB   sing N N 231 
PHE CA  HA   sing N N 232 
PHE C   O    doub N N 233 
PHE C   OXT  sing N N 234 
PHE CB  CG   sing N N 235 
PHE CB  HB2  sing N N 236 
PHE CB  HB3  sing N N 237 
PHE CG  CD1  doub Y N 238 
PHE CG  CD2  sing Y N 239 
PHE CD1 CE1  sing Y N 240 
PHE CD1 HD1  sing N N 241 
PHE CD2 CE2  doub Y N 242 
PHE CD2 HD2  sing N N 243 
PHE CE1 CZ   doub Y N 244 
PHE CE1 HE1  sing N N 245 
PHE CE2 CZ   sing Y N 246 
PHE CE2 HE2  sing N N 247 
PHE CZ  HZ   sing N N 248 
PHE OXT HXT  sing N N 249 
PRO N   CA   sing N N 250 
PRO N   CD   sing N N 251 
PRO N   H    sing N N 252 
PRO CA  C    sing N N 253 
PRO CA  CB   sing N N 254 
PRO CA  HA   sing N N 255 
PRO C   O    doub N N 256 
PRO C   OXT  sing N N 257 
PRO CB  CG   sing N N 258 
PRO CB  HB2  sing N N 259 
PRO CB  HB3  sing N N 260 
PRO CG  CD   sing N N 261 
PRO CG  HG2  sing N N 262 
PRO CG  HG3  sing N N 263 
PRO CD  HD2  sing N N 264 
PRO CD  HD3  sing N N 265 
PRO OXT HXT  sing N N 266 
SER N   CA   sing N N 267 
SER N   H    sing N N 268 
SER N   H2   sing N N 269 
SER CA  C    sing N N 270 
SER CA  CB   sing N N 271 
SER CA  HA   sing N N 272 
SER C   O    doub N N 273 
SER C   OXT  sing N N 274 
SER CB  OG   sing N N 275 
SER CB  HB2  sing N N 276 
SER CB  HB3  sing N N 277 
SER OG  HG   sing N N 278 
SER OXT HXT  sing N N 279 
THR N   CA   sing N N 280 
THR N   H    sing N N 281 
THR N   H2   sing N N 282 
THR CA  C    sing N N 283 
THR CA  CB   sing N N 284 
THR CA  HA   sing N N 285 
THR C   O    doub N N 286 
THR C   OXT  sing N N 287 
THR CB  OG1  sing N N 288 
THR CB  CG2  sing N N 289 
THR CB  HB   sing N N 290 
THR OG1 HG1  sing N N 291 
THR CG2 HG21 sing N N 292 
THR CG2 HG22 sing N N 293 
THR CG2 HG23 sing N N 294 
THR OXT HXT  sing N N 295 
TRP N   CA   sing N N 296 
TRP N   H    sing N N 297 
TRP N   H2   sing N N 298 
TRP CA  C    sing N N 299 
TRP CA  CB   sing N N 300 
TRP CA  HA   sing N N 301 
TRP C   O    doub N N 302 
TRP C   OXT  sing N N 303 
TRP CB  CG   sing N N 304 
TRP CB  HB2  sing N N 305 
TRP CB  HB3  sing N N 306 
TRP CG  CD1  doub Y N 307 
TRP CG  CD2  sing Y N 308 
TRP CD1 NE1  sing Y N 309 
TRP CD1 HD1  sing N N 310 
TRP CD2 CE2  doub Y N 311 
TRP CD2 CE3  sing Y N 312 
TRP NE1 CE2  sing Y N 313 
TRP NE1 HE1  sing N N 314 
TRP CE2 CZ2  sing Y N 315 
TRP CE3 CZ3  doub Y N 316 
TRP CE3 HE3  sing N N 317 
TRP CZ2 CH2  doub Y N 318 
TRP CZ2 HZ2  sing N N 319 
TRP CZ3 CH2  sing Y N 320 
TRP CZ3 HZ3  sing N N 321 
TRP CH2 HH2  sing N N 322 
TRP OXT HXT  sing N N 323 
TYR N   CA   sing N N 324 
TYR N   H    sing N N 325 
TYR N   H2   sing N N 326 
TYR CA  C    sing N N 327 
TYR CA  CB   sing N N 328 
TYR CA  HA   sing N N 329 
TYR C   O    doub N N 330 
TYR C   OXT  sing N N 331 
TYR CB  CG   sing N N 332 
TYR CB  HB2  sing N N 333 
TYR CB  HB3  sing N N 334 
TYR CG  CD1  doub Y N 335 
TYR CG  CD2  sing Y N 336 
TYR CD1 CE1  sing Y N 337 
TYR CD1 HD1  sing N N 338 
TYR CD2 CE2  doub Y N 339 
TYR CD2 HD2  sing N N 340 
TYR CE1 CZ   doub Y N 341 
TYR CE1 HE1  sing N N 342 
TYR CE2 CZ   sing Y N 343 
TYR CE2 HE2  sing N N 344 
TYR CZ  OH   sing N N 345 
TYR OH  HH   sing N N 346 
TYR OXT HXT  sing N N 347 
VAL N   CA   sing N N 348 
VAL N   H    sing N N 349 
VAL N   H2   sing N N 350 
VAL CA  C    sing N N 351 
VAL CA  CB   sing N N 352 
VAL CA  HA   sing N N 353 
VAL C   O    doub N N 354 
VAL C   OXT  sing N N 355 
VAL CB  CG1  sing N N 356 
VAL CB  CG2  sing N N 357 
VAL CB  HB   sing N N 358 
VAL CG1 HG11 sing N N 359 
VAL CG1 HG12 sing N N 360 
VAL CG1 HG13 sing N N 361 
VAL CG2 HG21 sing N N 362 
VAL CG2 HG22 sing N N 363 
VAL CG2 HG23 sing N N 364 
VAL OXT HXT  sing N N 365 
# 
_atom_sites.entry_id                    2GO2 
_atom_sites.fract_transf_matrix[1][1]   0.01823782 
_atom_sites.fract_transf_matrix[1][2]   -0.00712288 
_atom_sites.fract_transf_matrix[1][3]   0.00866966 
_atom_sites.fract_transf_matrix[2][1]   -0.00505736 
_atom_sites.fract_transf_matrix[2][2]   0.00424163 
_atom_sites.fract_transf_matrix[2][3]   0.01412373 
_atom_sites.fract_transf_matrix[3][1]   -0.00694594 
_atom_sites.fract_transf_matrix[3][2]   -0.01524095 
_atom_sites.fract_transf_matrix[3][3]   0.00208998 
_atom_sites.fract_transf_vector[1]      0.924075 
_atom_sites.fract_transf_vector[2]      0.906777 
_atom_sites.fract_transf_vector[3]      0.131369 
# 
loop_
_atom_type.symbol 
C 
N 
O 
S 
# 
loop_
_atom_site.group_PDB 
_atom_site.id 
_atom_site.type_symbol 
_atom_site.label_atom_id 
_atom_site.label_alt_id 
_atom_site.label_comp_id 
_atom_site.label_asym_id 
_atom_site.label_entity_id 
_atom_site.label_seq_id 
_atom_site.pdbx_PDB_ins_code 
_atom_site.Cartn_x 
_atom_site.Cartn_y 
_atom_site.Cartn_z 
_atom_site.occupancy 
_atom_site.B_iso_or_equiv 
_atom_site.pdbx_formal_charge 
_atom_site.auth_seq_id 
_atom_site.auth_comp_id 
_atom_site.auth_asym_id 
_atom_site.auth_atom_id 
_atom_site.pdbx_PDB_model_num 
ATOM   1    N N   . SER A 1 1   ? 14.913  12.488  4.353   1.00 28.85 ? 1   SER A N   1 
ATOM   2    C CA  . SER A 1 1   ? 13.547  12.327  4.957   1.00 25.79 ? 1   SER A CA  1 
ATOM   3    C C   . SER A 1 1   ? 13.446  11.273  6.102   1.00 23.69 ? 1   SER A C   1 
ATOM   4    O O   . SER A 1 1   ? 14.341  10.417  6.321   1.00 23.04 ? 1   SER A O   1 
ATOM   5    C CB  . SER A 1 1   ? 12.527  11.990  3.867   1.00 28.23 ? 1   SER A CB  1 
ATOM   6    O OG  . SER A 1 1   ? 11.301  12.693  4.017   1.00 31.15 ? 1   SER A OG  1 
ATOM   7    N N   . SER A 1 2   ? 12.350  11.373  6.848   1.00 19.18 ? 2   SER A N   1 
ATOM   8    C CA  . SER A 1 2   ? 12.216  10.654  8.054   1.00 16.08 ? 2   SER A CA  1 
ATOM   9    C C   . SER A 1 2   ? 12.100  9.150   7.854   1.00 13.33 ? 2   SER A C   1 
ATOM   10   O O   . SER A 1 2   ? 11.423  8.648   6.926   1.00 12.78 ? 2   SER A O   1 
ATOM   11   C CB  . SER A 1 2   ? 10.981  11.156  8.779   1.00 17.94 ? 2   SER A CB  1 
ATOM   12   O OG  . SER A 1 2   ? 11.331  12.383  9.371   1.00 20.53 ? 2   SER A OG  1 
ATOM   13   N N   . VAL A 1 3   ? 12.641  8.439   8.842   1.00 12.16 ? 3   VAL A N   1 
ATOM   14   C CA  . VAL A 1 3   ? 12.448  6.991   8.963   1.00 10.55 ? 3   VAL A CA  1 
ATOM   15   C C   . VAL A 1 3   ? 10.955  6.726   9.240   1.00 9.66  ? 3   VAL A C   1 
ATOM   16   O O   . VAL A 1 3   ? 10.327  7.430   10.103  1.00 8.93  ? 3   VAL A O   1 
ATOM   17   C CB  . VAL A 1 3   ? 13.380  6.457   10.097  1.00 10.99 ? 3   VAL A CB  1 
ATOM   18   C CG1 . VAL A 1 3   ? 13.128  4.954   10.395  1.00 10.91 ? 3   VAL A CG1 1 
ATOM   19   C CG2 . VAL A 1 3   ? 14.865  6.658   9.650   1.00 13.63 ? 3   VAL A CG2 1 
ATOM   20   N N   . VAL A 1 4   ? 10.385  5.734   8.527   1.00 6.19  ? 4   VAL A N   1 
ATOM   21   C CA  . VAL A 1 4   ? 8.999   5.344   8.706   1.00 6.70  ? 4   VAL A CA  1 
ATOM   22   C C   . VAL A 1 4   ? 9.004   4.377   9.928   1.00 7.68  ? 4   VAL A C   1 
ATOM   23   O O   . VAL A 1 4   ? 9.919   3.504   10.009  1.00 7.58  ? 4   VAL A O   1 
ATOM   24   C CB  . VAL A 1 4   ? 8.474   4.585   7.481   1.00 3.98  ? 4   VAL A CB  1 
ATOM   25   C CG1 . VAL A 1 4   ? 6.942   4.022   7.767   1.00 3.99  ? 4   VAL A CG1 1 
ATOM   26   C CG2 . VAL A 1 4   ? 8.500   5.551   6.269   1.00 6.07  ? 4   VAL A CG2 1 
ATOM   27   N N   . VAL A 1 5   ? 8.077   4.626   10.900  1.00 7.14  ? 5   VAL A N   1 
ATOM   28   C CA  . VAL A 1 5   ? 8.023   3.816   12.126  1.00 7.69  ? 5   VAL A CA  1 
ATOM   29   C C   . VAL A 1 5   ? 6.732   3.055   12.259  1.00 8.51  ? 5   VAL A C   1 
ATOM   30   O O   . VAL A 1 5   ? 5.665   3.511   11.775  1.00 7.79  ? 5   VAL A O   1 
ATOM   31   C CB  . VAL A 1 5   ? 8.388   4.609   13.419  1.00 7.75  ? 5   VAL A CB  1 
ATOM   32   C CG1 . VAL A 1 5   ? 9.839   5.198   13.269  1.00 8.44  ? 5   VAL A CG1 1 
ATOM   33   C CG2 . VAL A 1 5   ? 7.368   5.676   13.687  1.00 8.18  ? 5   VAL A CG2 1 
ATOM   34   N N   . ASP A 1 6   ? 6.856   1.857   12.861  1.00 7.76  ? 6   ASP A N   1 
ATOM   35   C CA  . ASP A 1 6   ? 5.677   1.032   13.114  1.00 7.67  ? 6   ASP A CA  1 
ATOM   36   C C   . ASP A 1 6   ? 4.968   1.504   14.424  1.00 7.75  ? 6   ASP A C   1 
ATOM   37   O O   . ASP A 1 6   ? 5.387   2.479   15.079  1.00 7.18  ? 6   ASP A O   1 
ATOM   38   C CB  . ASP A 1 6   ? 6.039   -0.483  13.182  1.00 6.61  ? 6   ASP A CB  1 
ATOM   39   C CG  . ASP A 1 6   ? 7.012   -0.859  14.346  1.00 6.09  ? 6   ASP A CG  1 
ATOM   40   O OD1 . ASP A 1 6   ? 7.080   -0.230  15.423  1.00 9.66  ? 6   ASP A OD1 1 
ATOM   41   O OD2 . ASP A 1 6   ? 7.690   -1.872  14.223  1.00 8.36  ? 6   ASP A OD2 1 
ATOM   42   N N   . THR A 1 7   ? 3.881   0.830   14.762  1.00 6.86  ? 7   THR A N   1 
ATOM   43   C CA  . THR A 1 7   ? 3.092   1.200   15.931  1.00 8.90  ? 7   THR A CA  1 
ATOM   44   C C   . THR A 1 7   ? 3.821   1.034   17.275  1.00 9.04  ? 7   THR A C   1 
ATOM   45   O O   . THR A 1 7   ? 3.329   1.572   18.308  1.00 10.52 ? 7   THR A O   1 
ATOM   46   C CB  . THR A 1 7   ? 1.792   0.414   15.972  1.00 8.95  ? 7   THR A CB  1 
ATOM   47   O OG1 . THR A 1 7   ? 2.083   -0.989  16.007  1.00 7.80  ? 7   THR A OG1 1 
ATOM   48   C CG2 . THR A 1 7   ? 0.841   0.833   14.837  1.00 9.43  ? 7   THR A CG2 1 
ATOM   49   N N   . ASN A 1 8   ? 4.951   0.300   17.295  1.00 9.73  ? 8   ASN A N   1 
ATOM   50   C CA  . ASN A 1 8   ? 5.834   0.316   18.445  1.00 12.32 ? 8   ASN A CA  1 
ATOM   51   C C   . ASN A 1 8   ? 6.977   1.279   18.390  1.00 11.65 ? 8   ASN A C   1 
ATOM   52   O O   . ASN A 1 8   ? 7.861   1.157   19.212  1.00 12.37 ? 8   ASN A O   1 
ATOM   53   C CB  . ASN A 1 8   ? 6.347   -1.077  18.776  1.00 14.44 ? 8   ASN A CB  1 
ATOM   54   C CG  . ASN A 1 8   ? 5.218   -2.102  18.909  1.00 21.57 ? 8   ASN A CG  1 
ATOM   55   O OD1 . ASN A 1 8   ? 5.079   -2.980  18.037  1.00 32.27 ? 8   ASN A OD1 1 
ATOM   56   N ND2 . ASN A 1 8   ? 4.394   -1.983  19.960  1.00 18.61 ? 8   ASN A ND2 1 
ATOM   57   N N   . GLY A 1 9   ? 6.978   2.218   17.418  1.00 12.70 ? 9   GLY A N   1 
ATOM   58   C CA  . GLY A 1 9   ? 8.038   3.254   17.248  1.00 11.40 ? 9   GLY A CA  1 
ATOM   59   C C   . GLY A 1 9   ? 9.359   2.730   16.682  1.00 11.43 ? 9   GLY A C   1 
ATOM   60   O O   . GLY A 1 9   ? 10.390  3.410   16.727  1.00 12.05 ? 9   GLY A O   1 
ATOM   61   N N   . GLN A 1 10  ? 9.364   1.503   16.174  1.00 10.58 ? 10  GLN A N   1 
ATOM   62   C CA  . GLN A 1 10  ? 10.536  0.914   15.573  1.00 9.00  ? 10  GLN A CA  1 
ATOM   63   C C   . GLN A 1 10  ? 10.550  1.186   14.051  1.00 9.03  ? 10  GLN A C   1 
ATOM   64   O O   . GLN A 1 10  ? 9.489   1.174   13.407  1.00 9.35  ? 10  GLN A O   1 
ATOM   65   C CB  . GLN A 1 10  ? 10.553  -0.586  15.854  1.00 9.09  ? 10  GLN A CB  1 
ATOM   66   C CG  . GLN A 1 10  ? 10.802  -0.940  17.373  1.00 10.94 ? 10  GLN A CG  1 
ATOM   67   C CD  . GLN A 1 10  ? 12.175  -0.441  17.713  1.00 20.21 ? 10  GLN A CD  1 
ATOM   68   O OE1 . GLN A 1 10  ? 12.284  0.508   18.466  1.00 24.62 ? 10  GLN A OE1 1 
ATOM   69   N NE2 . GLN A 1 10  ? 13.244  -0.990  17.041  1.00 23.11 ? 10  GLN A NE2 1 
ATOM   70   N N   . PRO A 1 11  ? 11.766  1.386   13.458  1.00 9.71  ? 11  PRO A N   1 
ATOM   71   C CA  . PRO A 1 11  ? 11.858  1.611   11.995  1.00 8.32  ? 11  PRO A CA  1 
ATOM   72   C C   . PRO A 1 11  ? 11.208  0.437   11.251  1.00 9.27  ? 11  PRO A C   1 
ATOM   73   O O   . PRO A 1 11  ? 11.440  -0.729  11.601  1.00 7.52  ? 11  PRO A O   1 
ATOM   74   C CB  . PRO A 1 11  ? 13.367  1.617   11.739  1.00 9.79  ? 11  PRO A CB  1 
ATOM   75   C CG  . PRO A 1 11  ? 13.943  2.022   13.131  1.00 8.58  ? 11  PRO A CG  1 
ATOM   76   C CD  . PRO A 1 11  ? 13.115  1.356   14.112  1.00 9.42  ? 11  PRO A CD  1 
ATOM   77   N N   . VAL A 1 12  ? 10.433  0.752   10.219  1.00 7.81  ? 12  VAL A N   1 
ATOM   78   C CA  . VAL A 1 12  ? 9.847   -0.247  9.348   1.00 7.79  ? 12  VAL A CA  1 
ATOM   79   C C   . VAL A 1 12  ? 11.012  -0.835  8.495   1.00 8.22  ? 12  VAL A C   1 
ATOM   80   O O   . VAL A 1 12  ? 11.834  -0.096  7.875   1.00 7.27  ? 12  VAL A O   1 
ATOM   81   C CB  . VAL A 1 12  ? 8.725   0.423   8.464   1.00 8.39  ? 12  VAL A CB  1 
ATOM   82   C CG1 . VAL A 1 12  ? 8.396   -0.467  7.169   1.00 8.64  ? 12  VAL A CG1 1 
ATOM   83   C CG2 . VAL A 1 12  ? 7.448   0.763   9.393   1.00 7.23  ? 12  VAL A CG2 1 
ATOM   84   N N   . SER A 1 13  ? 11.063  -2.167  8.429   1.00 6.39  ? 13  SER A N   1 
ATOM   85   C CA  A SER A 1 13  ? 12.202  -2.799  7.744   0.50 6.20  ? 13  SER A CA  1 
ATOM   86   C CA  B SER A 1 13  ? 12.132  -2.924  7.732   0.50 7.27  ? 13  SER A CA  1 
ATOM   87   C C   . SER A 1 13  ? 12.004  -2.818  6.206   1.00 6.02  ? 13  SER A C   1 
ATOM   88   O O   . SER A 1 13  ? 10.879  -2.766  5.691   1.00 4.99  ? 13  SER A O   1 
ATOM   89   C CB  A SER A 1 13  ? 12.487  -4.202  8.329   0.50 6.65  ? 13  SER A CB  1 
ATOM   90   C CB  B SER A 1 13  ? 12.037  -4.411  8.165   0.50 7.87  ? 13  SER A CB  1 
ATOM   91   O OG  A SER A 1 13  ? 11.387  -5.071  8.126   0.50 5.07  ? 13  SER A OG  1 
ATOM   92   O OG  B SER A 1 13  ? 12.675  -5.305  7.260   0.50 11.13 ? 13  SER A OG  1 
ATOM   93   N N   . ASN A 1 14  ? 13.152  -2.793  5.506   1.00 6.10  ? 14  ASN A N   1 
ATOM   94   C CA  . ASN A 1 14  ? 13.176  -2.876  4.056   1.00 6.44  ? 14  ASN A CA  1 
ATOM   95   C C   . ASN A 1 14  ? 12.982  -4.343  3.625   1.00 6.54  ? 14  ASN A C   1 
ATOM   96   O O   . ASN A 1 14  ? 13.938  -5.121  3.607   1.00 7.46  ? 14  ASN A O   1 
ATOM   97   C CB  . ASN A 1 14  ? 14.512  -2.278  3.526   1.00 4.22  ? 14  ASN A CB  1 
ATOM   98   C CG  . ASN A 1 14  ? 14.591  -2.309  2.000   1.00 5.72  ? 14  ASN A CG  1 
ATOM   99   O OD1 . ASN A 1 14  ? 13.636  -2.703  1.328   1.00 6.14  ? 14  ASN A OD1 1 
ATOM   100  N ND2 . ASN A 1 14  ? 15.734  -1.934  1.463   1.00 7.91  ? 14  ASN A ND2 1 
ATOM   101  N N   . GLY A 1 15  ? 11.749  -4.742  3.342   1.00 7.41  ? 15  GLY A N   1 
ATOM   102  C CA  . GLY A 1 15  ? 11.424  -6.109  2.842   1.00 7.60  ? 15  GLY A CA  1 
ATOM   103  C C   . GLY A 1 15  ? 11.392  -7.217  3.865   1.00 9.42  ? 15  GLY A C   1 
ATOM   104  O O   . GLY A 1 15  ? 10.628  -8.176  3.670   1.00 11.69 ? 15  GLY A O   1 
ATOM   105  N N   . ALA A 1 16  ? 12.189  -7.110  4.947   1.00 9.25  ? 16  ALA A N   1 
ATOM   106  C CA  . ALA A 1 16  ? 12.490  -8.344  5.819   1.00 8.82  ? 16  ALA A CA  1 
ATOM   107  C C   . ALA A 1 16  ? 11.309  -8.772  6.685   1.00 9.87  ? 16  ALA A C   1 
ATOM   108  O O   . ALA A 1 16  ? 11.139  -9.949  6.966   1.00 9.96  ? 16  ALA A O   1 
ATOM   109  C CB  . ALA A 1 16  ? 13.747  -8.122  6.693   1.00 9.73  ? 16  ALA A CB  1 
ATOM   110  N N   . ASP A 1 17  ? 10.529  -7.792  7.129   1.00 8.77  ? 17  ASP A N   1 
ATOM   111  C CA  . ASP A 1 17  ? 9.337   -7.985  7.939   1.00 11.87 ? 17  ASP A CA  1 
ATOM   112  C C   . ASP A 1 17  ? 8.084   -7.533  7.240   1.00 10.13 ? 17  ASP A C   1 
ATOM   113  O O   . ASP A 1 17  ? 8.119   -6.619  6.406   1.00 8.48  ? 17  ASP A O   1 
ATOM   114  C CB  . ASP A 1 17  ? 9.469   -7.235  9.302   1.00 10.81 ? 17  ASP A CB  1 
ATOM   115  C CG  . ASP A 1 17  ? 10.689  -7.638  10.054  1.00 14.94 ? 17  ASP A CG  1 
ATOM   116  O OD1 . ASP A 1 17  ? 10.734  -8.777  10.535  1.00 18.13 ? 17  ASP A OD1 1 
ATOM   117  O OD2 . ASP A 1 17  ? 11.619  -6.802  10.211  1.00 19.74 ? 17  ASP A OD2 1 
ATOM   118  N N   . ALA A 1 18  ? 6.986   -8.239  7.542   1.00 10.29 ? 18  ALA A N   1 
ATOM   119  C CA  . ALA A 1 18  ? 5.687   -7.839  7.022   1.00 10.77 ? 18  ALA A CA  1 
ATOM   120  C C   . ALA A 1 18  ? 4.921   -7.026  8.125   1.00 10.39 ? 18  ALA A C   1 
ATOM   121  O O   . ALA A 1 18  ? 5.234   -7.093  9.364   1.00 9.28  ? 18  ALA A O   1 
ATOM   122  C CB  . ALA A 1 18  ? 4.900   -9.069  6.593   1.00 11.12 ? 18  ALA A CB  1 
ATOM   123  N N   . TYR A 1 19  ? 4.005   -6.172  7.641   1.00 8.57  ? 19  TYR A N   1 
ATOM   124  C CA  . TYR A 1 19  ? 3.282   -5.167  8.446   1.00 9.93  ? 19  TYR A CA  1 
ATOM   125  C C   . TYR A 1 19  ? 1.820   -5.102  8.051   1.00 10.29 ? 19  TYR A C   1 
ATOM   126  O O   . TYR A 1 19  ? 1.532   -5.125  6.873   1.00 10.25 ? 19  TYR A O   1 
ATOM   127  C CB  . TYR A 1 19  ? 3.855   -3.763  8.202   1.00 8.33  ? 19  TYR A CB  1 
ATOM   128  C CG  . TYR A 1 19  ? 5.260   -3.682  8.698   1.00 9.33  ? 19  TYR A CG  1 
ATOM   129  C CD1 . TYR A 1 19  ? 6.339   -4.059  7.871   1.00 6.04  ? 19  TYR A CD1 1 
ATOM   130  C CD2 . TYR A 1 19  ? 5.519   -3.290  10.021  1.00 8.82  ? 19  TYR A CD2 1 
ATOM   131  C CE1 . TYR A 1 19  ? 7.644   -4.061  8.374   1.00 8.04  ? 19  TYR A CE1 1 
ATOM   132  C CE2 . TYR A 1 19  ? 6.859   -3.232  10.531  1.00 12.31 ? 19  TYR A CE2 1 
ATOM   133  C CZ  . TYR A 1 19  ? 7.907   -3.639  9.689   1.00 11.17 ? 19  TYR A CZ  1 
ATOM   134  O OH  . TYR A 1 19  ? 9.187   -3.600  10.188  1.00 7.84  ? 19  TYR A OH  1 
ATOM   135  N N   . TYR A 1 20  ? 0.908   -5.026  9.017   1.00 8.31  ? 20  TYR A N   1 
ATOM   136  C CA  . TYR A 1 20  ? -0.488  -4.640  8.671   1.00 8.56  ? 20  TYR A CA  1 
ATOM   137  C C   . TYR A 1 20  ? -0.581  -3.094  8.511   1.00 9.61  ? 20  TYR A C   1 
ATOM   138  O O   . TYR A 1 20  ? -0.066  -2.298  9.317   1.00 10.49 ? 20  TYR A O   1 
ATOM   139  C CB  . TYR A 1 20  ? -1.470  -5.116  9.775   1.00 8.07  ? 20  TYR A CB  1 
ATOM   140  C CG  . TYR A 1 20  ? -1.384  -6.595  10.060  1.00 8.02  ? 20  TYR A CG  1 
ATOM   141  C CD1 . TYR A 1 20  ? -0.764  -7.064  11.250  1.00 8.02  ? 20  TYR A CD1 1 
ATOM   142  C CD2 . TYR A 1 20  ? -1.835  -7.550  9.128   1.00 8.92  ? 20  TYR A CD2 1 
ATOM   143  C CE1 . TYR A 1 20  ? -0.644  -8.414  11.500  1.00 12.13 ? 20  TYR A CE1 1 
ATOM   144  C CE2 . TYR A 1 20  ? -1.712  -8.938  9.425   1.00 11.03 ? 20  TYR A CE2 1 
ATOM   145  C CZ  . TYR A 1 20  ? -1.119  -9.338  10.570  1.00 11.71 ? 20  TYR A CZ  1 
ATOM   146  O OH  . TYR A 1 20  ? -0.996  -10.666 10.866  1.00 11.18 ? 20  TYR A OH  1 
ATOM   147  N N   . LEU A 1 21  ? -1.250  -2.682  7.449   1.00 10.41 ? 21  LEU A N   1 
ATOM   148  C CA  . LEU A 1 21  ? -1.727  -1.311  7.242   1.00 10.32 ? 21  LEU A CA  1 
ATOM   149  C C   . LEU A 1 21  ? -3.146  -1.237  7.880   1.00 10.53 ? 21  LEU A C   1 
ATOM   150  O O   . LEU A 1 21  ? -4.131  -1.712  7.326   1.00 9.63  ? 21  LEU A O   1 
ATOM   151  C CB  . LEU A 1 21  ? -1.790  -1.021  5.723   1.00 11.59 ? 21  LEU A CB  1 
ATOM   152  C CG  . LEU A 1 21  ? -0.384  -0.815  5.156   1.00 11.12 ? 21  LEU A CG  1 
ATOM   153  C CD1 . LEU A 1 21  ? -0.507  -0.729  3.636   1.00 18.03 ? 21  LEU A CD1 1 
ATOM   154  C CD2 . LEU A 1 21  ? 0.240   0.604   5.661   1.00 11.81 ? 21  LEU A CD2 1 
ATOM   155  N N   . VAL A 1 22  ? -3.187  -0.627  9.028   1.00 8.22  ? 22  VAL A N   1 
ATOM   156  C CA  . VAL A 1 22  ? -4.408  -0.503  9.879   1.00 9.92  ? 22  VAL A CA  1 
ATOM   157  C C   . VAL A 1 22  ? -4.992  0.913   9.709   1.00 10.41 ? 22  VAL A C   1 
ATOM   158  O O   . VAL A 1 22  ? -4.384  1.871   10.196  1.00 9.52  ? 22  VAL A O   1 
ATOM   159  C CB  . VAL A 1 22  ? -4.034  -0.643  11.381  1.00 10.13 ? 22  VAL A CB  1 
ATOM   160  C CG1 . VAL A 1 22  ? -5.280  -0.613  12.321  1.00 11.01 ? 22  VAL A CG1 1 
ATOM   161  C CG2 . VAL A 1 22  ? -3.189  -1.943  11.636  1.00 12.64 ? 22  VAL A CG2 1 
ATOM   162  N N   . PRO A 1 23  ? -6.192  1.042   9.088   1.00 11.53 ? 23  PRO A N   1 
ATOM   163  C CA  . PRO A 1 23  ? -6.835  2.331   8.902   1.00 10.27 ? 23  PRO A CA  1 
ATOM   164  C C   . PRO A 1 23  ? -7.094  3.056   10.244  1.00 11.30 ? 23  PRO A C   1 
ATOM   165  O O   . PRO A 1 23  ? -7.454  2.440   11.273  1.00 9.49  ? 23  PRO A O   1 
ATOM   166  C CB  . PRO A 1 23  ? -8.142  1.964   8.136   1.00 11.18 ? 23  PRO A CB  1 
ATOM   167  C CG  . PRO A 1 23  ? -8.489  0.504   8.641   1.00 13.75 ? 23  PRO A CG  1 
ATOM   168  C CD  . PRO A 1 23  ? -7.032  -0.068  8.561   1.00 11.75 ? 23  PRO A CD  1 
ATOM   169  N N   . VAL A 1 24  ? -6.853  4.356   10.281  1.00 12.95 ? 24  VAL A N   1 
ATOM   170  C CA  . VAL A 1 24  ? -7.164  5.089   11.541  1.00 17.67 ? 24  VAL A CA  1 
ATOM   171  C C   . VAL A 1 24  ? -8.686  5.483   11.676  1.00 20.27 ? 24  VAL A C   1 
ATOM   172  O O   . VAL A 1 24  ? -9.203  5.657   12.802  1.00 19.25 ? 24  VAL A O   1 
ATOM   173  C CB  . VAL A 1 24  ? -6.150  6.266   11.863  1.00 16.54 ? 24  VAL A CB  1 
ATOM   174  C CG1 . VAL A 1 24  ? -4.697  5.806   11.673  1.00 13.74 ? 24  VAL A CG1 1 
ATOM   175  C CG2 . VAL A 1 24  ? -6.470  7.418   11.005  1.00 20.16 ? 24  VAL A CG2 1 
ATOM   176  N N   . SER A 1 25  ? -9.363  5.675   10.548  1.00 23.23 ? 25  SER A N   1 
ATOM   177  C CA  . SER A 1 25  ? -10.856 5.761   10.492  1.00 28.85 ? 25  SER A CA  1 
ATOM   178  C C   . SER A 1 25  ? -11.444 4.479   9.848   1.00 31.14 ? 25  SER A C   1 
ATOM   179  O O   . SER A 1 25  ? -10.919 3.350   10.052  1.00 32.87 ? 25  SER A O   1 
ATOM   180  C CB  . SER A 1 25  ? -11.362 6.984   9.683   1.00 29.41 ? 25  SER A CB  1 
ATOM   181  O OG  . SER A 1 25  ? -10.666 8.179   10.043  1.00 33.80 ? 25  SER A OG  1 
ATOM   182  N N   . HIS A 1 26  ? -12.548 4.645   9.098   1.00 33.15 ? 26  HIS A N   1 
ATOM   183  C CA  A HIS A 1 26  ? -13.228 3.537   8.396   0.50 33.41 ? 26  HIS A CA  1 
ATOM   184  C CA  B HIS A 1 26  ? -13.208 3.523   8.404   0.50 32.89 ? 26  HIS A CA  1 
ATOM   185  C C   . HIS A 1 26  ? -13.470 2.329   9.325   1.00 33.31 ? 26  HIS A C   1 
ATOM   186  O O   . HIS A 1 26  ? -13.392 1.145   8.877   1.00 34.07 ? 26  HIS A O   1 
ATOM   187  C CB  A HIS A 1 26  ? -12.509 3.115   7.076   0.50 33.56 ? 26  HIS A CB  1 
ATOM   188  C CB  B HIS A 1 26  ? -12.399 3.104   7.161   0.50 32.48 ? 26  HIS A CB  1 
ATOM   189  C CG  A HIS A 1 26  ? -13.406 2.378   6.122   0.50 34.32 ? 26  HIS A CG  1 
ATOM   190  C CG  B HIS A 1 26  ? -12.077 4.260   6.278   0.50 31.43 ? 26  HIS A CG  1 
ATOM   191  N ND1 A HIS A 1 26  ? -14.408 3.005   5.410   0.50 36.12 ? 26  HIS A ND1 1 
ATOM   192  N ND1 B HIS A 1 26  ? -10.817 4.804   6.210   0.50 28.82 ? 26  HIS A ND1 1 
ATOM   193  C CD2 A HIS A 1 26  ? -13.497 1.061   5.815   0.50 34.57 ? 26  HIS A CD2 1 
ATOM   194  C CD2 B HIS A 1 26  ? -12.874 5.038   5.510   0.50 28.51 ? 26  HIS A CD2 1 
ATOM   195  C CE1 A HIS A 1 26  ? -15.069 2.107   4.701   0.50 35.33 ? 26  HIS A CE1 1 
ATOM   196  C CE1 B HIS A 1 26  ? -10.842 5.849   5.404   0.50 28.39 ? 26  HIS A CE1 1 
ATOM   197  N NE2 A HIS A 1 26  ? -14.529 0.921   4.921   0.50 34.61 ? 26  HIS A NE2 1 
ATOM   198  N NE2 B HIS A 1 26  ? -12.078 6.013   4.968   0.50 26.51 ? 26  HIS A NE2 1 
ATOM   199  N N   . GLY A 1 27  ? -13.768 2.636   10.595  1.00 32.13 ? 27  GLY A N   1 
ATOM   200  C CA  . GLY A 1 27  ? -13.856 1.632   11.631  1.00 31.43 ? 27  GLY A CA  1 
ATOM   201  C C   . GLY A 1 27  ? -12.750 0.593   11.410  1.00 30.88 ? 27  GLY A C   1 
ATOM   202  O O   . GLY A 1 27  ? -11.647 0.868   10.839  1.00 32.39 ? 27  GLY A O   1 
ATOM   203  N N   . HIS A 1 28  ? -13.054 -0.618  11.835  1.00 28.97 ? 28  HIS A N   1 
ATOM   204  C CA  . HIS A 1 28  ? -12.134 -1.697  11.735  1.00 27.55 ? 28  HIS A CA  1 
ATOM   205  C C   . HIS A 1 28  ? -12.232 -2.350  10.331  1.00 24.58 ? 28  HIS A C   1 
ATOM   206  O O   . HIS A 1 28  ? -13.319 -2.692  9.844   1.00 24.70 ? 28  HIS A O   1 
ATOM   207  C CB  . HIS A 1 28  ? -12.370 -2.627  12.908  1.00 29.38 ? 28  HIS A CB  1 
ATOM   208  C CG  . HIS A 1 28  ? -12.510 -1.895  14.231  1.00 35.21 ? 28  HIS A CG  1 
ATOM   209  N ND1 . HIS A 1 28  ? -13.538 -2.143  15.125  1.00 38.73 ? 28  HIS A ND1 1 
ATOM   210  C CD2 . HIS A 1 28  ? -11.776 -0.885  14.780  1.00 39.29 ? 28  HIS A CD2 1 
ATOM   211  C CE1 . HIS A 1 28  ? -13.403 -1.359  16.187  1.00 39.89 ? 28  HIS A CE1 1 
ATOM   212  N NE2 . HIS A 1 28  ? -12.347 -0.580  15.999  1.00 40.31 ? 28  HIS A NE2 1 
ATOM   213  N N   . ALA A 1 29  ? -11.103 -2.420  9.642   1.00 20.98 ? 29  ALA A N   1 
ATOM   214  C CA  . ALA A 1 29  ? -11.089 -3.000  8.309   1.00 16.80 ? 29  ALA A CA  1 
ATOM   215  C C   . ALA A 1 29  ? -9.663  -3.386  8.010   1.00 16.21 ? 29  ALA A C   1 
ATOM   216  O O   . ALA A 1 29  ? -8.740  -2.791  8.581   1.00 20.81 ? 29  ALA A O   1 
ATOM   217  C CB  . ALA A 1 29  ? -11.617 -2.002  7.261   1.00 14.43 ? 29  ALA A CB  1 
ATOM   218  N N   . GLY A 1 30  ? -9.439  -4.349  7.137   1.00 11.19 ? 30  GLY A N   1 
ATOM   219  C CA  . GLY A 1 30  ? -8.059  -4.717  6.837   1.00 8.35  ? 30  GLY A CA  1 
ATOM   220  C C   . GLY A 1 30  ? -7.959  -4.914  5.330   1.00 8.59  ? 30  GLY A C   1 
ATOM   221  O O   . GLY A 1 30  ? -8.999  -4.981  4.615   1.00 7.64  ? 30  GLY A O   1 
ATOM   222  N N   . LEU A 1 31  ? -6.718  -5.050  4.851   1.00 7.04  ? 31  LEU A N   1 
ATOM   223  C CA  . LEU A 1 31  ? -6.502  -5.216  3.421   1.00 5.51  ? 31  LEU A CA  1 
ATOM   224  C C   . LEU A 1 31  ? -6.872  -6.564  2.941   1.00 4.98  ? 31  LEU A C   1 
ATOM   225  O O   . LEU A 1 31  ? -6.582  -7.574  3.603   1.00 4.80  ? 31  LEU A O   1 
ATOM   226  C CB  . LEU A 1 31  ? -5.003  -4.891  3.088   1.00 3.91  ? 31  LEU A CB  1 
ATOM   227  C CG  . LEU A 1 31  ? -4.633  -3.414  3.311   1.00 6.64  ? 31  LEU A CG  1 
ATOM   228  C CD1 . LEU A 1 31  ? -3.169  -3.313  2.865   1.00 10.08 ? 31  LEU A CD1 1 
ATOM   229  C CD2 . LEU A 1 31  ? -5.521  -2.545  2.495   1.00 12.29 ? 31  LEU A CD2 1 
ATOM   230  N N   . ALA A 1 32  ? -7.559  -6.577  1.770   1.00 5.74  ? 32  ALA A N   1 
ATOM   231  C CA  . ALA A 1 32  ? -8.031  -7.857  1.155   1.00 7.29  ? 32  ALA A CA  1 
ATOM   232  C C   . ALA A 1 32  ? -7.968  -7.754  -0.365  1.00 8.28  ? 32  ALA A C   1 
ATOM   233  O O   . ALA A 1 32  ? -7.833  -6.642  -0.866  1.00 8.22  ? 32  ALA A O   1 
ATOM   234  C CB  . ALA A 1 32  ? -9.494  -8.236  1.673   1.00 5.72  ? 32  ALA A CB  1 
ATOM   235  N N   . LEU A 1 33  ? -8.103  -8.883  -1.085  1.00 8.98  ? 33  LEU A N   1 
ATOM   236  C CA  . LEU A 1 33  ? -8.262  -8.808  -2.554  1.00 10.47 ? 33  LEU A CA  1 
ATOM   237  C C   . LEU A 1 33  ? -9.748  -9.012  -2.935  1.00 10.20 ? 33  LEU A C   1 
ATOM   238  O O   . LEU A 1 33  ? -10.487 -9.842  -2.305  1.00 10.43 ? 33  LEU A O   1 
ATOM   239  C CB  . LEU A 1 33  ? -7.378  -9.873  -3.199  1.00 11.08 ? 33  LEU A CB  1 
ATOM   240  C CG  . LEU A 1 33  ? -5.877  -9.534  -2.981  1.00 11.16 ? 33  LEU A CG  1 
ATOM   241  C CD1 . LEU A 1 33  ? -5.028  -10.724 -3.453  1.00 18.13 ? 33  LEU A CD1 1 
ATOM   242  C CD2 . LEU A 1 33  ? -5.533  -8.296  -3.794  1.00 9.69  ? 33  LEU A CD2 1 
ATOM   243  N N   . ALA A 1 34  ? -10.206 -8.263  -3.937  1.00 9.35  ? 34  ALA A N   1 
ATOM   244  C CA  . ALA A 1 34  ? -11.589 -8.344  -4.367  1.00 9.71  ? 34  ALA A CA  1 
ATOM   245  C C   . ALA A 1 34  ? -11.631 -8.316  -5.882  1.00 11.81 ? 34  ALA A C   1 
ATOM   246  O O   . ALA A 1 34  ? -10.675 -7.853  -6.538  1.00 11.28 ? 34  ALA A O   1 
ATOM   247  C CB  . ALA A 1 34  ? -12.384 -7.175  -3.791  1.00 10.74 ? 34  ALA A CB  1 
ATOM   248  N N   . LYS A 1 35  ? -12.732 -8.750  -6.468  1.00 11.57 ? 35  LYS A N   1 
ATOM   249  C CA  . LYS A 1 35  ? -12.957 -8.532  -7.923  1.00 14.72 ? 35  LYS A CA  1 
ATOM   250  C C   . LYS A 1 35  ? -13.507 -7.086  -8.084  1.00 16.73 ? 35  LYS A C   1 
ATOM   251  O O   . LYS A 1 35  ? -14.107 -6.517  -7.153  1.00 16.11 ? 35  LYS A O   1 
ATOM   252  C CB  . LYS A 1 35  ? -13.952 -9.579  -8.484  1.00 14.82 ? 35  LYS A CB  1 
ATOM   253  C CG  . LYS A 1 35  ? -13.513 -10.989 -8.327  1.00 14.15 ? 35  LYS A CG  1 
ATOM   254  C CD  . LYS A 1 35  ? -14.566 -11.943 -8.873  1.00 17.99 ? 35  LYS A CD  1 
ATOM   255  C CE  . LYS A 1 35  ? -14.165 -13.384 -8.619  1.00 19.86 ? 35  LYS A CE  1 
ATOM   256  N NZ  . LYS A 1 35  ? -15.239 -14.265 -9.200  1.00 17.41 ? 35  LYS A NZ  1 
ATOM   257  N N   . ILE A 1 36  ? -13.276 -6.453  -9.230  1.00 21.68 ? 36  ILE A N   1 
ATOM   258  C CA  . ILE A 1 36  ? -13.906 -5.137  -9.447  1.00 27.09 ? 36  ILE A CA  1 
ATOM   259  C C   . ILE A 1 36  ? -15.394 -5.312  -9.937  1.00 31.17 ? 36  ILE A C   1 
ATOM   260  O O   . ILE A 1 36  ? -16.366 -4.680  -9.415  1.00 33.99 ? 36  ILE A O   1 
ATOM   261  C CB  . ILE A 1 36  ? -13.020 -4.197  -10.341 1.00 26.80 ? 36  ILE A CB  1 
ATOM   262  C CG1 . ILE A 1 36  ? -11.772 -3.836  -9.544  1.00 26.26 ? 36  ILE A CG1 1 
ATOM   263  C CG2 . ILE A 1 36  ? -13.792 -2.899  -10.731 1.00 25.92 ? 36  ILE A CG2 1 
ATOM   264  C CD1 . ILE A 1 36  ? -11.046 -2.677  -9.999  1.00 25.53 ? 36  ILE A CD1 1 
ATOM   265  N N   . GLY A 1 37  ? -15.566 -6.155  -10.938 1.00 33.65 ? 37  GLY A N   1 
ATOM   266  C CA  . GLY A 1 37  ? -16.892 -6.612  -11.296 1.00 35.52 ? 37  GLY A CA  1 
ATOM   267  C C   . GLY A 1 37  ? -16.601 -7.984  -11.845 1.00 37.99 ? 37  GLY A C   1 
ATOM   268  O O   . GLY A 1 37  ? -16.712 -8.994  -11.119 1.00 38.52 ? 37  GLY A O   1 
ATOM   269  N N   . ASN A 1 38  ? -16.100 -8.003  -13.087 1.00 39.15 ? 38  ASN A N   1 
ATOM   270  C CA  . ASN A 1 38  ? -16.240 -9.178  -13.938 1.00 40.32 ? 38  ASN A CA  1 
ATOM   271  C C   . ASN A 1 38  ? -15.115 -10.249 -14.046 1.00 39.63 ? 38  ASN A C   1 
ATOM   272  O O   . ASN A 1 38  ? -15.382 -11.411 -14.423 1.00 40.79 ? 38  ASN A O   1 
ATOM   273  C CB  . ASN A 1 38  ? -16.727 -8.736  -15.316 1.00 41.33 ? 38  ASN A CB  1 
ATOM   274  C CG  . ASN A 1 38  ? -17.969 -9.458  -15.715 1.00 43.41 ? 38  ASN A CG  1 
ATOM   275  O OD1 . ASN A 1 38  ? -18.897 -9.653  -14.887 1.00 45.08 ? 38  ASN A OD1 1 
ATOM   276  N ND2 . ASN A 1 38  ? -18.006 -9.901  -16.968 1.00 45.75 ? 38  ASN A ND2 1 
ATOM   277  N N   . GLU A 1 39  ? -13.885 -9.833  -13.756 1.00 37.76 ? 39  GLU A N   1 
ATOM   278  C CA  . GLU A 1 39  ? -12.706 -10.681 -13.663 1.00 35.32 ? 39  GLU A CA  1 
ATOM   279  C C   . GLU A 1 39  ? -12.956 -11.994 -12.911 1.00 32.88 ? 39  GLU A C   1 
ATOM   280  O O   . GLU A 1 39  ? -13.826 -12.062 -12.023 1.00 32.55 ? 39  GLU A O   1 
ATOM   281  C CB  . GLU A 1 39  ? -11.657 -9.858  -12.916 1.00 36.03 ? 39  GLU A CB  1 
ATOM   282  C CG  . GLU A 1 39  ? -11.809 -8.339  -13.193 1.00 39.98 ? 39  GLU A CG  1 
ATOM   283  C CD  . GLU A 1 39  ? -12.504 -7.554  -12.054 1.00 43.02 ? 39  GLU A CD  1 
ATOM   284  O OE1 . GLU A 1 39  ? -12.073 -7.706  -10.876 1.00 43.39 ? 39  GLU A OE1 1 
ATOM   285  O OE2 . GLU A 1 39  ? -13.440 -6.749  -12.346 1.00 42.19 ? 39  GLU A OE2 1 
ATOM   286  N N   . ALA A 1 40  ? -12.173 -13.017 -13.248 1.00 30.20 ? 40  ALA A N   1 
ATOM   287  C CA  . ALA A 1 40  ? -12.279 -14.364 -12.649 1.00 27.19 ? 40  ALA A CA  1 
ATOM   288  C C   . ALA A 1 40  ? -11.564 -14.523 -11.310 1.00 25.36 ? 40  ALA A C   1 
ATOM   289  O O   . ALA A 1 40  ? -11.955 -15.365 -10.482 1.00 22.60 ? 40  ALA A O   1 
ATOM   290  C CB  . ALA A 1 40  ? -11.725 -15.405 -13.598 1.00 28.44 ? 40  ALA A CB  1 
ATOM   291  N N   . GLU A 1 41  ? -10.503 -13.732 -11.123 1.00 22.89 ? 41  GLU A N   1 
ATOM   292  C CA  . GLU A 1 41  ? -9.683  -13.770 -9.910  1.00 21.21 ? 41  GLU A CA  1 
ATOM   293  C C   . GLU A 1 41  ? -9.690  -12.382 -9.230  1.00 18.81 ? 41  GLU A C   1 
ATOM   294  O O   . GLU A 1 41  ? -9.547  -11.352 -9.927  1.00 18.09 ? 41  GLU A O   1 
ATOM   295  C CB  . GLU A 1 41  ? -8.243  -14.167 -10.235 1.00 21.59 ? 41  GLU A CB  1 
ATOM   296  C CG  . GLU A 1 41  ? -8.108  -15.617 -10.685 1.00 27.01 ? 41  GLU A CG  1 
ATOM   297  C CD  . GLU A 1 41  ? -8.682  -16.572 -9.657  1.00 33.77 ? 41  GLU A CD  1 
ATOM   298  O OE1 . GLU A 1 41  ? -8.513  -16.331 -8.438  1.00 38.79 ? 41  GLU A OE1 1 
ATOM   299  O OE2 . GLU A 1 41  ? -9.308  -17.566 -10.052 1.00 38.00 ? 41  GLU A OE2 1 
ATOM   300  N N   . PRO A 1 42  ? -9.834  -12.368 -7.881  1.00 15.78 ? 42  PRO A N   1 
ATOM   301  C CA  . PRO A 1 42  ? -9.798  -11.123 -7.093  1.00 14.11 ? 42  PRO A CA  1 
ATOM   302  C C   . PRO A 1 42  ? -8.378  -10.503 -7.089  1.00 11.33 ? 42  PRO A C   1 
ATOM   303  O O   . PRO A 1 42  ? -7.483  -11.040 -6.446  1.00 10.51 ? 42  PRO A O   1 
ATOM   304  C CB  . PRO A 1 42  ? -10.178 -11.601 -5.674  1.00 12.62 ? 42  PRO A CB  1 
ATOM   305  C CG  . PRO A 1 42  ? -9.688  -13.043 -5.648  1.00 12.98 ? 42  PRO A CG  1 
ATOM   306  C CD  . PRO A 1 42  ? -9.958  -13.555 -7.012  1.00 15.99 ? 42  PRO A CD  1 
ATOM   307  N N   . ARG A 1 43  ? -8.136  -9.398  -7.818  1.00 10.55 ? 43  ARG A N   1 
ATOM   308  C CA  . ARG A 1 43  ? -6.797  -8.815  -7.774  1.00 7.94  ? 43  ARG A CA  1 
ATOM   309  C C   . ARG A 1 43  ? -6.839  -7.328  -7.432  1.00 8.64  ? 43  ARG A C   1 
ATOM   310  O O   . ARG A 1 43  ? -5.788  -6.692  -7.485  1.00 7.90  ? 43  ARG A O   1 
ATOM   311  C CB  . ARG A 1 43  ? -6.188  -8.906  -9.176  1.00 9.48  ? 43  ARG A CB  1 
ATOM   312  C CG  . ARG A 1 43  ? -5.824  -10.458 -9.592  1.00 10.77 ? 43  ARG A CG  1 
ATOM   313  C CD  . ARG A 1 43  ? -5.329  -10.369 -10.972 1.00 26.64 ? 43  ARG A CD  1 
ATOM   314  N NE  . ARG A 1 43  ? -5.594  -11.591 -11.744 1.00 37.88 ? 43  ARG A NE  1 
ATOM   315  C CZ  . ARG A 1 43  ? -4.847  -12.694 -11.667 1.00 41.91 ? 43  ARG A CZ  1 
ATOM   316  N NH1 . ARG A 1 43  ? -3.808  -12.722 -10.819 1.00 45.17 ? 43  ARG A NH1 1 
ATOM   317  N NH2 . ARG A 1 43  ? -5.140  -13.773 -12.408 1.00 41.08 ? 43  ARG A NH2 1 
ATOM   318  N N   . ALA A 1 44  ? -8.012  -6.795  -7.082  1.00 8.35  ? 44  ALA A N   1 
ATOM   319  C CA  . ALA A 1 44  ? -8.093  -5.368  -6.708  1.00 7.66  ? 44  ALA A CA  1 
ATOM   320  C C   . ALA A 1 44  ? -7.833  -5.352  -5.184  1.00 7.61  ? 44  ALA A C   1 
ATOM   321  O O   . ALA A 1 44  ? -8.425  -6.109  -4.475  1.00 10.04 ? 44  ALA A O   1 
ATOM   322  C CB  . ALA A 1 44  ? -9.541  -4.774  -7.067  1.00 6.91  ? 44  ALA A CB  1 
ATOM   323  N N   . VAL A 1 45  ? -6.989  -4.462  -4.709  1.00 8.55  ? 45  VAL A N   1 
ATOM   324  C CA  . VAL A 1 45  ? -6.773  -4.250  -3.273  1.00 7.33  ? 45  VAL A CA  1 
ATOM   325  C C   . VAL A 1 45  ? -7.918  -3.409  -2.684  1.00 7.92  ? 45  VAL A C   1 
ATOM   326  O O   . VAL A 1 45  ? -8.211  -2.286  -3.124  1.00 8.07  ? 45  VAL A O   1 
ATOM   327  C CB  . VAL A 1 45  ? -5.334  -3.597  -3.020  1.00 8.62  ? 45  VAL A CB  1 
ATOM   328  C CG1 . VAL A 1 45  ? -5.095  -3.325  -1.517  1.00 7.58  ? 45  VAL A CG1 1 
ATOM   329  C CG2 . VAL A 1 45  ? -4.233  -4.511  -3.667  1.00 8.81  ? 45  VAL A CG2 1 
ATOM   330  N N   . VAL A 1 46  ? -8.521  -3.941  -1.604  1.00 7.73  ? 46  VAL A N   1 
ATOM   331  C CA  . VAL A 1 46  ? -9.613  -3.258  -0.936  1.00 7.73  ? 46  VAL A CA  1 
ATOM   332  C C   . VAL A 1 46  ? -9.347  -3.232  0.579   1.00 9.41  ? 46  VAL A C   1 
ATOM   333  O O   . VAL A 1 46  ? -8.497  -3.986  1.103   1.00 9.44  ? 46  VAL A O   1 
ATOM   334  C CB  . VAL A 1 46  ? -10.977 -3.967  -1.115  1.00 8.19  ? 46  VAL A CB  1 
ATOM   335  C CG1 . VAL A 1 46  ? -11.453 -3.859  -2.611  1.00 9.95  ? 46  VAL A CG1 1 
ATOM   336  C CG2 . VAL A 1 46  ? -11.011 -5.452  -0.545  1.00 5.90  ? 46  VAL A CG2 1 
ATOM   337  N N   . LEU A 1 47  ? -10.049 -2.330  1.241   1.00 9.16  ? 47  LEU A N   1 
ATOM   338  C CA  . LEU A 1 47  ? -10.128 -2.320  2.699   1.00 8.74  ? 47  LEU A CA  1 
ATOM   339  C C   . LEU A 1 47  ? -11.476 -2.886  3.077   1.00 8.72  ? 47  LEU A C   1 
ATOM   340  O O   . LEU A 1 47  ? -12.533 -2.332  2.710   1.00 9.14  ? 47  LEU A O   1 
ATOM   341  C CB  . LEU A 1 47  ? -9.996  -0.874  3.236   1.00 9.30  ? 47  LEU A CB  1 
ATOM   342  C CG  . LEU A 1 47  ? -9.656  -0.624  4.668   1.00 17.62 ? 47  LEU A CG  1 
ATOM   343  C CD1 . LEU A 1 47  ? -8.284  -1.219  5.027   1.00 18.93 ? 47  LEU A CD1 1 
ATOM   344  C CD2 . LEU A 1 47  ? -9.618  0.941   4.710   1.00 20.79 ? 47  LEU A CD2 1 
ATOM   345  N N   . ASP A 1 48  ? -11.428 -4.005  3.813   1.00 5.26  ? 48  ASP A N   1 
ATOM   346  C CA  . ASP A 1 48  ? -12.667 -4.814  4.017   1.00 6.50  ? 48  ASP A CA  1 
ATOM   347  C C   . ASP A 1 48  ? -12.906 -4.966  5.525   1.00 4.89  ? 48  ASP A C   1 
ATOM   348  O O   . ASP A 1 48  ? -12.042 -5.452  6.217   1.00 5.72  ? 48  ASP A O   1 
ATOM   349  C CB  . ASP A 1 48  ? -12.473 -6.163  3.348   1.00 4.85  ? 48  ASP A CB  1 
ATOM   350  C CG  . ASP A 1 48  ? -13.717 -7.006  3.315   1.00 12.02 ? 48  ASP A CG  1 
ATOM   351  O OD1 . ASP A 1 48  ? -14.669 -6.820  4.113   1.00 8.70  ? 48  ASP A OD1 1 
ATOM   352  O OD2 . ASP A 1 48  ? -13.646 -7.937  2.518   1.00 13.38 ? 48  ASP A OD2 1 
ATOM   353  N N   . PRO A 1 49  ? -14.041 -4.462  6.020   1.00 5.84  ? 49  PRO A N   1 
ATOM   354  C CA  . PRO A 1 49  ? -14.414 -4.621  7.418   1.00 6.42  ? 49  PRO A CA  1 
ATOM   355  C C   . PRO A 1 49  ? -14.340 -6.107  7.869   1.00 5.92  ? 49  PRO A C   1 
ATOM   356  O O   . PRO A 1 49  ? -13.975 -6.385  9.029   1.00 5.36  ? 49  PRO A O   1 
ATOM   357  C CB  . PRO A 1 49  ? -15.850 -4.143  7.463   1.00 6.98  ? 49  PRO A CB  1 
ATOM   358  C CG  . PRO A 1 49  ? -16.268 -3.983  6.000   1.00 10.17 ? 49  PRO A CG  1 
ATOM   359  C CD  . PRO A 1 49  ? -15.039 -3.670  5.262   1.00 8.36  ? 49  PRO A CD  1 
ATOM   360  N N   . HIS A 1 50  ? -14.611 -7.047  6.954   1.00 2.71  ? 50  HIS A N   1 
ATOM   361  C CA  . HIS A 1 50  ? -14.627 -8.473  7.311   1.00 3.53  ? 50  HIS A CA  1 
ATOM   362  C C   . HIS A 1 50  ? -13.279 -9.131  7.382   1.00 3.32  ? 50  HIS A C   1 
ATOM   363  O O   . HIS A 1 50  ? -13.217 -10.295 7.814   1.00 3.42  ? 50  HIS A O   1 
ATOM   364  C CB  . HIS A 1 50  ? -15.580 -9.227  6.354   1.00 2.62  ? 50  HIS A CB  1 
ATOM   365  C CG  . HIS A 1 50  ? -16.963 -8.676  6.409   1.00 2.00  ? 50  HIS A CG  1 
ATOM   366  N ND1 . HIS A 1 50  ? -17.765 -8.869  7.489   1.00 2.00  ? 50  HIS A ND1 1 
ATOM   367  C CD2 . HIS A 1 50  ? -17.667 -7.880  5.545   1.00 2.00  ? 50  HIS A CD2 1 
ATOM   368  C CE1 . HIS A 1 50  ? -18.943 -8.288  7.294   1.00 2.00  ? 50  HIS A CE1 1 
ATOM   369  N NE2 . HIS A 1 50  ? -18.885 -7.636  6.147   1.00 2.00  ? 50  HIS A NE2 1 
ATOM   370  N N   . HIS A 1 51  ? -12.223 -8.410  7.013   1.00 5.40  ? 51  HIS A N   1 
ATOM   371  C CA  . HIS A 1 51  ? -10.880 -9.042  7.047   1.00 6.80  ? 51  HIS A CA  1 
ATOM   372  C C   . HIS A 1 51  ? -9.970  -8.194  7.921   1.00 7.88  ? 51  HIS A C   1 
ATOM   373  O O   . HIS A 1 51  ? -9.203  -7.397  7.450   1.00 8.37  ? 51  HIS A O   1 
ATOM   374  C CB  . HIS A 1 51  ? -10.297 -9.263  5.618   1.00 6.34  ? 51  HIS A CB  1 
ATOM   375  C CG  . HIS A 1 51  ? -11.052 -10.305 4.834   1.00 8.06  ? 51  HIS A CG  1 
ATOM   376  N ND1 . HIS A 1 51  ? -10.880 -11.656 5.021   1.00 12.88 ? 51  HIS A ND1 1 
ATOM   377  C CD2 . HIS A 1 51  ? -12.086 -10.178 3.980   1.00 9.02  ? 51  HIS A CD2 1 
ATOM   378  C CE1 . HIS A 1 51  ? -11.737 -12.326 4.270   1.00 11.65 ? 51  HIS A CE1 1 
ATOM   379  N NE2 . HIS A 1 51  ? -12.474 -11.441 3.618   1.00 11.28 ? 51  HIS A NE2 1 
ATOM   380  N N   . ARG A 1 52  ? -9.996  -8.474  9.209   1.00 8.03  ? 52  ARG A N   1 
ATOM   381  C CA  . ARG A 1 52  ? -9.080  -7.820  10.146  1.00 10.93 ? 52  ARG A CA  1 
ATOM   382  C C   . ARG A 1 52  ? -8.219  -8.924  10.772  1.00 11.76 ? 52  ARG A C   1 
ATOM   383  O O   . ARG A 1 52  ? -8.787  -9.973  11.125  1.00 11.41 ? 52  ARG A O   1 
ATOM   384  C CB  . ARG A 1 52  ? -9.872  -7.126  11.267  1.00 11.95 ? 52  ARG A CB  1 
ATOM   385  C CG  . ARG A 1 52  ? -10.851 -6.076  10.728  1.00 13.70 ? 52  ARG A CG  1 
ATOM   386  C CD  . ARG A 1 52  ? -11.964 -5.756  11.843  1.00 14.35 ? 52  ARG A CD  1 
ATOM   387  N NE  . ARG A 1 52  ? -12.600 -6.889  12.588  1.00 29.59 ? 52  ARG A NE  1 
ATOM   388  C CZ  . ARG A 1 52  ? -13.377 -7.818  12.024  1.00 29.53 ? 52  ARG A CZ  1 
ATOM   389  N NH1 . ARG A 1 52  ? -13.591 -7.750  10.719  1.00 34.05 ? 52  ARG A NH1 1 
ATOM   390  N NH2 . ARG A 1 52  ? -13.952 -8.805  12.729  1.00 23.96 ? 52  ARG A NH2 1 
ATOM   391  N N   . PRO A 1 53  ? -6.871  -8.717  10.893  1.00 10.60 ? 53  PRO A N   1 
ATOM   392  C CA  . PRO A 1 53  ? -6.017  -7.546  10.570  1.00 10.79 ? 53  PRO A CA  1 
ATOM   393  C C   . PRO A 1 53  ? -5.931  -7.260  9.057   1.00 9.63  ? 53  PRO A C   1 
ATOM   394  O O   . PRO A 1 53  ? -5.429  -6.220  8.670   1.00 11.32 ? 53  PRO A O   1 
ATOM   395  C CB  . PRO A 1 53  ? -4.685  -7.845  11.270  1.00 10.03 ? 53  PRO A CB  1 
ATOM   396  C CG  . PRO A 1 53  ? -4.615  -9.323  11.148  1.00 9.94  ? 53  PRO A CG  1 
ATOM   397  C CD  . PRO A 1 53  ? -6.044  -9.801  11.433  1.00 13.90 ? 53  PRO A CD  1 
ATOM   398  N N   . GLY A 1 54  ? -6.405  -8.157  8.191   1.00 10.93 ? 54  GLY A N   1 
ATOM   399  C CA  . GLY A 1 54  ? -5.908  -8.348  6.824   1.00 10.12 ? 54  GLY A CA  1 
ATOM   400  C C   . GLY A 1 54  ? -4.579  -8.868  6.354   1.00 10.13 ? 54  GLY A C   1 
ATOM   401  O O   . GLY A 1 54  ? -3.837  -9.456  7.104   1.00 7.84  ? 54  GLY A O   1 
ATOM   402  N N   . LEU A 1 55  ? -4.355  -8.695  5.051   1.00 8.54  ? 55  LEU A N   1 
ATOM   403  C CA  . LEU A 1 55  ? -3.161  -9.277  4.374   1.00 8.51  ? 55  LEU A CA  1 
ATOM   404  C C   . LEU A 1 55  ? -2.027  -8.360  4.731   1.00 8.40  ? 55  LEU A C   1 
ATOM   405  O O   . LEU A 1 55  ? -2.118  -7.180  4.473   1.00 9.27  ? 55  LEU A O   1 
ATOM   406  C CB  . LEU A 1 55  ? -3.330  -9.291  2.852   1.00 9.17  ? 55  LEU A CB  1 
ATOM   407  C CG  . LEU A 1 55  ? -4.390  -10.318 2.380   1.00 8.52  ? 55  LEU A CG  1 
ATOM   408  C CD1 . LEU A 1 55  ? -4.517  -10.080 0.893   1.00 9.54  ? 55  LEU A CD1 1 
ATOM   409  C CD2 . LEU A 1 55  ? -4.011  -11.766 2.731   1.00 14.99 ? 55  LEU A CD2 1 
ATOM   410  N N   . PRO A 1 56  ? -0.966  -8.894  5.358   1.00 10.18 ? 56  PRO A N   1 
ATOM   411  C CA  . PRO A 1 56  ? 0.092   -7.926  5.660   1.00 9.66  ? 56  PRO A CA  1 
ATOM   412  C C   . PRO A 1 56  ? 0.978   -7.664  4.409   1.00 7.48  ? 56  PRO A C   1 
ATOM   413  O O   . PRO A 1 56  ? 1.059   -8.492  3.437   1.00 7.36  ? 56  PRO A O   1 
ATOM   414  C CB  . PRO A 1 56  ? 0.917   -8.645  6.744   1.00 10.13 ? 56  PRO A CB  1 
ATOM   415  C CG  . PRO A 1 56  ? 0.860   -10.067 6.313   1.00 8.98  ? 56  PRO A CG  1 
ATOM   416  C CD  . PRO A 1 56  ? -0.624  -10.246 5.872   1.00 7.70  ? 56  PRO A CD  1 
ATOM   417  N N   . VAL A 1 57  ? 1.679   -6.551  4.471   1.00 9.15  ? 57  VAL A N   1 
ATOM   418  C CA  . VAL A 1 57  ? 2.542   -6.153  3.405   1.00 9.27  ? 57  VAL A CA  1 
ATOM   419  C C   . VAL A 1 57  ? 4.032   -6.002  3.779   1.00 9.07  ? 57  VAL A C   1 
ATOM   420  O O   . VAL A 1 57  ? 4.393   -5.873  4.956   1.00 10.69 ? 57  VAL A O   1 
ATOM   421  C CB  . VAL A 1 57  ? 2.099   -4.765  2.807   1.00 10.85 ? 57  VAL A CB  1 
ATOM   422  C CG1 . VAL A 1 57  ? 0.647   -4.905  2.206   1.00 11.16 ? 57  VAL A CG1 1 
ATOM   423  C CG2 . VAL A 1 57  ? 2.268   -3.635  3.856   1.00 10.81 ? 57  VAL A CG2 1 
ATOM   424  N N   . ARG A 1 58  ? 4.860   -6.027  2.733   1.00 8.26  ? 58  ARG A N   1 
ATOM   425  C CA  . ARG A 1 58  ? 6.296   -5.699  2.827   1.00 7.73  ? 58  ARG A CA  1 
ATOM   426  C C   . ARG A 1 58  ? 6.589   -4.499  1.922   1.00 9.01  ? 58  ARG A C   1 
ATOM   427  O O   . ARG A 1 58  ? 6.062   -4.394  0.796   1.00 9.00  ? 58  ARG A O   1 
ATOM   428  C CB  . ARG A 1 58  ? 7.126   -6.926  2.325   1.00 8.16  ? 58  ARG A CB  1 
ATOM   429  C CG  . ARG A 1 58  ? 6.931   -8.157  3.224   1.00 8.06  ? 58  ARG A CG  1 
ATOM   430  C CD  . ARG A 1 58  ? 7.602   -9.487  2.646   1.00 11.11 ? 58  ARG A CD  1 
ATOM   431  N NE  . ARG A 1 58  ? 7.214   -10.626 3.507   1.00 13.19 ? 58  ARG A NE  1 
ATOM   432  C CZ  . ARG A 1 58  ? 7.844   -10.993 4.611   1.00 13.22 ? 58  ARG A CZ  1 
ATOM   433  N NH1 . ARG A 1 58  ? 8.931   -10.328 5.035   1.00 14.24 ? 58  ARG A NH1 1 
ATOM   434  N NH2 . ARG A 1 58  ? 7.394   -12.051 5.275   1.00 12.96 ? 58  ARG A NH2 1 
ATOM   435  N N   . PHE A 1 59  ? 7.472   -3.627  2.396   1.00 7.02  ? 59  PHE A N   1 
ATOM   436  C CA  . PHE A 1 59  ? 7.819   -2.400  1.716   1.00 8.50  ? 59  PHE A CA  1 
ATOM   437  C C   . PHE A 1 59  ? 9.250   -2.595  1.255   1.00 8.52  ? 59  PHE A C   1 
ATOM   438  O O   . PHE A 1 59  ? 10.069  -2.955  2.077   1.00 10.08 ? 59  PHE A O   1 
ATOM   439  C CB  . PHE A 1 59  ? 7.831   -1.276  2.732   1.00 6.38  ? 59  PHE A CB  1 
ATOM   440  C CG  . PHE A 1 59  ? 6.457   -0.998  3.371   1.00 7.54  ? 59  PHE A CG  1 
ATOM   441  C CD1 . PHE A 1 59  ? 5.500   -0.195  2.684   1.00 13.24 ? 59  PHE A CD1 1 
ATOM   442  C CD2 . PHE A 1 59  ? 6.175   -1.472  4.703   1.00 10.52 ? 59  PHE A CD2 1 
ATOM   443  C CE1 . PHE A 1 59  ? 4.231   0.027   3.281   1.00 11.68 ? 59  PHE A CE1 1 
ATOM   444  C CE2 . PHE A 1 59  ? 4.947   -1.244  5.296   1.00 9.97  ? 59  PHE A CE2 1 
ATOM   445  C CZ  . PHE A 1 59  ? 3.979   -0.508  4.574   1.00 11.95 ? 59  PHE A CZ  1 
ATOM   446  N N   . GLU A 1 60  ? 9.508   -2.417  -0.033  1.00 8.57  ? 60  GLU A N   1 
ATOM   447  C CA  . GLU A 1 60  ? 10.792  -2.790  -0.584  1.00 8.27  ? 60  GLU A CA  1 
ATOM   448  C C   . GLU A 1 60  ? 11.404  -1.641  -1.329  1.00 6.83  ? 60  GLU A C   1 
ATOM   449  O O   . GLU A 1 60  ? 10.781  -1.062  -2.226  1.00 5.94  ? 60  GLU A O   1 
ATOM   450  C CB  . GLU A 1 60  ? 10.604  -3.953  -1.543  1.00 8.43  ? 60  GLU A CB  1 
ATOM   451  C CG  . GLU A 1 60  ? 10.078  -5.226  -0.753  1.00 13.00 ? 60  GLU A CG  1 
ATOM   452  C CD  . GLU A 1 60  ? 9.904   -6.472  -1.659  1.00 17.80 ? 60  GLU A CD  1 
ATOM   453  O OE1 . GLU A 1 60  ? 9.866   -6.281  -2.937  1.00 22.04 ? 60  GLU A OE1 1 
ATOM   454  O OE2 . GLU A 1 60  ? 9.793   -7.600  -1.008  1.00 23.79 ? 60  GLU A OE2 1 
ATOM   455  N N   . SER A 1 61  ? 12.699  -1.436  -1.052  1.00 6.61  ? 61  SER A N   1 
ATOM   456  C CA  . SER A 1 61  ? 13.551  -0.476  -1.829  1.00 4.92  ? 61  SER A CA  1 
ATOM   457  C C   . SER A 1 61  ? 14.795  -1.253  -2.254  1.00 4.06  ? 61  SER A C   1 
ATOM   458  O O   . SER A 1 61  ? 15.339  -2.074  -1.462  1.00 4.47  ? 61  SER A O   1 
ATOM   459  C CB  . SER A 1 61  ? 13.944  0.695   -0.900  1.00 3.76  ? 61  SER A CB  1 
ATOM   460  O OG  . SER A 1 61  ? 15.028  1.434   -1.470  1.00 4.08  ? 61  SER A OG  1 
ATOM   461  N N   . PRO A 1 62  ? 15.280  -0.988  -3.458  1.00 4.04  ? 62  PRO A N   1 
ATOM   462  C CA  . PRO A 1 62  ? 16.539  -1.623  -3.934  1.00 5.18  ? 62  PRO A CA  1 
ATOM   463  C C   . PRO A 1 62  ? 17.791  -0.969  -3.334  1.00 5.33  ? 62  PRO A C   1 
ATOM   464  O O   . PRO A 1 62  ? 18.875  -1.447  -3.624  1.00 3.93  ? 62  PRO A O   1 
ATOM   465  C CB  . PRO A 1 62  ? 16.526  -1.393  -5.468  1.00 3.30  ? 62  PRO A CB  1 
ATOM   466  C CG  . PRO A 1 62  ? 15.744  -0.172  -5.670  1.00 4.29  ? 62  PRO A CG  1 
ATOM   467  C CD  . PRO A 1 62  ? 14.699  -0.090  -4.477  1.00 3.28  ? 62  PRO A CD  1 
ATOM   468  N N   . LEU A 1 63  ? 17.616  0.084   -2.495  1.00 2.59  ? 63  LEU A N   1 
ATOM   469  C CA  . LEU A 1 63  ? 18.743  0.651   -1.752  1.00 3.51  ? 63  LEU A CA  1 
ATOM   470  C C   . LEU A 1 63  ? 19.294  -0.335  -0.741  1.00 3.97  ? 63  LEU A C   1 
ATOM   471  O O   . LEU A 1 63  ? 18.551  -1.222  -0.281  1.00 4.83  ? 63  LEU A O   1 
ATOM   472  C CB  . LEU A 1 63  ? 18.313  1.939   -1.046  1.00 2.00  ? 63  LEU A CB  1 
ATOM   473  C CG  . LEU A 1 63  ? 17.844  3.064   -1.970  1.00 5.84  ? 63  LEU A CG  1 
ATOM   474  C CD1 . LEU A 1 63  ? 17.203  4.249   -1.166  1.00 7.50  ? 63  LEU A CD1 1 
ATOM   475  C CD2 . LEU A 1 63  ? 19.060  3.530   -2.848  1.00 9.75  ? 63  LEU A CD2 1 
ATOM   476  N N   A ARG A 1 64  ? 20.596  -0.278  -0.379  0.60 2.96  ? 64  ARG A N   1 
ATOM   477  N N   B ARG A 1 64  ? 20.580  -0.127  -0.432  0.40 2.61  ? 64  ARG A N   1 
ATOM   478  C CA  A ARG A 1 64  ? 21.195  -1.369  0.483   0.60 4.99  ? 64  ARG A CA  1 
ATOM   479  C CA  B ARG A 1 64  ? 21.354  -0.979  0.424   0.40 3.70  ? 64  ARG A CA  1 
ATOM   480  C C   A ARG A 1 64  ? 20.674  -1.361  1.979   0.60 6.01  ? 64  ARG A C   1 
ATOM   481  C C   B ARG A 1 64  ? 21.253  -0.408  1.868   0.40 3.91  ? 64  ARG A C   1 
ATOM   482  O O   A ARG A 1 64  ? 20.803  -2.296  2.766   0.60 9.28  ? 64  ARG A O   1 
ATOM   483  O O   B ARG A 1 64  ? 22.211  0.025   2.460   0.40 2.00  ? 64  ARG A O   1 
ATOM   484  C CB  A ARG A 1 64  ? 22.741  -1.261  0.362   0.60 4.96  ? 64  ARG A CB  1 
ATOM   485  C CB  B ARG A 1 64  ? 22.779  -0.952  -0.122  0.40 3.23  ? 64  ARG A CB  1 
ATOM   486  C CG  A ARG A 1 64  ? 23.543  -2.486  0.664   0.60 3.44  ? 64  ARG A CG  1 
ATOM   487  C CG  B ARG A 1 64  ? 23.413  -2.253  -0.289  0.40 2.72  ? 64  ARG A CG  1 
ATOM   488  C CD  A ARG A 1 64  ? 24.845  -2.526  -0.121  0.60 2.00  ? 64  ARG A CD  1 
ATOM   489  C CD  B ARG A 1 64  ? 24.784  -1.994  -0.790  0.40 9.42  ? 64  ARG A CD  1 
ATOM   490  N NE  A ARG A 1 64  ? 25.679  -1.353  0.185   0.60 2.00  ? 64  ARG A NE  1 
ATOM   491  N NE  B ARG A 1 64  ? 25.824  -2.651  -0.029  0.40 11.40 ? 64  ARG A NE  1 
ATOM   492  C CZ  A ARG A 1 64  ? 26.908  -1.418  0.705   0.60 3.48  ? 64  ARG A CZ  1 
ATOM   493  C CZ  B ARG A 1 64  ? 26.754  -2.045  0.702   0.40 12.40 ? 64  ARG A CZ  1 
ATOM   494  N NH1 A ARG A 1 64  ? 27.493  -2.622  0.922   0.60 2.00  ? 64  ARG A NH1 1 
ATOM   495  N NH1 B ARG A 1 64  ? 26.807  -0.705  0.843   0.40 12.99 ? 64  ARG A NH1 1 
ATOM   496  N NH2 A ARG A 1 64  ? 27.551  -0.279  1.003   0.60 2.00  ? 64  ARG A NH2 1 
ATOM   497  N NH2 B ARG A 1 64  ? 27.639  -2.810  1.302   0.40 10.38 ? 64  ARG A NH2 1 
ATOM   498  N N   . ILE A 1 65  ? 20.018  -0.304  2.343   1.00 6.20  ? 65  ILE A N   1 
ATOM   499  C CA  . ILE A 1 65  ? 19.691  -0.009  3.731   1.00 8.49  ? 65  ILE A CA  1 
ATOM   500  C C   . ILE A 1 65  ? 18.563  -0.965  4.227   1.00 8.83  ? 65  ILE A C   1 
ATOM   501  O O   . ILE A 1 65  ? 17.773  -1.495  3.440   1.00 9.37  ? 65  ILE A O   1 
ATOM   502  C CB  . ILE A 1 65  ? 19.330  1.485   3.823   1.00 10.11 ? 65  ILE A CB  1 
ATOM   503  C CG1 . ILE A 1 65  ? 19.070  1.933   5.283   1.00 15.03 ? 65  ILE A CG1 1 
ATOM   504  C CG2 . ILE A 1 65  ? 18.097  1.845   2.931   1.00 9.62  ? 65  ILE A CG2 1 
ATOM   505  C CD1 . ILE A 1 65  ? 19.332  3.443   5.545   1.00 12.61 ? 65  ILE A CD1 1 
ATOM   506  N N   . ASN A 1 66  ? 18.573  -1.308  5.533   1.00 8.04  ? 66  ASN A N   1 
ATOM   507  C CA  . ASN A 1 66  ? 17.633  -2.321  6.009   1.00 7.87  ? 66  ASN A CA  1 
ATOM   508  C C   . ASN A 1 66  ? 16.350  -1.692  6.609   1.00 9.11  ? 66  ASN A C   1 
ATOM   509  O O   . ASN A 1 66  ? 15.495  -2.397  7.144   1.00 6.92  ? 66  ASN A O   1 
ATOM   510  C CB  . ASN A 1 66  ? 18.329  -3.246  7.046   1.00 11.23 ? 66  ASN A CB  1 
ATOM   511  C CG  . ASN A 1 66  ? 18.837  -2.475  8.270   1.00 10.21 ? 66  ASN A CG  1 
ATOM   512  O OD1 . ASN A 1 66  ? 18.631  -1.238  8.398   1.00 11.69 ? 66  ASN A OD1 1 
ATOM   513  N ND2 . ASN A 1 66  ? 19.524  -3.188  9.176   1.00 17.28 ? 66  ASN A ND2 1 
ATOM   514  N N   . ILE A 1 67  ? 16.199  -0.365  6.474   1.00 8.59  ? 67  ILE A N   1 
ATOM   515  C CA  . ILE A 1 67  ? 14.986  0.350   6.961   1.00 8.94  ? 67  ILE A CA  1 
ATOM   516  C C   . ILE A 1 67  ? 14.424  1.255   5.825   1.00 9.59  ? 67  ILE A C   1 
ATOM   517  O O   . ILE A 1 67  ? 15.081  1.409   4.792   1.00 12.07 ? 67  ILE A O   1 
ATOM   518  C CB  . ILE A 1 67  ? 15.244  1.109   8.315   1.00 9.08  ? 67  ILE A CB  1 
ATOM   519  C CG1 . ILE A 1 67  ? 16.386  2.052   8.147   1.00 11.74 ? 67  ILE A CG1 1 
ATOM   520  C CG2 . ILE A 1 67  ? 15.519  0.060   9.401   1.00 8.92  ? 67  ILE A CG2 1 
ATOM   521  C CD1 . ILE A 1 67  ? 15.922  3.390   7.542   1.00 19.09 ? 67  ILE A CD1 1 
ATOM   522  N N   . ILE A 1 68  ? 13.199  1.766   5.999   1.00 7.90  ? 68  ILE A N   1 
ATOM   523  C CA  A ILE A 1 68  ? 12.506  2.556   4.994   0.50 8.92  ? 68  ILE A CA  1 
ATOM   524  C CA  B ILE A 1 68  ? 12.635  2.601   4.950   0.50 8.77  ? 68  ILE A CA  1 
ATOM   525  C C   . ILE A 1 68  ? 12.393  3.991   5.497   1.00 9.60  ? 68  ILE A C   1 
ATOM   526  O O   . ILE A 1 68  ? 12.092  4.195   6.688   1.00 9.53  ? 68  ILE A O   1 
ATOM   527  C CB  A ILE A 1 68  ? 11.059  1.927   4.670   0.50 8.95  ? 68  ILE A CB  1 
ATOM   528  C CB  B ILE A 1 68  ? 11.339  1.998   4.231   0.50 9.35  ? 68  ILE A CB  1 
ATOM   529  C CG1 A ILE A 1 68  ? 11.185  0.443   4.180   0.50 9.68  ? 68  ILE A CG1 1 
ATOM   530  C CG1 B ILE A 1 68  ? 10.170  1.978   5.203   0.50 6.85  ? 68  ILE A CG1 1 
ATOM   531  C CG2 A ILE A 1 68  ? 10.239  2.825   3.690   0.50 7.25  ? 68  ILE A CG2 1 
ATOM   532  C CG2 B ILE A 1 68  ? 11.602  0.573   3.606   0.50 8.78  ? 68  ILE A CG2 1 
ATOM   533  C CD1 A ILE A 1 68  ? 11.935  0.214   2.845   0.50 5.87  ? 68  ILE A CD1 1 
ATOM   534  C CD1 B ILE A 1 68  ? 8.766   1.819   4.537   0.50 9.00  ? 68  ILE A CD1 1 
ATOM   535  N N   . LYS A 1 69  ? 12.554  4.946   4.579   1.00 9.11  ? 69  LYS A N   1 
ATOM   536  C CA  . LYS A 1 69  ? 12.359  6.349   4.858   1.00 9.75  ? 69  LYS A CA  1 
ATOM   537  C C   . LYS A 1 69  ? 11.305  6.845   3.914   1.00 8.65  ? 69  LYS A C   1 
ATOM   538  O O   . LYS A 1 69  ? 11.039  6.236   2.827   1.00 8.92  ? 69  LYS A O   1 
ATOM   539  C CB  . LYS A 1 69  ? 13.675  7.132   4.636   1.00 10.14 ? 69  LYS A CB  1 
ATOM   540  C CG  . LYS A 1 69  ? 14.860  6.601   5.538   1.00 10.04 ? 69  LYS A CG  1 
ATOM   541  C CD  . LYS A 1 69  ? 16.042  7.556   5.435   1.00 10.22 ? 69  LYS A CD  1 
ATOM   542  C CE  . LYS A 1 69  ? 17.222  7.065   6.249   1.00 13.65 ? 69  LYS A CE  1 
ATOM   543  N NZ  . LYS A 1 69  ? 18.340  8.063   6.012   1.00 12.00 ? 69  LYS A NZ  1 
ATOM   544  N N   . GLU A 1 70  ? 10.686  7.953   4.319   1.00 7.55  ? 70  GLU A N   1 
ATOM   545  C CA  . GLU A 1 70  ? 9.615   8.555   3.522   1.00 7.85  ? 70  GLU A CA  1 
ATOM   546  C C   . GLU A 1 70  ? 10.063  9.039   2.141   1.00 7.78  ? 70  GLU A C   1 
ATOM   547  O O   . GLU A 1 70  ? 9.207   9.139   1.252   1.00 10.05 ? 70  GLU A O   1 
ATOM   548  C CB  . GLU A 1 70  ? 8.982   9.821   4.253   1.00 5.16  ? 70  GLU A CB  1 
ATOM   549  C CG  . GLU A 1 70  ? 8.302   9.369   5.550   1.00 5.96  ? 70  GLU A CG  1 
ATOM   550  C CD  . GLU A 1 70  ? 7.636   10.513  6.275   1.00 9.42  ? 70  GLU A CD  1 
ATOM   551  O OE1 . GLU A 1 70  ? 7.041   11.394  5.575   1.00 10.02 ? 70  GLU A OE1 1 
ATOM   552  O OE2 . GLU A 1 70  ? 7.739   10.482  7.525   1.00 13.85 ? 70  GLU A OE2 1 
ATOM   553  N N   . SER A 1 71  ? 11.350  9.335   1.976   1.00 6.73  ? 71  SER A N   1 
ATOM   554  C CA  . SER A 1 71  ? 11.909  9.702   0.661   1.00 6.51  ? 71  SER A CA  1 
ATOM   555  C C   . SER A 1 71  ? 12.048  8.503   -0.404  1.00 6.14  ? 71  SER A C   1 
ATOM   556  O O   . SER A 1 71  ? 12.243  8.777   -1.583  1.00 7.89  ? 71  SER A O   1 
ATOM   557  C CB  . SER A 1 71  ? 13.291  10.371  0.838   1.00 6.52  ? 71  SER A CB  1 
ATOM   558  O OG  . SER A 1 71  ? 14.108  9.528   1.695   1.00 11.04 ? 71  SER A OG  1 
ATOM   559  N N   . TYR A 1 72  ? 11.968  7.257   0.021   1.00 6.85  ? 72  TYR A N   1 
ATOM   560  C CA  . TYR A 1 72  ? 12.303  6.107   -0.845  1.00 6.47  ? 72  TYR A CA  1 
ATOM   561  C C   . TYR A 1 72  ? 11.164  5.767   -1.734  1.00 5.19  ? 72  TYR A C   1 
ATOM   562  O O   . TYR A 1 72  ? 10.043  5.667   -1.213  1.00 6.16  ? 72  TYR A O   1 
ATOM   563  C CB  . TYR A 1 72  ? 12.642  4.875   0.012   1.00 7.42  ? 72  TYR A CB  1 
ATOM   564  C CG  . TYR A 1 72  ? 13.913  5.007   0.811   1.00 5.54  ? 72  TYR A CG  1 
ATOM   565  C CD1 . TYR A 1 72  ? 14.780  6.134   0.665   1.00 3.57  ? 72  TYR A CD1 1 
ATOM   566  C CD2 . TYR A 1 72  ? 14.233  3.999   1.762   1.00 7.62  ? 72  TYR A CD2 1 
ATOM   567  C CE1 . TYR A 1 72  ? 15.944  6.236   1.463   1.00 8.82  ? 72  TYR A CE1 1 
ATOM   568  C CE2 . TYR A 1 72  ? 15.405  4.118   2.541   1.00 8.19  ? 72  TYR A CE2 1 
ATOM   569  C CZ  . TYR A 1 72  ? 16.236  5.200   2.378   1.00 7.92  ? 72  TYR A CZ  1 
ATOM   570  O OH  . TYR A 1 72  ? 17.369  5.225   3.171   1.00 8.05  ? 72  TYR A OH  1 
ATOM   571  N N   . PHE A 1 73  ? 11.401  5.572   -3.043  1.00 5.17  ? 73  PHE A N   1 
ATOM   572  C CA  . PHE A 1 73  ? 10.354  4.898   -3.829  1.00 6.50  ? 73  PHE A CA  1 
ATOM   573  C C   . PHE A 1 73  ? 10.319  3.431   -3.389  1.00 5.61  ? 73  PHE A C   1 
ATOM   574  O O   . PHE A 1 73  ? 11.399  2.825   -3.191  1.00 8.31  ? 73  PHE A O   1 
ATOM   575  C CB  . PHE A 1 73  ? 10.671  4.987   -5.332  1.00 6.47  ? 73  PHE A CB  1 
ATOM   576  C CG  . PHE A 1 73  ? 10.490  6.364   -5.873  1.00 9.42  ? 73  PHE A CG  1 
ATOM   577  C CD1 . PHE A 1 73  ? 9.180   6.877   -6.120  1.00 11.12 ? 73  PHE A CD1 1 
ATOM   578  C CD2 . PHE A 1 73  ? 11.596  7.177   -6.017  1.00 8.59  ? 73  PHE A CD2 1 
ATOM   579  C CE1 . PHE A 1 73  ? 8.962   8.240   -6.627  1.00 12.75 ? 73  PHE A CE1 1 
ATOM   580  C CE2 . PHE A 1 73  ? 11.412  8.568   -6.467  1.00 11.93 ? 73  PHE A CE2 1 
ATOM   581  C CZ  . PHE A 1 73  ? 10.091  9.075   -6.753  1.00 12.83 ? 73  PHE A CZ  1 
ATOM   582  N N   . LEU A 1 74  ? 9.110   2.874   -3.285  1.00 4.26  ? 74  LEU A N   1 
ATOM   583  C CA  . LEU A 1 74  ? 8.835   1.550   -2.760  1.00 4.98  ? 74  LEU A CA  1 
ATOM   584  C C   . LEU A 1 74  ? 7.974   0.767   -3.699  1.00 6.32  ? 74  LEU A C   1 
ATOM   585  O O   . LEU A 1 74  ? 7.000   1.281   -4.277  1.00 6.87  ? 74  LEU A O   1 
ATOM   586  C CB  . LEU A 1 74  ? 8.039   1.595   -1.414  1.00 5.60  ? 74  LEU A CB  1 
ATOM   587  C CG  . LEU A 1 74  ? 8.652   2.489   -0.365  1.00 2.90  ? 74  LEU A CG  1 
ATOM   588  C CD1 . LEU A 1 74  ? 7.705   2.572   0.834   1.00 6.16  ? 74  LEU A CD1 1 
ATOM   589  C CD2 . LEU A 1 74  ? 10.070  1.971   0.071   1.00 4.67  ? 74  LEU A CD2 1 
ATOM   590  N N   . ASN A 1 75  ? 8.326   -0.543  -3.798  1.00 6.17  ? 75  ASN A N   1 
ATOM   591  C CA  . ASN A 1 75  ? 7.311   -1.553  -4.067  1.00 5.66  ? 75  ASN A CA  1 
ATOM   592  C C   . ASN A 1 75  ? 6.636   -1.998  -2.791  1.00 7.92  ? 75  ASN A C   1 
ATOM   593  O O   . ASN A 1 75  ? 7.217   -2.035  -1.745  1.00 7.73  ? 75  ASN A O   1 
ATOM   594  C CB  . ASN A 1 75  ? 7.930   -2.788  -4.796  1.00 6.00  ? 75  ASN A CB  1 
ATOM   595  C CG  . ASN A 1 75  ? 8.274   -2.447  -6.223  1.00 8.45  ? 75  ASN A CG  1 
ATOM   596  O OD1 . ASN A 1 75  ? 7.386   -2.197  -7.004  1.00 7.75  ? 75  ASN A OD1 1 
ATOM   597  N ND2 . ASN A 1 75  ? 9.559   -2.457  -6.571  1.00 7.25  ? 75  ASN A ND2 1 
ATOM   598  N N   . ILE A 1 76  ? 5.363   -2.293  -2.887  1.00 6.18  ? 76  ILE A N   1 
ATOM   599  C CA  . ILE A 1 76  ? 4.632   -2.782  -1.703  1.00 6.57  ? 76  ILE A CA  1 
ATOM   600  C C   . ILE A 1 76  ? 4.059   -4.118  -2.254  1.00 7.00  ? 76  ILE A C   1 
ATOM   601  O O   . ILE A 1 76  ? 3.538   -4.138  -3.390  1.00 5.92  ? 76  ILE A O   1 
ATOM   602  C CB  . ILE A 1 76  ? 3.475   -1.803  -1.377  1.00 5.44  ? 76  ILE A CB  1 
ATOM   603  C CG1 . ILE A 1 76  ? 4.042   -0.456  -0.917  1.00 6.50  ? 76  ILE A CG1 1 
ATOM   604  C CG2 . ILE A 1 76  ? 2.548   -2.384  -0.226  1.00 4.64  ? 76  ILE A CG2 1 
ATOM   605  C CD1 . ILE A 1 76  ? 2.930   0.654   -0.699  1.00 8.34  ? 76  ILE A CD1 1 
ATOM   606  N N   . LYS A 1 77  ? 4.080   -5.183  -1.414  1.00 7.10  ? 77  LYS A N   1 
ATOM   607  C CA  . LYS A 1 77  ? 3.569   -6.439  -1.892  1.00 8.43  ? 77  LYS A CA  1 
ATOM   608  C C   . LYS A 1 77  ? 2.979   -7.228  -0.732  1.00 8.66  ? 77  LYS A C   1 
ATOM   609  O O   . LYS A 1 77  ? 3.470   -7.132  0.422   1.00 7.73  ? 77  LYS A O   1 
ATOM   610  C CB  . LYS A 1 77  ? 4.670   -7.314  -2.589  1.00 8.23  ? 77  LYS A CB  1 
ATOM   611  C CG  . LYS A 1 77  ? 5.725   -7.957  -1.639  1.00 13.74 ? 77  LYS A CG  1 
ATOM   612  C CD  . LYS A 1 77  ? 6.825   -8.722  -2.362  1.00 12.78 ? 77  LYS A CD  1 
ATOM   613  C CE  . LYS A 1 77  ? 6.213   -9.682  -3.374  1.00 8.99  ? 77  LYS A CE  1 
ATOM   614  N NZ  . LYS A 1 77  ? 5.518   -10.947 -2.751  1.00 12.12 ? 77  LYS A NZ  1 
ATOM   615  N N   . PHE A 1 78  ? 1.981   -8.052  -1.118  1.00 7.52  ? 78  PHE A N   1 
ATOM   616  C CA  . PHE A 1 78  ? 1.493   -9.134  -0.250  1.00 8.06  ? 78  PHE A CA  1 
ATOM   617  C C   . PHE A 1 78  ? 2.440   -10.320 -0.416  1.00 8.51  ? 78  PHE A C   1 
ATOM   618  O O   . PHE A 1 78  ? 3.137   -10.454 -1.442  1.00 9.84  ? 78  PHE A O   1 
ATOM   619  C CB  . PHE A 1 78  ? 0.055   -9.569  -0.689  1.00 6.97  ? 78  PHE A CB  1 
ATOM   620  C CG  . PHE A 1 78  ? -0.991  -8.511  -0.496  1.00 9.18  ? 78  PHE A CG  1 
ATOM   621  C CD1 . PHE A 1 78  ? -1.077  -7.749  0.684   1.00 4.76  ? 78  PHE A CD1 1 
ATOM   622  C CD2 . PHE A 1 78  ? -1.898  -8.255  -1.509  1.00 9.88  ? 78  PHE A CD2 1 
ATOM   623  C CE1 . PHE A 1 78  ? -2.068  -6.708  0.862   1.00 9.16  ? 78  PHE A CE1 1 
ATOM   624  C CE2 . PHE A 1 78  ? -2.872  -7.241  -1.367  1.00 10.49 ? 78  PHE A CE2 1 
ATOM   625  C CZ  . PHE A 1 78  ? -3.007  -6.520  -0.201  1.00 10.79 ? 78  PHE A CZ  1 
ATOM   626  N N   . GLY A 1 79  ? 2.445   -11.216 0.577   1.00 8.72  ? 79  GLY A N   1 
ATOM   627  C CA  . GLY A 1 79  ? 3.230   -12.418 0.486   1.00 10.47 ? 79  GLY A CA  1 
ATOM   628  C C   . GLY A 1 79  ? 4.690   -12.248 0.841   1.00 12.28 ? 79  GLY A C   1 
ATOM   629  O O   . GLY A 1 79  ? 5.104   -11.222 1.318   1.00 12.82 ? 79  GLY A O   1 
ATOM   630  N N   . PRO A 1 80  ? 5.473   -13.294 0.625   1.00 15.11 ? 80  PRO A N   1 
ATOM   631  C CA  . PRO A 1 80  ? 6.905   -13.341 0.944   1.00 17.37 ? 80  PRO A CA  1 
ATOM   632  C C   . PRO A 1 80  ? 7.659   -12.477 0.039   1.00 18.88 ? 80  PRO A C   1 
ATOM   633  O O   . PRO A 1 80  ? 7.239   -12.295 -1.073  1.00 20.65 ? 80  PRO A O   1 
ATOM   634  C CB  . PRO A 1 80  ? 7.339   -14.782 0.602   1.00 17.29 ? 80  PRO A CB  1 
ATOM   635  C CG  . PRO A 1 80  ? 6.064   -15.532 0.180   1.00 17.78 ? 80  PRO A CG  1 
ATOM   636  C CD  . PRO A 1 80  ? 4.917   -14.562 0.108   1.00 15.51 ? 80  PRO A CD  1 
ATOM   637  N N   . SER A 1 81  ? 8.817   -12.001 0.486   1.00 21.87 ? 81  SER A N   1 
ATOM   638  C CA  . SER A 1 81  ? 9.840   -11.411 -0.404  1.00 25.03 ? 81  SER A CA  1 
ATOM   639  C C   . SER A 1 81  ? 10.253  -12.318 -1.608  1.00 25.21 ? 81  SER A C   1 
ATOM   640  O O   . SER A 1 81  ? 10.708  -11.851 -2.641  1.00 25.25 ? 81  SER A O   1 
ATOM   641  C CB  . SER A 1 81  ? 11.103  -11.162 0.438   1.00 25.20 ? 81  SER A CB  1 
ATOM   642  O OG  . SER A 1 81  ? 10.898  -10.072 1.284   1.00 28.96 ? 81  SER A OG  1 
ATOM   643  N N   . SER A 1 82  ? 10.156  -13.634 -1.446  1.00 27.92 ? 82  SER A N   1 
ATOM   644  C CA  . SER A 1 82  ? 10.724  -14.514 -2.489  1.00 29.35 ? 82  SER A CA  1 
ATOM   645  C C   . SER A 1 82  ? 9.727   -14.654 -3.667  1.00 29.90 ? 82  SER A C   1 
ATOM   646  O O   . SER A 1 82  ? 10.131  -15.036 -4.804  1.00 29.23 ? 82  SER A O   1 
ATOM   647  C CB  . SER A 1 82  ? 11.125  -15.894 -1.949  1.00 29.24 ? 82  SER A CB  1 
ATOM   648  O OG  . SER A 1 82  ? 10.009  -16.632 -1.427  1.00 32.50 ? 82  SER A OG  1 
ATOM   649  N N   . SER A 1 83  ? 8.452   -14.303 -3.400  1.00 28.46 ? 83  SER A N   1 
ATOM   650  C CA  . SER A 1 83  ? 7.389   -14.595 -4.365  1.00 27.47 ? 83  SER A CA  1 
ATOM   651  C C   . SER A 1 83  ? 7.229   -13.447 -5.353  1.00 26.66 ? 83  SER A C   1 
ATOM   652  O O   . SER A 1 83  ? 7.249   -12.295 -4.949  1.00 25.29 ? 83  SER A O   1 
ATOM   653  C CB  . SER A 1 83  ? 6.076   -14.840 -3.665  1.00 27.73 ? 83  SER A CB  1 
ATOM   654  O OG  . SER A 1 83  ? 5.031   -14.713 -4.606  1.00 28.23 ? 83  SER A OG  1 
ATOM   655  N N   . ASP A 1 84  ? 7.021   -13.775 -6.644  1.00 26.54 ? 84  ASP A N   1 
ATOM   656  C CA  . ASP A 1 84  ? 6.838   -12.712 -7.652  1.00 26.22 ? 84  ASP A CA  1 
ATOM   657  C C   . ASP A 1 84  ? 5.444   -12.029 -7.611  1.00 24.03 ? 84  ASP A C   1 
ATOM   658  O O   . ASP A 1 84  ? 5.292   -10.891 -8.134  1.00 24.75 ? 84  ASP A O   1 
ATOM   659  C CB  . ASP A 1 84  ? 7.273   -13.108 -9.086  1.00 26.95 ? 84  ASP A CB  1 
ATOM   660  C CG  . ASP A 1 84  ? 6.743   -14.494 -9.552  1.00 29.74 ? 84  ASP A CG  1 
ATOM   661  O OD1 . ASP A 1 84  ? 6.180   -15.294 -8.756  1.00 35.32 ? 84  ASP A OD1 1 
ATOM   662  O OD2 . ASP A 1 84  ? 6.923   -14.787 -10.758 1.00 33.41 ? 84  ASP A OD2 1 
ATOM   663  N N   . SER A 1 85  ? 4.469   -12.710 -6.995  1.00 20.02 ? 85  SER A N   1 
ATOM   664  C CA  A SER A 1 85  ? 3.089   -12.240 -7.026  0.50 18.01 ? 85  SER A CA  1 
ATOM   665  C CA  B SER A 1 85  ? 3.071   -12.283 -6.993  0.50 18.48 ? 85  SER A CA  1 
ATOM   666  C C   . SER A 1 85  ? 2.799   -11.357 -5.823  1.00 17.05 ? 85  SER A C   1 
ATOM   667  O O   . SER A 1 85  ? 3.650   -11.216 -4.899  1.00 17.14 ? 85  SER A O   1 
ATOM   668  C CB  A SER A 1 85  ? 2.103   -13.419 -7.124  0.50 18.72 ? 85  SER A CB  1 
ATOM   669  C CB  B SER A 1 85  ? 2.138   -13.504 -6.913  0.50 19.25 ? 85  SER A CB  1 
ATOM   670  O OG  A SER A 1 85  ? 2.232   -14.300 -6.024  0.50 15.60 ? 85  SER A OG  1 
ATOM   671  O OG  B SER A 1 85  ? 2.482   -14.469 -7.886  0.50 18.75 ? 85  SER A OG  1 
ATOM   672  N N   . GLY A 1 86  ? 1.630   -10.719 -5.857  1.00 13.84 ? 86  GLY A N   1 
ATOM   673  C CA  . GLY A 1 86  ? 1.218   -9.875  -4.737  1.00 13.70 ? 86  GLY A CA  1 
ATOM   674  C C   . GLY A 1 86  ? 1.735   -8.438  -4.860  1.00 10.17 ? 86  GLY A C   1 
ATOM   675  O O   . GLY A 1 86  ? 1.439   -7.650  -3.950  1.00 11.41 ? 86  GLY A O   1 
ATOM   676  N N   . VAL A 1 87  ? 2.497   -8.122  -5.936  1.00 9.31  ? 87  VAL A N   1 
ATOM   677  C CA  . VAL A 1 87  ? 3.141   -6.799  -6.061  1.00 7.12  ? 87  VAL A CA  1 
ATOM   678  C C   . VAL A 1 87  ? 2.075   -5.740  -6.450  1.00 7.12  ? 87  VAL A C   1 
ATOM   679  O O   . VAL A 1 87  ? 1.337   -5.914  -7.460  1.00 8.76  ? 87  VAL A O   1 
ATOM   680  C CB  . VAL A 1 87  ? 4.320   -6.802  -7.123  1.00 8.09  ? 87  VAL A CB  1 
ATOM   681  C CG1 . VAL A 1 87  ? 4.909   -5.334  -7.259  1.00 10.21 ? 87  VAL A CG1 1 
ATOM   682  C CG2 . VAL A 1 87  ? 5.352   -7.778  -6.687  1.00 7.43  ? 87  VAL A CG2 1 
ATOM   683  N N   . TRP A 1 88  ? 1.994   -4.653  -5.717  1.00 6.52  ? 88  TRP A N   1 
ATOM   684  C CA  . TRP A 1 88  ? 0.966   -3.685  -5.983  1.00 6.30  ? 88  TRP A CA  1 
ATOM   685  C C   . TRP A 1 88  ? 1.362   -2.872  -7.204  1.00 7.89  ? 88  TRP A C   1 
ATOM   686  O O   . TRP A 1 88  ? 2.583   -2.543  -7.390  1.00 7.20  ? 88  TRP A O   1 
ATOM   687  C CB  . TRP A 1 88  ? 0.880   -2.731  -4.828  1.00 6.68  ? 88  TRP A CB  1 
ATOM   688  C CG  . TRP A 1 88  ? 0.217   -3.279  -3.549  1.00 8.37  ? 88  TRP A CG  1 
ATOM   689  C CD1 . TRP A 1 88  ? 0.074   -4.582  -3.175  1.00 8.50  ? 88  TRP A CD1 1 
ATOM   690  C CD2 . TRP A 1 88  ? -0.256  -2.495  -2.496  1.00 9.71  ? 88  TRP A CD2 1 
ATOM   691  N NE1 . TRP A 1 88  ? -0.527  -4.668  -1.935  1.00 8.92  ? 88  TRP A NE1 1 
ATOM   692  C CE2 . TRP A 1 88  ? -0.764  -3.384  -1.492  1.00 8.51  ? 88  TRP A CE2 1 
ATOM   693  C CE3 . TRP A 1 88  ? -0.345  -1.101  -2.286  1.00 8.99  ? 88  TRP A CE3 1 
ATOM   694  C CZ2 . TRP A 1 88  ? -1.371  -2.912  -0.310  1.00 10.04 ? 88  TRP A CZ2 1 
ATOM   695  C CZ3 . TRP A 1 88  ? -0.973  -0.628  -1.124  1.00 10.39 ? 88  TRP A CZ3 1 
ATOM   696  C CH2 . TRP A 1 88  ? -1.451  -1.532  -0.125  1.00 8.91  ? 88  TRP A CH2 1 
ATOM   697  N N   . ASP A 1 89  ? 0.354   -2.610  -8.045  1.00 7.71  ? 89  ASP A N   1 
ATOM   698  C CA  . ASP A 1 89  ? 0.564   -1.648  -9.130  1.00 8.61  ? 89  ASP A CA  1 
ATOM   699  C C   . ASP A 1 89  ? -0.678  -0.746  -9.238  1.00 8.63  ? 89  ASP A C   1 
ATOM   700  O O   . ASP A 1 89  ? -1.708  -1.031  -8.637  1.00 9.85  ? 89  ASP A O   1 
ATOM   701  C CB  . ASP A 1 89  ? 0.824   -2.360  -10.441 1.00 8.47  ? 89  ASP A CB  1 
ATOM   702  C CG  . ASP A 1 89  ? 1.512   -1.421  -11.508 1.00 14.04 ? 89  ASP A CG  1 
ATOM   703  O OD1 . ASP A 1 89  ? 2.033   -0.304  -11.197 1.00 16.49 ? 89  ASP A OD1 1 
ATOM   704  O OD2 . ASP A 1 89  ? 1.494   -1.823  -12.649 1.00 21.77 ? 89  ASP A OD2 1 
ATOM   705  N N   . VAL A 1 90  ? -0.572  0.331   -10.027 1.00 7.42  ? 90  VAL A N   1 
ATOM   706  C CA  . VAL A 1 90  ? -1.739  1.216   -10.282 1.00 6.82  ? 90  VAL A CA  1 
ATOM   707  C C   . VAL A 1 90  ? -2.187  1.083   -11.745 1.00 5.91  ? 90  VAL A C   1 
ATOM   708  O O   . VAL A 1 90  ? -1.385  1.335   -12.688 1.00 5.97  ? 90  VAL A O   1 
ATOM   709  C CB  . VAL A 1 90  ? -1.331  2.618   -9.941  1.00 6.54  ? 90  VAL A CB  1 
ATOM   710  C CG1 . VAL A 1 90  ? -2.458  3.649   -10.331 1.00 7.31  ? 90  VAL A CG1 1 
ATOM   711  C CG2 . VAL A 1 90  ? -0.999  2.718   -8.414  1.00 7.71  ? 90  VAL A CG2 1 
ATOM   712  N N   . ILE A 1 91  ? -3.412  0.594   -11.930 1.00 5.16  ? 91  ILE A N   1 
ATOM   713  C CA  . ILE A 1 91  ? -3.933  0.168   -13.226 1.00 8.26  ? 91  ILE A CA  1 
ATOM   714  C C   . ILE A 1 91  ? -5.197  0.959   -13.528 1.00 6.83  ? 91  ILE A C   1 
ATOM   715  O O   . ILE A 1 91  ? -6.058  1.220   -12.662 1.00 7.22  ? 91  ILE A O   1 
ATOM   716  C CB  . ILE A 1 91  ? -4.242  -1.354  -13.160 1.00 8.63  ? 91  ILE A CB  1 
ATOM   717  C CG1 . ILE A 1 91  ? -2.999  -2.137  -12.720 1.00 15.32 ? 91  ILE A CG1 1 
ATOM   718  C CG2 . ILE A 1 91  ? -5.144  -1.964  -14.393 1.00 10.97 ? 91  ILE A CG2 1 
ATOM   719  C CD1 . ILE A 1 91  ? -1.985  -2.164  -13.690 1.00 16.17 ? 91  ILE A CD1 1 
ATOM   720  N N   . GLN A 1 92  ? -5.321  1.323   -14.785 1.00 6.62  ? 92  GLN A N   1 
ATOM   721  C CA  . GLN A 1 92  ? -6.525  1.979   -15.208 1.00 5.47  ? 92  GLN A CA  1 
ATOM   722  C C   . GLN A 1 92  ? -7.644  0.941   -15.240 1.00 6.60  ? 92  GLN A C   1 
ATOM   723  O O   . GLN A 1 92  ? -7.578  -0.063  -15.979 1.00 6.26  ? 92  GLN A O   1 
ATOM   724  C CB  . GLN A 1 92  ? -6.288  2.678   -16.573 1.00 6.92  ? 92  GLN A CB  1 
ATOM   725  C CG  . GLN A 1 92  ? -7.515  3.367   -17.133 1.00 4.26  ? 92  GLN A CG  1 
ATOM   726  C CD  . GLN A 1 92  ? -7.255  3.719   -18.569 1.00 2.00  ? 92  GLN A CD  1 
ATOM   727  O OE1 . GLN A 1 92  ? -6.531  4.682   -18.825 1.00 2.35  ? 92  GLN A OE1 1 
ATOM   728  N NE2 . GLN A 1 92  ? -7.817  2.919   -19.517 1.00 2.00  ? 92  GLN A NE2 1 
ATOM   729  N N   . GLN A 1 93  ? -8.707  1.176   -14.463 1.00 7.23  ? 93  GLN A N   1 
ATOM   730  C CA  . GLN A 1 93  ? -9.822  0.194   -14.465 1.00 9.53  ? 93  GLN A CA  1 
ATOM   731  C C   . GLN A 1 93  ? -11.118 0.979   -14.327 1.00 11.89 ? 93  GLN A C   1 
ATOM   732  O O   . GLN A 1 93  ? -11.267 1.702   -13.331 1.00 15.34 ? 93  GLN A O   1 
ATOM   733  C CB  . GLN A 1 93  ? -9.682  -0.855  -13.352 1.00 11.70 ? 93  GLN A CB  1 
ATOM   734  C CG  . GLN A 1 93  ? -10.850 -1.978  -13.433 1.00 13.81 ? 93  GLN A CG  1 
ATOM   735  C CD  . GLN A 1 93  ? -10.308 -3.408  -13.490 1.00 22.54 ? 93  GLN A CD  1 
ATOM   736  O OE1 . GLN A 1 93  ? -9.097  -3.650  -13.335 1.00 21.44 ? 93  GLN A OE1 1 
ATOM   737  N NE2 . GLN A 1 93  ? -11.225 -4.381  -13.697 1.00 30.69 ? 93  GLN A NE2 1 
ATOM   738  N N   . ASP A 1 94  ? -12.012 0.793   -15.294 1.00 11.55 ? 94  ASP A N   1 
ATOM   739  C CA  . ASP A 1 94  ? -13.120 1.676   -15.735 1.00 16.14 ? 94  ASP A CA  1 
ATOM   740  C C   . ASP A 1 94  ? -13.967 2.167   -14.538 1.00 16.47 ? 94  ASP A C   1 
ATOM   741  O O   . ASP A 1 94  ? -14.152 3.448   -14.415 1.00 20.00 ? 94  ASP A O   1 
ATOM   742  C CB  . ASP A 1 94  ? -14.043 1.043   -16.811 1.00 13.24 ? 94  ASP A CB  1 
ATOM   743  C CG  . ASP A 1 94  ? -13.510 1.122   -18.346 1.00 17.75 ? 94  ASP A CG  1 
ATOM   744  O OD1 . ASP A 1 94  ? -12.771 2.004   -18.815 1.00 13.67 ? 94  ASP A OD1 1 
ATOM   745  O OD2 . ASP A 1 94  ? -13.903 0.252   -19.167 1.00 20.41 ? 94  ASP A OD2 1 
ATOM   746  N N   . PRO A 1 95  ? -14.474 1.225   -13.657 1.00 15.96 ? 95  PRO A N   1 
ATOM   747  C CA  . PRO A 1 95  ? -15.344 1.765   -12.564 1.00 13.90 ? 95  PRO A CA  1 
ATOM   748  C C   . PRO A 1 95  ? -14.607 2.643   -11.489 1.00 12.99 ? 95  PRO A C   1 
ATOM   749  O O   . PRO A 1 95  ? -15.174 3.576   -10.924 1.00 13.97 ? 95  PRO A O   1 
ATOM   750  C CB  . PRO A 1 95  ? -15.986 0.484   -11.881 1.00 15.64 ? 95  PRO A CB  1 
ATOM   751  C CG  . PRO A 1 95  ? -15.542 -0.654  -12.668 1.00 17.43 ? 95  PRO A CG  1 
ATOM   752  C CD  . PRO A 1 95  ? -14.322 -0.254  -13.589 1.00 14.47 ? 95  PRO A CD  1 
ATOM   753  N N   . ILE A 1 96  ? -13.327 2.392   -11.288 1.00 9.95  ? 96  ILE A N   1 
ATOM   754  C CA  . ILE A 1 96  ? -12.538 2.858   -10.100 1.00 9.46  ? 96  ILE A CA  1 
ATOM   755  C C   . ILE A 1 96  ? -11.729 4.106   -10.473 1.00 9.56  ? 96  ILE A C   1 
ATOM   756  O O   . ILE A 1 96  ? -11.599 5.039   -9.655  1.00 10.58 ? 96  ILE A O   1 
ATOM   757  C CB  . ILE A 1 96  ? -11.617 1.679   -9.590  1.00 10.43 ? 96  ILE A CB  1 
ATOM   758  C CG1 . ILE A 1 96  ? -12.460 0.445   -9.130  1.00 11.24 ? 96  ILE A CG1 1 
ATOM   759  C CG2 . ILE A 1 96  ? -10.665 2.126   -8.467  1.00 10.18 ? 96  ILE A CG2 1 
ATOM   760  C CD1 . ILE A 1 96  ? -13.616 0.825   -8.140  1.00 14.12 ? 96  ILE A CD1 1 
ATOM   761  N N   . GLY A 1 97  ? -11.206 4.117   -11.718 1.00 6.82  ? 97  GLY A N   1 
ATOM   762  C CA  . GLY A 1 97  ? -10.288 5.160   -12.213 1.00 5.72  ? 97  GLY A CA  1 
ATOM   763  C C   . GLY A 1 97  ? -8.906  4.512   -12.332 1.00 5.89  ? 97  GLY A C   1 
ATOM   764  O O   . GLY A 1 97  ? -8.662  3.740   -13.257 1.00 7.00  ? 97  GLY A O   1 
ATOM   765  N N   . LEU A 1 98  ? -8.031  4.814   -11.378 1.00 5.17  ? 98  LEU A N   1 
ATOM   766  C CA  . LEU A 1 98  ? -6.739  4.229   -11.233 1.00 5.38  ? 98  LEU A CA  1 
ATOM   767  C C   . LEU A 1 98  ? -6.755  3.390   -9.941  1.00 6.37  ? 98  LEU A C   1 
ATOM   768  O O   . LEU A 1 98  ? -6.755  3.924   -8.853  1.00 7.72  ? 98  LEU A O   1 
ATOM   769  C CB  . LEU A 1 98  ? -5.687  5.332   -11.151 1.00 6.64  ? 98  LEU A CB  1 
ATOM   770  C CG  . LEU A 1 98  ? -5.233  6.028   -12.414 1.00 10.90 ? 98  LEU A CG  1 
ATOM   771  C CD1 . LEU A 1 98  ? -3.888  6.747   -12.070 1.00 14.57 ? 98  LEU A CD1 1 
ATOM   772  C CD2 . LEU A 1 98  ? -5.100  5.106   -13.642 1.00 8.30  ? 98  LEU A CD2 1 
ATOM   773  N N   . ALA A 1 99  ? -6.884  2.069   -10.100 1.00 6.35  ? 99  ALA A N   1 
ATOM   774  C CA  . ALA A 1 99  ? -7.132  1.153   -8.994  1.00 7.06  ? 99  ALA A CA  1 
ATOM   775  C C   . ALA A 1 99  ? -5.764  0.610   -8.579  1.00 7.28  ? 99  ALA A C   1 
ATOM   776  O O   . ALA A 1 99  ? -4.890  0.329   -9.440  1.00 8.83  ? 99  ALA A O   1 
ATOM   777  C CB  . ALA A 1 99  ? -8.033  -0.048  -9.499  1.00 5.71  ? 99  ALA A CB  1 
ATOM   778  N N   . VAL A 1 100 ? -5.601  0.380   -7.273  1.00 6.96  ? 100 VAL A N   1 
ATOM   779  C CA  . VAL A 1 100 ? -4.501  -0.461  -6.822  1.00 7.56  ? 100 VAL A CA  1 
ATOM   780  C C   . VAL A 1 100 ? -4.874  -1.944  -6.984  1.00 6.99  ? 100 VAL A C   1 
ATOM   781  O O   . VAL A 1 100 ? -5.832  -2.423  -6.396  1.00 7.21  ? 100 VAL A O   1 
ATOM   782  C CB  . VAL A 1 100 ? -4.018  -0.084  -5.325  1.00 8.69  ? 100 VAL A CB  1 
ATOM   783  C CG1 . VAL A 1 100 ? -2.891  -0.994  -4.842  1.00 9.91  ? 100 VAL A CG1 1 
ATOM   784  C CG2 . VAL A 1 100 ? -3.692  1.425   -5.182  1.00 8.03  ? 100 VAL A CG2 1 
ATOM   785  N N   . LYS A 1 101 ? -4.006  -2.670  -7.675  1.00 6.83  ? 101 LYS A N   1 
ATOM   786  C CA  . LYS A 1 101 ? -4.172  -4.094  -7.978  1.00 8.95  ? 101 LYS A CA  1 
ATOM   787  C C   . LYS A 1 101 ? -2.877  -4.861  -7.791  1.00 8.32  ? 101 LYS A C   1 
ATOM   788  O O   . LYS A 1 101 ? -1.780  -4.297  -7.856  1.00 10.14 ? 101 LYS A O   1 
ATOM   789  C CB  . LYS A 1 101 ? -4.695  -4.293  -9.416  1.00 10.48 ? 101 LYS A CB  1 
ATOM   790  C CG  . LYS A 1 101 ? -5.993  -3.445  -9.766  1.00 10.21 ? 101 LYS A CG  1 
ATOM   791  C CD  . LYS A 1 101 ? -6.569  -3.915  -11.123 1.00 10.42 ? 101 LYS A CD  1 
ATOM   792  C CE  . LYS A 1 101 ? -7.173  -5.378  -11.031 1.00 13.65 ? 101 LYS A CE  1 
ATOM   793  N NZ  . LYS A 1 101 ? -7.650  -5.830  -12.385 1.00 12.05 ? 101 LYS A NZ  1 
ATOM   794  N N   . VAL A 1 102 ? -2.999  -6.175  -7.615  1.00 7.90  ? 102 VAL A N   1 
ATOM   795  C CA  . VAL A 1 102 ? -1.801  -7.039  -7.514  1.00 9.01  ? 102 VAL A CA  1 
ATOM   796  C C   . VAL A 1 102 ? -1.407  -7.553  -8.883  1.00 9.92  ? 102 VAL A C   1 
ATOM   797  O O   . VAL A 1 102 ? -2.290  -7.847  -9.752  1.00 10.61 ? 102 VAL A O   1 
ATOM   798  C CB  . VAL A 1 102 ? -1.938  -8.251  -6.503  1.00 9.28  ? 102 VAL A CB  1 
ATOM   799  C CG1 . VAL A 1 102 ? -1.924  -7.659  -5.123  1.00 13.39 ? 102 VAL A CG1 1 
ATOM   800  C CG2 . VAL A 1 102 ? -3.215  -9.034  -6.782  1.00 7.02  ? 102 VAL A CG2 1 
ATOM   801  N N   . THR A 1 103 ? -0.082  -7.613  -9.038  1.00 8.97  ? 103 THR A N   1 
ATOM   802  C CA  A THR A 1 103 ? 0.596   -8.063  -10.258 0.50 12.08 ? 103 THR A CA  1 
ATOM   803  C CA  B THR A 1 103 ? 0.489   -8.189  -10.227 0.50 11.57 ? 103 THR A CA  1 
ATOM   804  C C   . THR A 1 103 ? 1.767   -8.987  -9.916  1.00 12.29 ? 103 THR A C   1 
ATOM   805  O O   . THR A 1 103 ? 2.103   -9.205  -8.722  1.00 10.95 ? 103 THR A O   1 
ATOM   806  C CB  A THR A 1 103 ? 1.106   -6.853  -11.136 0.50 11.53 ? 103 THR A CB  1 
ATOM   807  C CB  B THR A 1 103 ? 0.695   -7.096  -11.278 0.50 11.79 ? 103 THR A CB  1 
ATOM   808  O OG1 A THR A 1 103 ? 2.254   -6.243  -10.534 0.50 13.00 ? 103 THR A OG1 1 
ATOM   809  O OG1 B THR A 1 103 ? 1.150   -7.727  -12.454 0.50 9.85  ? 103 THR A OG1 1 
ATOM   810  C CG2 A THR A 1 103 ? 0.024   -5.837  -11.348 0.50 13.26 ? 103 THR A CG2 1 
ATOM   811  C CG2 B THR A 1 103 ? 1.708   -6.116  -10.804 0.50 12.00 ? 103 THR A CG2 1 
ATOM   812  N N   . ASP A 1 104 ? 2.412   -9.532  -10.946 1.00 11.98 ? 104 ASP A N   1 
ATOM   813  C CA  . ASP A 1 104 ? 3.448   -10.481 -10.648 1.00 16.67 ? 104 ASP A CA  1 
ATOM   814  C C   . ASP A 1 104 ? 4.727   -10.021 -11.306 1.00 18.14 ? 104 ASP A C   1 
ATOM   815  O O   . ASP A 1 104 ? 5.613   -10.860 -11.582 1.00 20.36 ? 104 ASP A O   1 
ATOM   816  C CB  . ASP A 1 104 ? 3.053   -11.961 -11.013 1.00 17.83 ? 104 ASP A CB  1 
ATOM   817  C CG  . ASP A 1 104 ? 2.518   -12.087 -12.422 1.00 21.93 ? 104 ASP A CG  1 
ATOM   818  O OD1 . ASP A 1 104 ? 2.654   -11.087 -13.237 1.00 19.58 ? 104 ASP A OD1 1 
ATOM   819  O OD2 . ASP A 1 104 ? 1.954   -13.179 -12.737 1.00 26.34 ? 104 ASP A OD2 1 
ATOM   820  N N   . THR A 1 105 ? 4.816   -8.722  -11.610 1.00 16.93 ? 105 THR A N   1 
ATOM   821  C CA  . THR A 1 105 ? 6.123   -8.150  -11.912 1.00 17.02 ? 105 THR A CA  1 
ATOM   822  C C   . THR A 1 105 ? 6.372   -6.856  -11.077 1.00 16.47 ? 105 THR A C   1 
ATOM   823  O O   . THR A 1 105 ? 5.465   -6.270  -10.429 1.00 13.65 ? 105 THR A O   1 
ATOM   824  C CB  . THR A 1 105 ? 6.239   -7.796  -13.368 1.00 17.32 ? 105 THR A CB  1 
ATOM   825  O OG1 . THR A 1 105 ? 5.108   -6.976  -13.707 1.00 23.67 ? 105 THR A OG1 1 
ATOM   826  C CG2 . THR A 1 105 ? 6.242   -9.044  -14.273 1.00 22.20 ? 105 THR A CG2 1 
ATOM   827  N N   . LYS A 1 106 ? 7.593   -6.364  -11.174 1.00 14.69 ? 106 LYS A N   1 
ATOM   828  C CA  . LYS A 1 106 ? 8.005   -5.322  -10.274 1.00 14.66 ? 106 LYS A CA  1 
ATOM   829  C C   . LYS A 1 106 ? 9.153   -4.555  -10.936 1.00 14.01 ? 106 LYS A C   1 
ATOM   830  O O   . LYS A 1 106 ? 10.187  -5.167  -11.316 1.00 13.78 ? 106 LYS A O   1 
ATOM   831  C CB  . LYS A 1 106 ? 8.503   -6.105  -9.079  1.00 16.41 ? 106 LYS A CB  1 
ATOM   832  C CG  . LYS A 1 106 ? 9.123   -5.412  -8.087  1.00 18.42 ? 106 LYS A CG  1 
ATOM   833  C CD  . LYS A 1 106 ? 9.985   -6.355  -7.301  1.00 24.42 ? 106 LYS A CD  1 
ATOM   834  C CE  . LYS A 1 106 ? 9.392   -6.574  -5.994  1.00 28.10 ? 106 LYS A CE  1 
ATOM   835  N NZ  . LYS A 1 106 ? 9.793   -7.946  -5.378  1.00 36.57 ? 106 LYS A NZ  1 
ATOM   836  N N   . SER A 1 107 ? 9.032   -3.219  -10.979 1.00 9.62  ? 107 SER A N   1 
ATOM   837  C CA  . SER A 1 107 ? 10.103  -2.405  -11.503 1.00 9.85  ? 107 SER A CA  1 
ATOM   838  C C   . SER A 1 107 ? 11.179  -2.197  -10.442 1.00 9.06  ? 107 SER A C   1 
ATOM   839  O O   . SER A 1 107 ? 10.917  -2.321  -9.268  1.00 8.13  ? 107 SER A O   1 
ATOM   840  C CB  . SER A 1 107 ? 9.542   -1.031  -11.793 1.00 12.55 ? 107 SER A CB  1 
ATOM   841  O OG  . SER A 1 107 ? 8.727   -1.162  -12.932 1.00 20.82 ? 107 SER A OG  1 
ATOM   842  N N   . LEU A 1 108 ? 12.386  -1.810  -10.883 1.00 7.51  ? 108 LEU A N   1 
ATOM   843  C CA  . LEU A 1 108 ? 13.495  -1.585  -9.969  1.00 6.78  ? 108 LEU A CA  1 
ATOM   844  C C   . LEU A 1 108 ? 13.084  -0.660  -8.832  1.00 5.95  ? 108 LEU A C   1 
ATOM   845  O O   . LEU A 1 108 ? 13.275  -0.976  -7.653  1.00 7.00  ? 108 LEU A O   1 
ATOM   846  C CB  . LEU A 1 108 ? 14.657  -0.910  -10.730 1.00 6.79  ? 108 LEU A CB  1 
ATOM   847  C CG  . LEU A 1 108 ? 15.911  -0.485  -9.902  1.00 6.70  ? 108 LEU A CG  1 
ATOM   848  C CD1 . LEU A 1 108 ? 16.599  -1.739  -9.343  1.00 8.23  ? 108 LEU A CD1 1 
ATOM   849  C CD2 . LEU A 1 108 ? 16.975  0.346   -10.759 1.00 7.39  ? 108 LEU A CD2 1 
ATOM   850  N N   . LEU A 1 109 ? 12.487  0.469   -9.208  1.00 5.43  ? 109 LEU A N   1 
ATOM   851  C CA  . LEU A 1 109 ? 11.917  1.381   -8.240  1.00 5.88  ? 109 LEU A CA  1 
ATOM   852  C C   . LEU A 1 109 ? 10.391  1.362   -8.363  1.00 6.11  ? 109 LEU A C   1 
ATOM   853  O O   . LEU A 1 109 ? 9.865   1.616   -9.446  1.00 9.07  ? 109 LEU A O   1 
ATOM   854  C CB  . LEU A 1 109 ? 12.403  2.840   -8.494  1.00 7.18  ? 109 LEU A CB  1 
ATOM   855  C CG  . LEU A 1 109 ? 13.882  3.075   -8.149  1.00 8.75  ? 109 LEU A CG  1 
ATOM   856  C CD1 . LEU A 1 109 ? 14.464  4.421   -8.780  1.00 11.38 ? 109 LEU A CD1 1 
ATOM   857  C CD2 . LEU A 1 109 ? 14.174  3.028   -6.634  1.00 8.21  ? 109 LEU A CD2 1 
ATOM   858  N N   . GLY A 1 110 ? 9.717   1.088   -7.265  1.00 6.15  ? 110 GLY A N   1 
ATOM   859  C CA  . GLY A 1 110 ? 8.279   0.996   -7.188  1.00 4.38  ? 110 GLY A CA  1 
ATOM   860  C C   . GLY A 1 110 ? 7.546   2.335   -7.311  1.00 6.89  ? 110 GLY A C   1 
ATOM   861  O O   . GLY A 1 110 ? 8.131   3.396   -7.281  1.00 6.93  ? 110 GLY A O   1 
ATOM   862  N N   . PRO A 1 111 ? 6.216   2.258   -7.453  1.00 7.74  ? 111 PRO A N   1 
ATOM   863  C CA  . PRO A 1 111 ? 5.407   3.415   -7.741  1.00 7.79  ? 111 PRO A CA  1 
ATOM   864  C C   . PRO A 1 111 ? 5.120   4.296   -6.502  1.00 7.91  ? 111 PRO A C   1 
ATOM   865  O O   . PRO A 1 111 ? 4.485   5.369   -6.641  1.00 8.63  ? 111 PRO A O   1 
ATOM   866  C CB  . PRO A 1 111 ? 4.084   2.765   -8.201  1.00 7.96  ? 111 PRO A CB  1 
ATOM   867  C CG  . PRO A 1 111 ? 4.262   1.309   -8.194  1.00 10.35 ? 111 PRO A CG  1 
ATOM   868  C CD  . PRO A 1 111 ? 5.485   0.994   -7.437  1.00 5.88  ? 111 PRO A CD  1 
ATOM   869  N N   . PHE A 1 112 ? 5.428   3.791   -5.321  1.00 6.48  ? 112 PHE A N   1 
ATOM   870  C CA  . PHE A 1 112 ? 4.872   4.395   -4.097  1.00 6.56  ? 112 PHE A CA  1 
ATOM   871  C C   . PHE A 1 112 ? 5.902   5.035   -3.166  1.00 6.32  ? 112 PHE A C   1 
ATOM   872  O O   . PHE A 1 112 ? 7.077   4.621   -3.163  1.00 7.07  ? 112 PHE A O   1 
ATOM   873  C CB  . PHE A 1 112 ? 4.123   3.338   -3.253  1.00 6.58  ? 112 PHE A CB  1 
ATOM   874  C CG  . PHE A 1 112 ? 3.066   2.604   -4.062  1.00 6.50  ? 112 PHE A CG  1 
ATOM   875  C CD1 . PHE A 1 112 ? 1.929   3.266   -4.456  1.00 7.00  ? 112 PHE A CD1 1 
ATOM   876  C CD2 . PHE A 1 112 ? 3.283   1.276   -4.490  1.00 6.16  ? 112 PHE A CD2 1 
ATOM   877  C CE1 . PHE A 1 112 ? 0.908   2.554   -5.281  1.00 9.21  ? 112 PHE A CE1 1 
ATOM   878  C CE2 . PHE A 1 112 ? 2.308   0.579   -5.256  1.00 7.72  ? 112 PHE A CE2 1 
ATOM   879  C CZ  . PHE A 1 112 ? 1.139   1.204   -5.655  1.00 8.63  ? 112 PHE A CZ  1 
ATOM   880  N N   . LYS A 1 113 ? 5.404   5.980   -2.339  1.00 7.46  ? 113 LYS A N   1 
ATOM   881  C CA  . LYS A 1 113 ? 6.087   6.371   -1.089  1.00 6.40  ? 113 LYS A CA  1 
ATOM   882  C C   . LYS A 1 113 ? 5.107   6.323   0.054   1.00 8.12  ? 113 LYS A C   1 
ATOM   883  O O   . LYS A 1 113 ? 3.873   6.422   -0.132  1.00 8.70  ? 113 LYS A O   1 
ATOM   884  C CB  . LYS A 1 113 ? 6.821   7.709   -1.163  1.00 5.05  ? 113 LYS A CB  1 
ATOM   885  C CG  . LYS A 1 113 ? 7.831   7.932   -2.411  1.00 5.90  ? 113 LYS A CG  1 
ATOM   886  C CD  . LYS A 1 113 ? 8.579   9.214   -2.162  1.00 8.10  ? 113 LYS A CD  1 
ATOM   887  C CE  . LYS A 1 113 ? 9.444   9.481   -3.408  1.00 10.20 ? 113 LYS A CE  1 
ATOM   888  N NZ  . LYS A 1 113 ? 10.557  10.494  -3.059  1.00 10.28 ? 113 LYS A NZ  1 
ATOM   889  N N   . VAL A 1 114 ? 5.671   6.132   1.243   1.00 7.04  ? 114 VAL A N   1 
ATOM   890  C CA  . VAL A 1 114 ? 4.903   6.208   2.461   1.00 7.85  ? 114 VAL A CA  1 
ATOM   891  C C   . VAL A 1 114 ? 5.215   7.571   3.114   1.00 9.40  ? 114 VAL A C   1 
ATOM   892  O O   . VAL A 1 114 ? 6.400   7.933   3.303   1.00 9.10  ? 114 VAL A O   1 
ATOM   893  C CB  . VAL A 1 114 ? 5.299   4.989   3.418   1.00 6.70  ? 114 VAL A CB  1 
ATOM   894  C CG1 . VAL A 1 114 ? 4.714   5.204   4.826   1.00 8.27  ? 114 VAL A CG1 1 
ATOM   895  C CG2 . VAL A 1 114 ? 4.742   3.690   2.857   1.00 9.23  ? 114 VAL A CG2 1 
ATOM   896  N N   . GLU A 1 115 ? 4.181   8.382   3.377   1.00 8.19  ? 115 GLU A N   1 
ATOM   897  C CA  . GLU A 1 115 ? 4.384   9.716   3.781   1.00 9.02  ? 115 GLU A CA  1 
ATOM   898  C C   . GLU A 1 115 ? 3.554   9.980   5.024   1.00 9.03  ? 115 GLU A C   1 
ATOM   899  O O   . GLU A 1 115 ? 2.447   9.493   5.125   1.00 5.93  ? 115 GLU A O   1 
ATOM   900  C CB  . GLU A 1 115 ? 3.937   10.667  2.615   1.00 8.76  ? 115 GLU A CB  1 
ATOM   901  C CG  . GLU A 1 115 ? 3.943   12.131  2.963   1.00 9.92  ? 115 GLU A CG  1 
ATOM   902  C CD  . GLU A 1 115 ? 3.720   13.122  1.775   1.00 13.55 ? 115 GLU A CD  1 
ATOM   903  O OE1 . GLU A 1 115 ? 3.641   12.629  0.583   1.00 11.62 ? 115 GLU A OE1 1 
ATOM   904  O OE2 . GLU A 1 115 ? 3.730   14.377  2.074   1.00 14.53 ? 115 GLU A OE2 1 
ATOM   905  N N   . LYS A 1 116 ? 4.112   10.759  5.951   1.00 8.44  ? 116 LYS A N   1 
ATOM   906  C CA  . LYS A 1 116 ? 3.391   11.150  7.187   1.00 10.42 ? 116 LYS A CA  1 
ATOM   907  C C   . LYS A 1 116 ? 2.110   11.878  6.825   1.00 9.47  ? 116 LYS A C   1 
ATOM   908  O O   . LYS A 1 116 ? 2.125   12.759  5.963   1.00 7.31  ? 116 LYS A O   1 
ATOM   909  C CB  . LYS A 1 116 ? 4.269   12.068  8.028   1.00 11.22 ? 116 LYS A CB  1 
ATOM   910  C CG  . LYS A 1 116 ? 4.151   11.915  9.512   1.00 16.92 ? 116 LYS A CG  1 
ATOM   911  C CD  . LYS A 1 116 ? 5.380   12.733  10.228  1.00 16.29 ? 116 LYS A CD  1 
ATOM   912  C CE  . LYS A 1 116 ? 6.942   12.347  9.889   1.00 20.68 ? 116 LYS A CE  1 
ATOM   913  N NZ  . LYS A 1 116 ? 7.699   12.872  8.549   1.00 17.55 ? 116 LYS A NZ  1 
ATOM   914  N N   . GLU A 1 117 ? 0.990   11.514  7.468   1.00 8.97  ? 117 GLU A N   1 
ATOM   915  C CA  . GLU A 1 117 ? -0.278  12.204  7.226   1.00 8.81  ? 117 GLU A CA  1 
ATOM   916  C C   . GLU A 1 117 ? -1.088  12.090  8.486   1.00 9.81  ? 117 GLU A C   1 
ATOM   917  O O   . GLU A 1 117 ? -1.400  10.993  8.904   1.00 8.16  ? 117 GLU A O   1 
ATOM   918  C CB  . GLU A 1 117 ? -1.014  11.570  5.998   1.00 8.38  ? 117 GLU A CB  1 
ATOM   919  C CG  . GLU A 1 117 ? -2.374  12.170  5.770   1.00 9.04  ? 117 GLU A CG  1 
ATOM   920  C CD  . GLU A 1 117 ? -2.333  13.600  5.203   1.00 13.16 ? 117 GLU A CD  1 
ATOM   921  O OE1 . GLU A 1 117 ? -1.519  13.903  4.317   1.00 6.52  ? 117 GLU A OE1 1 
ATOM   922  O OE2 . GLU A 1 117 ? -3.101  14.435  5.688   1.00 12.72 ? 117 GLU A OE2 1 
ATOM   923  N N   . GLY A 1 118 ? -1.412  13.216  9.124   1.00 10.17 ? 118 GLY A N   1 
ATOM   924  C CA  . GLY A 1 118 ? -2.354  13.166  10.251  1.00 13.43 ? 118 GLY A CA  1 
ATOM   925  C C   . GLY A 1 118 ? -1.754  12.339  11.378  1.00 13.20 ? 118 GLY A C   1 
ATOM   926  O O   . GLY A 1 118 ? -0.599  12.523  11.694  1.00 13.51 ? 118 GLY A O   1 
ATOM   927  N N   . GLU A 1 119 ? -2.536  11.407  11.932  1.00 13.61 ? 119 GLU A N   1 
ATOM   928  C CA  A GLU A 1 119 ? -2.107  10.541  13.071  0.50 15.09 ? 119 GLU A CA  1 
ATOM   929  C CA  B GLU A 1 119 ? -2.009  10.605  13.064  0.50 14.17 ? 119 GLU A CA  1 
ATOM   930  C C   . GLU A 1 119 ? -1.207  9.366   12.619  1.00 13.95 ? 119 GLU A C   1 
ATOM   931  O O   . GLU A 1 119 ? -0.697  8.599   13.470  1.00 13.38 ? 119 GLU A O   1 
ATOM   932  C CB  A GLU A 1 119 ? -3.317  9.912   13.791  0.50 13.87 ? 119 GLU A CB  1 
ATOM   933  C CB  B GLU A 1 119 ? -3.135  10.211  14.027  0.50 13.21 ? 119 GLU A CB  1 
ATOM   934  C CG  A GLU A 1 119 ? -4.485  10.813  14.203  0.50 17.97 ? 119 GLU A CG  1 
ATOM   935  C CG  B GLU A 1 119 ? -3.758  11.400  14.741  0.50 15.68 ? 119 GLU A CG  1 
ATOM   936  C CD  A GLU A 1 119 ? -5.787  9.993   14.395  0.50 17.86 ? 119 GLU A CD  1 
ATOM   937  C CD  B GLU A 1 119 ? -2.719  12.231  15.433  0.50 18.67 ? 119 GLU A CD  1 
ATOM   938  O OE1 A GLU A 1 119 ? -6.759  10.178  13.600  0.50 17.09 ? 119 GLU A OE1 1 
ATOM   939  O OE1 B GLU A 1 119 ? -2.090  11.694  16.372  0.50 20.49 ? 119 GLU A OE1 1 
ATOM   940  O OE2 A GLU A 1 119 ? -5.811  9.149   15.325  0.50 19.64 ? 119 GLU A OE2 1 
ATOM   941  O OE2 B GLU A 1 119 ? -2.508  13.393  15.021  0.50 18.21 ? 119 GLU A OE2 1 
ATOM   942  N N   . GLY A 1 120 ? -1.055  9.181   11.294  1.00 11.17 ? 120 GLY A N   1 
ATOM   943  C CA  . GLY A 1 120 ? -0.368  8.002   10.798  1.00 10.00 ? 120 GLY A CA  1 
ATOM   944  C C   . GLY A 1 120 ? 0.389   8.271   9.485   1.00 8.94  ? 120 GLY A C   1 
ATOM   945  O O   . GLY A 1 120 ? 1.239   9.217   9.437   1.00 6.75  ? 120 GLY A O   1 
ATOM   946  N N   . TYR A 1 121 ? 0.086   7.460   8.448   1.00 7.73  ? 121 TYR A N   1 
ATOM   947  C CA  . TYR A 1 121 ? 0.792   7.534   7.199   1.00 8.04  ? 121 TYR A CA  1 
ATOM   948  C C   . TYR A 1 121 ? -0.218  7.356   6.091   1.00 7.99  ? 121 TYR A C   1 
ATOM   949  O O   . TYR A 1 121 ? -1.262  6.702   6.307   1.00 8.87  ? 121 TYR A O   1 
ATOM   950  C CB  . TYR A 1 121 ? 1.869   6.401   7.051   1.00 7.88  ? 121 TYR A CB  1 
ATOM   951  C CG  . TYR A 1 121 ? 3.112   6.551   7.938   1.00 7.68  ? 121 TYR A CG  1 
ATOM   952  C CD1 . TYR A 1 121 ? 4.102   7.454   7.609   1.00 7.75  ? 121 TYR A CD1 1 
ATOM   953  C CD2 . TYR A 1 121 ? 3.233   5.788   9.134   1.00 8.68  ? 121 TYR A CD2 1 
ATOM   954  C CE1 . TYR A 1 121 ? 5.288   7.626   8.435   1.00 7.63  ? 121 TYR A CE1 1 
ATOM   955  C CE2 . TYR A 1 121 ? 4.346   5.940   9.976   1.00 6.28  ? 121 TYR A CE2 1 
ATOM   956  C CZ  . TYR A 1 121 ? 5.343   6.894   9.626   1.00 8.12  ? 121 TYR A CZ  1 
ATOM   957  O OH  . TYR A 1 121 ? 6.459   7.059   10.431  1.00 10.48 ? 121 TYR A OH  1 
ATOM   958  N N   . LYS A 1 122 ? 0.116   7.886   4.920   1.00 6.85  ? 122 LYS A N   1 
ATOM   959  C CA  . LYS A 1 122 ? -0.576  7.592   3.714   1.00 7.67  ? 122 LYS A CA  1 
ATOM   960  C C   . LYS A 1 122 ? 0.373   6.971   2.695   1.00 8.52  ? 122 LYS A C   1 
ATOM   961  O O   . LYS A 1 122 ? 1.589   7.155   2.777   1.00 8.71  ? 122 LYS A O   1 
ATOM   962  C CB  . LYS A 1 122 ? -1.173  8.894   3.099   1.00 8.40  ? 122 LYS A CB  1 
ATOM   963  C CG  . LYS A 1 122 ? -0.123  10.006  2.805   1.00 5.98  ? 122 LYS A CG  1 
ATOM   964  C CD  . LYS A 1 122 ? -0.819  11.238  2.209   1.00 6.78  ? 122 LYS A CD  1 
ATOM   965  C CE  . LYS A 1 122 ? 0.207   12.329  1.915   1.00 5.76  ? 122 LYS A CE  1 
ATOM   966  N NZ  . LYS A 1 122 ? -0.625  13.502  1.409   1.00 6.46  ? 122 LYS A NZ  1 
ATOM   967  N N   . ILE A 1 123 ? -0.212  6.305   1.699   1.00 6.98  ? 123 ILE A N   1 
ATOM   968  C CA  . ILE A 1 123 ? 0.509   5.821   0.524   1.00 4.84  ? 123 ILE A CA  1 
ATOM   969  C C   . ILE A 1 123 ? 0.263   6.836   -0.596  1.00 5.25  ? 123 ILE A C   1 
ATOM   970  O O   . ILE A 1 123 ? -0.857  7.321   -0.795  1.00 5.34  ? 123 ILE A O   1 
ATOM   971  C CB  . ILE A 1 123 ? -0.051  4.452   0.055   1.00 6.44  ? 123 ILE A CB  1 
ATOM   972  C CG1 . ILE A 1 123 ? -0.106  3.395   1.211   1.00 11.87 ? 123 ILE A CG1 1 
ATOM   973  C CG2 . ILE A 1 123 ? 0.792   3.982   -1.142  1.00 6.70  ? 123 ILE A CG2 1 
ATOM   974  C CD1 . ILE A 1 123 ? 1.154   3.271   1.970   1.00 12.75 ? 123 ILE A CD1 1 
ATOM   975  N N   . VAL A 1 124 ? 1.360   7.231   -1.225  1.00 4.76  ? 124 VAL A N   1 
ATOM   976  C CA  . VAL A 1 124 ? 1.361   8.207   -2.302  1.00 5.85  ? 124 VAL A CA  1 
ATOM   977  C C   . VAL A 1 124 ? 1.912   7.532   -3.569  1.00 7.19  ? 124 VAL A C   1 
ATOM   978  O O   . VAL A 1 124 ? 2.921   6.785   -3.492  1.00 8.97  ? 124 VAL A O   1 
ATOM   979  C CB  . VAL A 1 124 ? 2.242   9.396   -1.948  1.00 5.04  ? 124 VAL A CB  1 
ATOM   980  C CG1 . VAL A 1 124 ? 2.146   10.502  -3.063  1.00 6.13  ? 124 VAL A CG1 1 
ATOM   981  C CG2 . VAL A 1 124 ? 1.732   10.025  -0.603  1.00 7.38  ? 124 VAL A CG2 1 
ATOM   982  N N   . TYR A 1 125 ? 1.235   7.775   -4.706  1.00 6.77  ? 125 TYR A N   1 
ATOM   983  C CA  . TYR A 1 125 ? 1.589   7.124   -5.984  1.00 6.36  ? 125 TYR A CA  1 
ATOM   984  C C   . TYR A 1 125 ? 2.232   8.176   -6.887  1.00 6.90  ? 125 TYR A C   1 
ATOM   985  O O   . TYR A 1 125 ? 1.726   9.290   -7.002  1.00 7.14  ? 125 TYR A O   1 
ATOM   986  C CB  . TYR A 1 125 ? 0.257   6.657   -6.639  1.00 5.20  ? 125 TYR A CB  1 
ATOM   987  C CG  . TYR A 1 125 ? 0.376   6.424   -8.132  1.00 3.79  ? 125 TYR A CG  1 
ATOM   988  C CD1 . TYR A 1 125 ? 1.218   5.393   -8.632  1.00 5.57  ? 125 TYR A CD1 1 
ATOM   989  C CD2 . TYR A 1 125 ? -0.358  7.244   -9.045  1.00 3.83  ? 125 TYR A CD2 1 
ATOM   990  C CE1 . TYR A 1 125 ? 1.338   5.152   -10.047 1.00 5.87  ? 125 TYR A CE1 1 
ATOM   991  C CE2 . TYR A 1 125 ? -0.270  7.021   -10.437 1.00 5.10  ? 125 TYR A CE2 1 
ATOM   992  C CZ  . TYR A 1 125 ? 0.583   5.982   -10.918 1.00 6.07  ? 125 TYR A CZ  1 
ATOM   993  O OH  . TYR A 1 125 ? 0.714   5.717   -12.229 1.00 9.88  ? 125 TYR A OH  1 
ATOM   994  N N   . TYR A 1 126 ? 3.323   7.795   -7.539  1.00 6.14  ? 126 TYR A N   1 
ATOM   995  C CA  . TYR A 1 126 ? 4.133   8.689   -8.301  1.00 6.23  ? 126 TYR A CA  1 
ATOM   996  C C   . TYR A 1 126 ? 4.145   8.242   -9.785  1.00 8.99  ? 126 TYR A C   1 
ATOM   997  O O   . TYR A 1 126 ? 4.868   7.306   -10.144 1.00 10.67 ? 126 TYR A O   1 
ATOM   998  C CB  . TYR A 1 126 ? 5.576   8.713   -7.735  1.00 6.51  ? 126 TYR A CB  1 
ATOM   999  C CG  . TYR A 1 126 ? 5.692   9.542   -6.477  1.00 8.36  ? 126 TYR A CG  1 
ATOM   1000 C CD1 . TYR A 1 126 ? 6.206   10.839  -6.548  1.00 8.23  ? 126 TYR A CD1 1 
ATOM   1001 C CD2 . TYR A 1 126 ? 5.254   9.028   -5.266  1.00 7.60  ? 126 TYR A CD2 1 
ATOM   1002 C CE1 . TYR A 1 126 ? 6.256   11.645  -5.432  1.00 11.43 ? 126 TYR A CE1 1 
ATOM   1003 C CE2 . TYR A 1 126 ? 5.346   9.746   -4.098  1.00 5.88  ? 126 TYR A CE2 1 
ATOM   1004 C CZ  . TYR A 1 126 ? 5.830   11.081  -4.197  1.00 8.23  ? 126 TYR A CZ  1 
ATOM   1005 O OH  . TYR A 1 126 ? 5.827   11.790  -3.069  1.00 10.30 ? 126 TYR A OH  1 
ATOM   1006 N N   . PRO A 1 127 ? 3.307   8.874   -10.625 1.00 9.65  ? 127 PRO A N   1 
ATOM   1007 C CA  . PRO A 1 127 ? 3.320   8.670   -12.106 1.00 11.32 ? 127 PRO A CA  1 
ATOM   1008 C C   . PRO A 1 127 ? 4.746   8.942   -12.664 1.00 10.28 ? 127 PRO A C   1 
ATOM   1009 O O   . PRO A 1 127 ? 5.168   8.295   -13.615 1.00 10.86 ? 127 PRO A O   1 
ATOM   1010 C CB  . PRO A 1 127 ? 2.351   9.745   -12.638 1.00 12.17 ? 127 PRO A CB  1 
ATOM   1011 C CG  . PRO A 1 127 ? 1.465   10.064  -11.509 1.00 13.25 ? 127 PRO A CG  1 
ATOM   1012 C CD  . PRO A 1 127 ? 2.284   9.849   -10.209 1.00 11.41 ? 127 PRO A CD  1 
ATOM   1013 N N   . GLU A 1 128 ? 5.478   9.863   -12.049 1.00 10.03 ? 128 GLU A N   1 
ATOM   1014 C CA  . GLU A 1 128 ? 6.782   10.305  -12.548 1.00 11.20 ? 128 GLU A CA  1 
ATOM   1015 C C   . GLU A 1 128 ? 7.673   10.622  -11.331 1.00 12.48 ? 128 GLU A C   1 
ATOM   1016 O O   . GLU A 1 128 ? 7.292   11.441  -10.464 1.00 11.66 ? 128 GLU A O   1 
ATOM   1017 C CB  . GLU A 1 128 ? 6.622   11.634  -13.226 1.00 12.96 ? 128 GLU A CB  1 
ATOM   1018 C CG  . GLU A 1 128 ? 5.800   11.646  -14.431 1.00 20.46 ? 128 GLU A CG  1 
ATOM   1019 C CD  . GLU A 1 128 ? 5.893   13.033  -14.991 1.00 32.54 ? 128 GLU A CD  1 
ATOM   1020 O OE1 . GLU A 1 128 ? 4.840   13.748  -14.977 1.00 35.91 ? 128 GLU A OE1 1 
ATOM   1021 O OE2 . GLU A 1 128 ? 7.051   13.410  -15.320 1.00 26.78 ? 128 GLU A OE2 1 
ATOM   1022 N N   . ARG A 1 129 ? 8.866   10.038  -11.298 1.00 12.21 ? 129 ARG A N   1 
ATOM   1023 C CA  . ARG A 1 129 ? 9.704   10.210  -10.116 1.00 13.71 ? 129 ARG A CA  1 
ATOM   1024 C C   . ARG A 1 129 ? 10.069  11.675  -9.883  1.00 15.99 ? 129 ARG A C   1 
ATOM   1025 O O   . ARG A 1 129 ? 10.278  12.090  -8.715  1.00 18.81 ? 129 ARG A O   1 
ATOM   1026 C CB  . ARG A 1 129 ? 10.949  9.327   -10.230 1.00 14.01 ? 129 ARG A CB  1 
ATOM   1027 C CG  . ARG A 1 129 ? 10.587  7.876   -10.059 1.00 16.84 ? 129 ARG A CG  1 
ATOM   1028 C CD  . ARG A 1 129 ? 11.871  6.972   -10.135 1.00 19.17 ? 129 ARG A CD  1 
ATOM   1029 N NE  . ARG A 1 129 ? 12.922  7.422   -11.088 1.00 25.42 ? 129 ARG A NE  1 
ATOM   1030 C CZ  . ARG A 1 129 ? 13.185  6.806   -12.263 1.00 28.85 ? 129 ARG A CZ  1 
ATOM   1031 N NH1 . ARG A 1 129 ? 12.455  5.744   -12.664 1.00 20.57 ? 129 ARG A NH1 1 
ATOM   1032 N NH2 . ARG A 1 129 ? 14.154  7.287   -13.068 1.00 28.55 ? 129 ARG A NH2 1 
ATOM   1033 N N   . GLY A 1 130 ? 10.165  12.479  -10.908 1.00 15.31 ? 130 GLY A N   1 
ATOM   1034 C CA  . GLY A 1 130 ? 10.586  13.858  -10.509 1.00 17.71 ? 130 GLY A CA  1 
ATOM   1035 C C   . GLY A 1 130 ? 9.508   14.864  -10.200 1.00 16.43 ? 130 GLY A C   1 
ATOM   1036 O O   . GLY A 1 130 ? 9.793   16.064  -10.125 1.00 15.21 ? 130 GLY A O   1 
ATOM   1037 N N   . GLN A 1 131 ? 8.269   14.396  -10.003 1.00 13.14 ? 131 GLN A N   1 
ATOM   1038 C CA  . GLN A 1 131 ? 7.134   15.302  -9.878  1.00 13.15 ? 131 GLN A CA  1 
ATOM   1039 C C   . GLN A 1 131 ? 6.354   14.938  -8.593  1.00 12.09 ? 131 GLN A C   1 
ATOM   1040 O O   . GLN A 1 131 ? 6.590   13.861  -7.968  1.00 10.48 ? 131 GLN A O   1 
ATOM   1041 C CB  . GLN A 1 131 ? 6.202   15.136  -11.101 1.00 13.63 ? 131 GLN A CB  1 
ATOM   1042 C CG  . GLN A 1 131 ? 6.849   15.430  -12.477 1.00 18.68 ? 131 GLN A CG  1 
ATOM   1043 C CD  . GLN A 1 131 ? 7.437   16.841  -12.542 1.00 21.16 ? 131 GLN A CD  1 
ATOM   1044 O OE1 . GLN A 1 131 ? 6.903   17.781  -11.951 1.00 24.29 ? 131 GLN A OE1 1 
ATOM   1045 N NE2 . GLN A 1 131 ? 8.583   16.981  -13.213 1.00 24.48 ? 131 GLN A NE2 1 
ATOM   1046 N N   . THR A 1 132 ? 5.429   15.818  -8.179  1.00 9.86  ? 132 THR A N   1 
ATOM   1047 C CA  A THR A 1 132 ? 4.576   15.531  -7.022  0.50 9.03  ? 132 THR A CA  1 
ATOM   1048 C CA  B THR A 1 132 ? 4.599   15.525  -7.002  0.50 10.08 ? 132 THR A CA  1 
ATOM   1049 C C   . THR A 1 132 ? 3.755   14.243  -7.262  1.00 8.10  ? 132 THR A C   1 
ATOM   1050 O O   . THR A 1 132 ? 3.337   13.943  -8.389  1.00 9.70  ? 132 THR A O   1 
ATOM   1051 C CB  A THR A 1 132 ? 3.692   16.765  -6.785  0.50 9.27  ? 132 THR A CB  1 
ATOM   1052 C CB  B THR A 1 132 ? 3.713   16.755  -6.587  0.50 10.22 ? 132 THR A CB  1 
ATOM   1053 O OG1 A THR A 1 132 ? 4.565   17.900  -6.824  0.50 9.45  ? 132 THR A OG1 1 
ATOM   1054 O OG1 B THR A 1 132 ? 3.168   17.358  -7.768  0.50 13.58 ? 132 THR A OG1 1 
ATOM   1055 C CG2 A THR A 1 132 ? 2.902   16.703  -5.476  0.50 6.29  ? 132 THR A CG2 1 
ATOM   1056 C CG2 B THR A 1 132 ? 4.557   17.813  -5.845  0.50 11.49 ? 132 THR A CG2 1 
ATOM   1057 N N   . GLY A 1 133 ? 3.488   13.499  -6.215  1.00 6.35  ? 133 GLY A N   1 
ATOM   1058 C CA  . GLY A 1 133 ? 2.682   12.278  -6.328  1.00 5.40  ? 133 GLY A CA  1 
ATOM   1059 C C   . GLY A 1 133 ? 1.207   12.564  -5.929  1.00 5.59  ? 133 GLY A C   1 
ATOM   1060 O O   . GLY A 1 133 ? 0.795   13.725  -5.601  1.00 5.44  ? 133 GLY A O   1 
ATOM   1061 N N   . LEU A 1 134 ? 0.404   11.500  -6.009  1.00 5.95  ? 134 LEU A N   1 
ATOM   1062 C CA  . LEU A 1 134 ? -1.029  11.562  -5.940  1.00 6.83  ? 134 LEU A CA  1 
ATOM   1063 C C   . LEU A 1 134 ? -1.445  10.619  -4.801  1.00 5.63  ? 134 LEU A C   1 
ATOM   1064 O O   . LEU A 1 134 ? -0.934  9.473   -4.703  1.00 5.18  ? 134 LEU A O   1 
ATOM   1065 C CB  . LEU A 1 134 ? -1.584  10.980  -7.260  1.00 6.62  ? 134 LEU A CB  1 
ATOM   1066 C CG  . LEU A 1 134 ? -1.261  11.844  -8.480  1.00 7.85  ? 134 LEU A CG  1 
ATOM   1067 C CD1 . LEU A 1 134 ? -1.579  11.027  -9.714  1.00 4.42  ? 134 LEU A CD1 1 
ATOM   1068 C CD2 . LEU A 1 134 ? -2.153  13.127  -8.455  1.00 13.00 ? 134 LEU A CD2 1 
ATOM   1069 N N   . ASP A 1 135 ? -2.253  11.143  -3.886  1.00 4.68  ? 135 ASP A N   1 
ATOM   1070 C CA  . ASP A 1 135 ? -2.645  10.353  -2.706  1.00 6.41  ? 135 ASP A CA  1 
ATOM   1071 C C   . ASP A 1 135 ? -3.459  9.078   -3.088  1.00 5.83  ? 135 ASP A C   1 
ATOM   1072 O O   . ASP A 1 135 ? -4.288  9.098   -4.002  1.00 7.12  ? 135 ASP A O   1 
ATOM   1073 C CB  . ASP A 1 135 ? -3.558  11.182  -1.790  1.00 4.53  ? 135 ASP A CB  1 
ATOM   1074 C CG  . ASP A 1 135 ? -2.875  12.369  -1.145  1.00 5.97  ? 135 ASP A CG  1 
ATOM   1075 O OD1 . ASP A 1 135 ? -1.670  12.351  -0.817  1.00 9.42  ? 135 ASP A OD1 1 
ATOM   1076 O OD2 . ASP A 1 135 ? -3.602  13.366  -1.021  1.00 5.37  ? 135 ASP A OD2 1 
ATOM   1077 N N   . ILE A 1 136 ? -3.170  7.977   -2.426  1.00 4.69  ? 136 ILE A N   1 
ATOM   1078 C CA  . ILE A 1 136 ? -4.092  6.801   -2.465  1.00 5.92  ? 136 ILE A CA  1 
ATOM   1079 C C   . ILE A 1 136 ? -5.203  6.933   -1.405  1.00 8.48  ? 136 ILE A C   1 
ATOM   1080 O O   . ILE A 1 136 ? -4.891  7.129   -0.219  1.00 9.00  ? 136 ILE A O   1 
ATOM   1081 C CB  . ILE A 1 136 ? -3.271  5.490   -2.237  1.00 6.40  ? 136 ILE A CB  1 
ATOM   1082 C CG1 . ILE A 1 136 ? -2.298  5.274   -3.406  1.00 6.53  ? 136 ILE A CG1 1 
ATOM   1083 C CG2 . ILE A 1 136 ? -4.170  4.200   -2.038  1.00 5.56  ? 136 ILE A CG2 1 
ATOM   1084 C CD1 . ILE A 1 136 ? -2.969  5.089   -4.840  1.00 5.19  ? 136 ILE A CD1 1 
ATOM   1085 N N   . GLY A 1 137 ? -6.481  6.835   -1.851  1.00 8.25  ? 137 GLY A N   1 
ATOM   1086 C CA  . GLY A 1 137 ? -7.650  6.913   -0.974  1.00 8.13  ? 137 GLY A CA  1 
ATOM   1087 C C   . GLY A 1 137 ? -8.520  5.729   -1.347  1.00 9.41  ? 137 GLY A C   1 
ATOM   1088 O O   . GLY A 1 137 ? -8.027  4.704   -1.833  1.00 7.75  ? 137 GLY A O   1 
ATOM   1089 N N   . LEU A 1 138 ? -9.838  5.877   -1.148  1.00 9.08  ? 138 LEU A N   1 
ATOM   1090 C CA  . LEU A 1 138 ? -10.786 4.727   -1.254  1.00 11.01 ? 138 LEU A CA  1 
ATOM   1091 C C   . LEU A 1 138 ? -11.891 5.125   -2.210  1.00 12.14 ? 138 LEU A C   1 
ATOM   1092 O O   . LEU A 1 138 ? -12.423 6.282   -2.164  1.00 12.09 ? 138 LEU A O   1 
ATOM   1093 C CB  . LEU A 1 138 ? -11.412 4.317   0.080   1.00 11.78 ? 138 LEU A CB  1 
ATOM   1094 C CG  . LEU A 1 138 ? -10.394 3.985   1.180   1.00 11.71 ? 138 LEU A CG  1 
ATOM   1095 C CD1 . LEU A 1 138 ? -11.205 3.592   2.515   1.00 14.88 ? 138 LEU A CD1 1 
ATOM   1096 C CD2 . LEU A 1 138 ? -9.479  2.820   0.753   1.00 15.99 ? 138 LEU A CD2 1 
ATOM   1097 N N   . VAL A 1 139 ? -12.203 4.215   -3.113  1.00 11.69 ? 139 VAL A N   1 
ATOM   1098 C CA  . VAL A 1 139 ? -13.356 4.428   -4.048  1.00 15.24 ? 139 VAL A CA  1 
ATOM   1099 C C   . VAL A 1 139 ? -14.391 3.419   -3.671  1.00 18.09 ? 139 VAL A C   1 
ATOM   1100 O O   . VAL A 1 139 ? -14.123 2.188   -3.631  1.00 16.17 ? 139 VAL A O   1 
ATOM   1101 C CB  . VAL A 1 139 ? -12.908 4.342   -5.548  1.00 15.37 ? 139 VAL A CB  1 
ATOM   1102 C CG1 . VAL A 1 139 ? -14.067 4.353   -6.488  1.00 17.38 ? 139 VAL A CG1 1 
ATOM   1103 C CG2 . VAL A 1 139 ? -12.025 5.500   -5.914  1.00 16.89 ? 139 VAL A CG2 1 
ATOM   1104 N N   . HIS A 1 140 ? -15.556 3.935   -3.273  1.00 20.49 ? 140 HIS A N   1 
ATOM   1105 C CA  . HIS A 1 140 ? -16.662 3.043   -2.859  1.00 24.22 ? 140 HIS A CA  1 
ATOM   1106 C C   . HIS A 1 140 ? -17.537 2.617   -4.080  1.00 25.28 ? 140 HIS A C   1 
ATOM   1107 O O   . HIS A 1 140 ? -18.279 3.476   -4.633  1.00 24.28 ? 140 HIS A O   1 
ATOM   1108 C CB  . HIS A 1 140 ? -17.530 3.724   -1.778  1.00 24.49 ? 140 HIS A CB  1 
ATOM   1109 C CG  . HIS A 1 140 ? -18.500 2.798   -1.100  1.00 28.52 ? 140 HIS A CG  1 
ATOM   1110 N ND1 . HIS A 1 140 ? -18.325 1.421   -1.058  1.00 29.85 ? 140 HIS A ND1 1 
ATOM   1111 C CD2 . HIS A 1 140 ? -19.622 3.052   -0.377  1.00 30.20 ? 140 HIS A CD2 1 
ATOM   1112 C CE1 . HIS A 1 140 ? -19.293 0.872   -0.339  1.00 30.35 ? 140 HIS A CE1 1 
ATOM   1113 N NE2 . HIS A 1 140 ? -20.095 1.838   0.081   1.00 31.47 ? 140 HIS A NE2 1 
ATOM   1114 N N   . ARG A 1 141 ? -17.468 1.328   -4.489  1.00 24.77 ? 141 ARG A N   1 
ATOM   1115 C CA  . ARG A 1 141 ? -18.347 0.848   -5.564  1.00 26.51 ? 141 ARG A CA  1 
ATOM   1116 C C   . ARG A 1 141 ? -18.686 -0.570  -5.284  1.00 26.37 ? 141 ARG A C   1 
ATOM   1117 O O   . ARG A 1 141 ? -17.862 -1.301  -4.788  1.00 25.54 ? 141 ARG A O   1 
ATOM   1118 C CB  . ARG A 1 141 ? -17.681 0.883   -6.956  1.00 26.49 ? 141 ARG A CB  1 
ATOM   1119 C CG  . ARG A 1 141 ? -17.083 2.194   -7.372  1.00 30.63 ? 141 ARG A CG  1 
ATOM   1120 C CD  . ARG A 1 141 ? -18.078 3.126   -8.116  1.00 39.06 ? 141 ARG A CD  1 
ATOM   1121 N NE  . ARG A 1 141 ? -17.265 4.106   -8.852  1.00 42.89 ? 141 ARG A NE  1 
ATOM   1122 C CZ  . ARG A 1 141 ? -17.028 5.361   -8.461  1.00 44.69 ? 141 ARG A CZ  1 
ATOM   1123 N NH1 . ARG A 1 141 ? -17.596 5.842   -7.341  1.00 42.10 ? 141 ARG A NH1 1 
ATOM   1124 N NH2 . ARG A 1 141 ? -16.226 6.138   -9.209  1.00 43.42 ? 141 ARG A NH2 1 
ATOM   1125 N N   . ASN A 1 142 ? -19.885 -1.010  -5.669  1.00 28.35 ? 142 ASN A N   1 
ATOM   1126 C CA  . ASN A 1 142 ? -20.154 -2.455  -5.722  1.00 28.98 ? 142 ASN A CA  1 
ATOM   1127 C C   . ASN A 1 142 ? -19.896 -3.136  -4.363  1.00 27.63 ? 142 ASN A C   1 
ATOM   1128 O O   . ASN A 1 142 ? -19.325 -4.227  -4.339  1.00 27.69 ? 142 ASN A O   1 
ATOM   1129 C CB  . ASN A 1 142 ? -19.274 -3.098  -6.843  1.00 30.31 ? 142 ASN A CB  1 
ATOM   1130 C CG  . ASN A 1 142 ? -19.628 -2.562  -8.260  1.00 33.24 ? 142 ASN A CG  1 
ATOM   1131 O OD1 . ASN A 1 142 ? -20.827 -2.419  -8.576  1.00 33.85 ? 142 ASN A OD1 1 
ATOM   1132 N ND2 . ASN A 1 142 ? -18.591 -2.248  -9.107  1.00 36.81 ? 142 ASN A ND2 1 
ATOM   1133 N N   . ASP A 1 143 ? -20.266 -2.480  -3.261  1.00 26.62 ? 143 ASP A N   1 
ATOM   1134 C CA  . ASP A 1 143 ? -20.165 -3.073  -1.900  1.00 25.20 ? 143 ASP A CA  1 
ATOM   1135 C C   . ASP A 1 143 ? -18.705 -3.270  -1.465  1.00 24.15 ? 143 ASP A C   1 
ATOM   1136 O O   . ASP A 1 143 ? -18.433 -4.219  -0.670  1.00 22.03 ? 143 ASP A O   1 
ATOM   1137 C CB  . ASP A 1 143 ? -20.965 -4.444  -1.838  1.00 26.06 ? 143 ASP A CB  1 
ATOM   1138 C CG  . ASP A 1 143 ? -21.318 -4.940  -0.366  1.00 28.22 ? 143 ASP A CG  1 
ATOM   1139 O OD1 . ASP A 1 143 ? -21.080 -4.189  0.645   1.00 28.11 ? 143 ASP A OD1 1 
ATOM   1140 O OD2 . ASP A 1 143 ? -21.855 -6.116  -0.249  1.00 29.74 ? 143 ASP A OD2 1 
ATOM   1141 N N   . LYS A 1 144 ? -17.758 -2.435  -2.011  1.00 20.58 ? 144 LYS A N   1 
ATOM   1142 C CA  . LYS A 1 144 ? -16.360 -2.582  -1.653  1.00 19.53 ? 144 LYS A CA  1 
ATOM   1143 C C   . LYS A 1 144 ? -15.703 -1.177  -1.542  1.00 18.60 ? 144 LYS A C   1 
ATOM   1144 O O   . LYS A 1 144 ? -16.193 -0.221  -2.194  1.00 18.36 ? 144 LYS A O   1 
ATOM   1145 C CB  . LYS A 1 144 ? -15.592 -3.499  -2.650  1.00 20.23 ? 144 LYS A CB  1 
ATOM   1146 C CG  . LYS A 1 144 ? -15.916 -5.024  -2.599  1.00 25.21 ? 144 LYS A CG  1 
ATOM   1147 C CD  . LYS A 1 144 ? -15.427 -5.661  -1.233  1.00 29.05 ? 144 LYS A CD  1 
ATOM   1148 C CE  . LYS A 1 144 ? -16.229 -6.952  -0.958  1.00 31.78 ? 144 LYS A CE  1 
ATOM   1149 N NZ  . LYS A 1 144 ? -16.054 -7.853  -2.115  1.00 33.38 ? 144 LYS A NZ  1 
ATOM   1150 N N   . TYR A 1 145 ? -14.707 -1.053  -0.661  1.00 16.01 ? 145 TYR A N   1 
ATOM   1151 C CA  . TYR A 1 145 ? -13.748 0.140   -0.664  1.00 16.46 ? 145 TYR A CA  1 
ATOM   1152 C C   . TYR A 1 145 ? -12.432 -0.130  -1.350  1.00 13.64 ? 145 TYR A C   1 
ATOM   1153 O O   . TYR A 1 145 ? -11.500 -0.649  -0.697  1.00 13.28 ? 145 TYR A O   1 
ATOM   1154 C CB  . TYR A 1 145 ? -13.481 0.637   0.778   1.00 18.19 ? 145 TYR A CB  1 
ATOM   1155 C CG  . TYR A 1 145 ? -14.807 1.181   1.323   1.00 21.85 ? 145 TYR A CG  1 
ATOM   1156 C CD1 . TYR A 1 145 ? -15.161 2.539   1.193   1.00 25.54 ? 145 TYR A CD1 1 
ATOM   1157 C CD2 . TYR A 1 145 ? -15.742 0.303   1.884   1.00 24.68 ? 145 TYR A CD2 1 
ATOM   1158 C CE1 . TYR A 1 145 ? -16.468 3.042   1.679   1.00 23.23 ? 145 TYR A CE1 1 
ATOM   1159 C CE2 . TYR A 1 145 ? -17.021 0.778   2.360   1.00 27.00 ? 145 TYR A CE2 1 
ATOM   1160 C CZ  . TYR A 1 145 ? -17.359 2.117   2.234   1.00 24.80 ? 145 TYR A CZ  1 
ATOM   1161 O OH  . TYR A 1 145 ? -18.616 2.478   2.707   1.00 28.86 ? 145 TYR A OH  1 
ATOM   1162 N N   . TYR A 1 146 ? -12.340 0.232   -2.622  1.00 11.51 ? 146 TYR A N   1 
ATOM   1163 C CA  . TYR A 1 146 ? -11.161 -0.055  -3.416  1.00 9.35  ? 146 TYR A CA  1 
ATOM   1164 C C   . TYR A 1 146 ? -10.065 0.999   -3.137  1.00 8.35  ? 146 TYR A C   1 
ATOM   1165 O O   . TYR A 1 146 ? -10.344 2.218   -3.243  1.00 7.31  ? 146 TYR A O   1 
ATOM   1166 C CB  . TYR A 1 146 ? -11.549 0.019   -4.877  1.00 11.59 ? 146 TYR A CB  1 
ATOM   1167 C CG  . TYR A 1 146 ? -12.492 -1.137  -5.306  1.00 14.33 ? 146 TYR A CG  1 
ATOM   1168 C CD1 . TYR A 1 146 ? -11.997 -2.381  -5.656  1.00 11.94 ? 146 TYR A CD1 1 
ATOM   1169 C CD2 . TYR A 1 146 ? -13.868 -0.922  -5.400  1.00 20.55 ? 146 TYR A CD2 1 
ATOM   1170 C CE1 . TYR A 1 146 ? -12.881 -3.446  -6.060  1.00 12.57 ? 146 TYR A CE1 1 
ATOM   1171 C CE2 . TYR A 1 146 ? -14.753 -1.938  -5.814  1.00 21.25 ? 146 TYR A CE2 1 
ATOM   1172 C CZ  . TYR A 1 146 ? -14.233 -3.199  -6.138  1.00 19.64 ? 146 TYR A CZ  1 
ATOM   1173 O OH  . TYR A 1 146 ? -15.090 -4.186  -6.588  1.00 16.57 ? 146 TYR A OH  1 
ATOM   1174 N N   . LEU A 1 147 ? -8.842  0.522   -2.890  1.00 7.59  ? 147 LEU A N   1 
ATOM   1175 C CA  . LEU A 1 147 ? -7.685  1.400   -2.805  1.00 7.67  ? 147 LEU A CA  1 
ATOM   1176 C C   . LEU A 1 147 ? -7.468  1.949   -4.274  1.00 8.09  ? 147 LEU A C   1 
ATOM   1177 O O   . LEU A 1 147 ? -7.439  1.203   -5.247  1.00 7.37  ? 147 LEU A O   1 
ATOM   1178 C CB  . LEU A 1 147 ? -6.400  0.686   -2.302  1.00 7.79  ? 147 LEU A CB  1 
ATOM   1179 C CG  . LEU A 1 147 ? -6.097  0.888   -0.800  1.00 11.41 ? 147 LEU A CG  1 
ATOM   1180 C CD1 . LEU A 1 147 ? -7.171  0.102   0.004   1.00 17.80 ? 147 LEU A CD1 1 
ATOM   1181 C CD2 . LEU A 1 147 ? -4.745  0.325   -0.534  1.00 12.36 ? 147 LEU A CD2 1 
ATOM   1182 N N   . ALA A 1 148 ? -7.392  3.276   -4.386  1.00 7.47  ? 148 ALA A N   1 
ATOM   1183 C CA  . ALA A 1 148 ? -7.437  3.946   -5.713  1.00 5.27  ? 148 ALA A CA  1 
ATOM   1184 C C   . ALA A 1 148 ? -6.795  5.293   -5.571  1.00 5.89  ? 148 ALA A C   1 
ATOM   1185 O O   . ALA A 1 148 ? -6.737  5.867   -4.461  1.00 7.12  ? 148 ALA A O   1 
ATOM   1186 C CB  . ALA A 1 148 ? -8.851  4.104   -6.116  1.00 7.20  ? 148 ALA A CB  1 
ATOM   1187 N N   . VAL A 1 149 ? -6.315  5.850   -6.666  1.00 6.16  ? 149 VAL A N   1 
ATOM   1188 C CA  . VAL A 1 149 ? -5.795  7.253   -6.628  1.00 4.53  ? 149 VAL A CA  1 
ATOM   1189 C C   . VAL A 1 149 ? -6.960  8.210   -6.356  1.00 6.28  ? 149 VAL A C   1 
ATOM   1190 O O   . VAL A 1 149 ? -7.989  8.145   -7.033  1.00 6.04  ? 149 VAL A O   1 
ATOM   1191 C CB  . VAL A 1 149 ? -5.078  7.594   -7.975  1.00 2.00  ? 149 VAL A CB  1 
ATOM   1192 C CG1 . VAL A 1 149 ? -4.634  9.125   -7.992  1.00 6.83  ? 149 VAL A CG1 1 
ATOM   1193 C CG2 . VAL A 1 149 ? -3.842  6.609   -8.175  1.00 6.52  ? 149 VAL A CG2 1 
ATOM   1194 N N   . LYS A 1 150 ? -6.838  9.055   -5.325  1.00 5.72  ? 150 LYS A N   1 
ATOM   1195 C CA  . LYS A 1 150 ? -7.864  10.003  -5.013  1.00 8.12  ? 150 LYS A CA  1 
ATOM   1196 C C   . LYS A 1 150 ? -7.132  11.153  -4.296  1.00 8.32  ? 150 LYS A C   1 
ATOM   1197 O O   . LYS A 1 150 ? -7.125  11.213  -3.096  1.00 7.18  ? 150 LYS A O   1 
ATOM   1198 C CB  . LYS A 1 150 ? -8.843  9.346   -4.033  1.00 8.74  ? 150 LYS A CB  1 
ATOM   1199 C CG  . LYS A 1 150 ? -10.219 10.051  -3.994  1.00 18.23 ? 150 LYS A CG  1 
ATOM   1200 C CD  . LYS A 1 150 ? -11.128 9.230   -3.082  1.00 23.26 ? 150 LYS A CD  1 
ATOM   1201 C CE  . LYS A 1 150 ? -12.544 9.420   -3.513  1.00 26.38 ? 150 LYS A CE  1 
ATOM   1202 N NZ  . LYS A 1 150 ? -13.431 8.831   -2.450  1.00 26.95 ? 150 LYS A NZ  1 
ATOM   1203 N N   . ASP A 1 151 ? -6.505  12.013  -5.084  1.00 8.53  ? 151 ASP A N   1 
ATOM   1204 C CA  . ASP A 1 151 ? -5.602  13.070  -4.570  1.00 7.35  ? 151 ASP A CA  1 
ATOM   1205 C C   . ASP A 1 151 ? -6.384  14.033  -3.668  1.00 5.87  ? 151 ASP A C   1 
ATOM   1206 O O   . ASP A 1 151 ? -7.476  14.487  -4.035  1.00 6.63  ? 151 ASP A O   1 
ATOM   1207 C CB  . ASP A 1 151 ? -4.991  13.839  -5.721  1.00 6.97  ? 151 ASP A CB  1 
ATOM   1208 C CG  . ASP A 1 151 ? -3.665  14.477  -5.316  1.00 5.50  ? 151 ASP A CG  1 
ATOM   1209 O OD1 . ASP A 1 151 ? -2.999  13.859  -4.423  1.00 5.72  ? 151 ASP A OD1 1 
ATOM   1210 O OD2 . ASP A 1 151 ? -3.308  15.478  -5.908  1.00 8.43  ? 151 ASP A OD2 1 
ATOM   1211 N N   . GLY A 1 152 ? -5.855  14.268  -2.470  1.00 5.79  ? 152 GLY A N   1 
ATOM   1212 C CA  . GLY A 1 152 ? -6.526  15.147  -1.485  1.00 7.35  ? 152 GLY A CA  1 
ATOM   1213 C C   . GLY A 1 152 ? -7.387  14.379  -0.508  1.00 7.18  ? 152 GLY A C   1 
ATOM   1214 O O   . GLY A 1 152 ? -7.856  14.970  0.459   1.00 7.29  ? 152 GLY A O   1 
ATOM   1215 N N   . GLU A 1 153 ? -7.674  13.086  -0.805  1.00 7.08  ? 153 GLU A N   1 
ATOM   1216 C CA  . GLU A 1 153 ? -8.457  12.295  0.142   1.00 8.43  ? 153 GLU A CA  1 
ATOM   1217 C C   . GLU A 1 153 ? -7.715  11.012  0.559   1.00 7.72  ? 153 GLU A C   1 
ATOM   1218 O O   . GLU A 1 153 ? -8.186  9.915   0.283   1.00 8.20  ? 153 GLU A O   1 
ATOM   1219 C CB  . GLU A 1 153 ? -9.805  11.966  -0.487  1.00 8.65  ? 153 GLU A CB  1 
ATOM   1220 C CG  . GLU A 1 153 ? -10.619 13.241  -0.808  1.00 13.09 ? 153 GLU A CG  1 
ATOM   1221 C CD  . GLU A 1 153 ? -11.996 12.929  -1.486  1.00 16.93 ? 153 GLU A CD  1 
ATOM   1222 O OE1 . GLU A 1 153 ? -12.935 12.552  -0.732  1.00 19.45 ? 153 GLU A OE1 1 
ATOM   1223 O OE2 . GLU A 1 153 ? -12.079 12.996  -2.751  1.00 24.39 ? 153 GLU A OE2 1 
ATOM   1224 N N   . PRO A 1 154 ? -6.486  11.145  1.126   1.00 8.42  ? 154 PRO A N   1 
ATOM   1225 C CA  . PRO A 1 154 ? -5.728  9.951   1.423   1.00 7.27  ? 154 PRO A CA  1 
ATOM   1226 C C   . PRO A 1 154 ? -6.403  9.081   2.510   1.00 7.74  ? 154 PRO A C   1 
ATOM   1227 O O   . PRO A 1 154 ? -7.106  9.601   3.434   1.00 5.57  ? 154 PRO A O   1 
ATOM   1228 C CB  . PRO A 1 154 ? -4.342  10.537  1.921   1.00 6.74  ? 154 PRO A CB  1 
ATOM   1229 C CG  . PRO A 1 154 ? -4.774  11.852  2.630   1.00 5.95  ? 154 PRO A CG  1 
ATOM   1230 C CD  . PRO A 1 154 ? -5.813  12.395  1.643   1.00 8.40  ? 154 PRO A CD  1 
ATOM   1231 N N   . CYS A 1 155 ? -6.230  7.771   2.346   1.00 9.34  ? 155 CYS A N   1 
ATOM   1232 C CA  . CYS A 1 155 ? -6.552  6.807   3.399   1.00 10.53 ? 155 CYS A CA  1 
ATOM   1233 C C   . CYS A 1 155 ? -5.332  6.826   4.381   1.00 11.61 ? 155 CYS A C   1 
ATOM   1234 O O   . CYS A 1 155 ? -4.172  6.598   3.977   1.00 13.41 ? 155 CYS A O   1 
ATOM   1235 C CB  . CYS A 1 155 ? -6.856  5.442   2.766   1.00 11.86 ? 155 CYS A CB  1 
ATOM   1236 S SG  . CYS A 1 155 ? -7.390  4.300   4.057   1.00 20.72 ? 155 CYS A SG  1 
ATOM   1237 N N   . VAL A 1 156 ? -5.579  7.145   5.660   1.00 7.63  ? 156 VAL A N   1 
ATOM   1238 C CA  . VAL A 1 156 ? -4.477  7.216   6.670   1.00 7.53  ? 156 VAL A CA  1 
ATOM   1239 C C   . VAL A 1 156 ? -4.419  5.865   7.484   1.00 8.19  ? 156 VAL A C   1 
ATOM   1240 O O   . VAL A 1 156 ? -5.446  5.352   7.916   1.00 8.41  ? 156 VAL A O   1 
ATOM   1241 C CB  . VAL A 1 156 ? -4.756  8.432   7.612   1.00 8.04  ? 156 VAL A CB  1 
ATOM   1242 C CG1 . VAL A 1 156 ? -3.720  8.552   8.697   1.00 3.61  ? 156 VAL A CG1 1 
ATOM   1243 C CG2 . VAL A 1 156 ? -4.916  9.733   6.755   1.00 8.80  ? 156 VAL A CG2 1 
ATOM   1244 N N   . PHE A 1 157 ? -3.209  5.343   7.671   1.00 8.12  ? 157 PHE A N   1 
ATOM   1245 C CA  . PHE A 1 157 ? -2.952  4.005   8.235   1.00 9.06  ? 157 PHE A CA  1 
ATOM   1246 C C   . PHE A 1 157 ? -1.959  4.198   9.330   1.00 8.95  ? 157 PHE A C   1 
ATOM   1247 O O   . PHE A 1 157 ? -1.070  5.076   9.199   1.00 8.16  ? 157 PHE A O   1 
ATOM   1248 C CB  . PHE A 1 157 ? -2.237  3.144   7.154   1.00 10.54 ? 157 PHE A CB  1 
ATOM   1249 C CG  . PHE A 1 157 ? -3.076  2.820   5.982   1.00 17.57 ? 157 PHE A CG  1 
ATOM   1250 C CD1 . PHE A 1 157 ? -4.065  1.768   6.071   1.00 20.28 ? 157 PHE A CD1 1 
ATOM   1251 C CD2 . PHE A 1 157 ? -2.903  3.526   4.767   1.00 15.28 ? 157 PHE A CD2 1 
ATOM   1252 C CE1 . PHE A 1 157 ? -4.879  1.392   4.950   1.00 18.36 ? 157 PHE A CE1 1 
ATOM   1253 C CE2 . PHE A 1 157 ? -3.738  3.158   3.581   1.00 18.01 ? 157 PHE A CE2 1 
ATOM   1254 C CZ  . PHE A 1 157 ? -4.723  2.092   3.690   1.00 17.70 ? 157 PHE A CZ  1 
ATOM   1255 N N   . LYS A 1 158 ? -1.969  3.317   10.361  1.00 7.14  ? 158 LYS A N   1 
ATOM   1256 C CA  . LYS A 1 158 ? -0.733  3.097   11.109  1.00 6.69  ? 158 LYS A CA  1 
ATOM   1257 C C   . LYS A 1 158 ? -0.169  1.738   10.633  1.00 7.94  ? 158 LYS A C   1 
ATOM   1258 O O   . LYS A 1 158 ? -0.878  0.922   9.972   1.00 8.28  ? 158 LYS A O   1 
ATOM   1259 C CB  . LYS A 1 158 ? -1.023  3.009   12.608  1.00 8.32  ? 158 LYS A CB  1 
ATOM   1260 C CG  . LYS A 1 158 ? -1.792  4.195   13.136  1.00 14.45 ? 158 LYS A CG  1 
ATOM   1261 C CD  . LYS A 1 158 ? -1.506  4.461   14.638  1.00 20.38 ? 158 LYS A CD  1 
ATOM   1262 C CE  . LYS A 1 158 ? -1.724  5.935   14.899  1.00 24.97 ? 158 LYS A CE  1 
ATOM   1263 N NZ  . LYS A 1 158 ? -2.370  6.205   16.231  1.00 30.93 ? 158 LYS A NZ  1 
ATOM   1264 N N   . ILE A 1 159 ? 1.101   1.477   10.953  1.00 6.81  ? 159 ILE A N   1 
ATOM   1265 C CA  . ILE A 1 159 ? 1.802   0.331   10.379  1.00 6.19  ? 159 ILE A CA  1 
ATOM   1266 C C   . ILE A 1 159 ? 2.177   -0.606  11.538  1.00 7.78  ? 159 ILE A C   1 
ATOM   1267 O O   . ILE A 1 159 ? 3.026   -0.262  12.339  1.00 8.47  ? 159 ILE A O   1 
ATOM   1268 C CB  . ILE A 1 159 ? 3.067   0.833   9.639   1.00 6.95  ? 159 ILE A CB  1 
ATOM   1269 C CG1 . ILE A 1 159 ? 2.620   1.868   8.559   1.00 8.37  ? 159 ILE A CG1 1 
ATOM   1270 C CG2 . ILE A 1 159 ? 3.900   -0.388  9.021   1.00 6.58  ? 159 ILE A CG2 1 
ATOM   1271 C CD1 . ILE A 1 159 ? 3.731   2.485   7.807   1.00 11.21 ? 159 ILE A CD1 1 
ATOM   1272 N N   . ARG A 1 160 ? 1.543   -1.770  11.596  1.00 7.35  ? 160 ARG A N   1 
ATOM   1273 C CA  . ARG A 1 160 ? 1.640   -2.660  12.739  1.00 8.61  ? 160 ARG A CA  1 
ATOM   1274 C C   . ARG A 1 160 ? 2.453   -3.867  12.315  1.00 8.31  ? 160 ARG A C   1 
ATOM   1275 O O   . ARG A 1 160 ? 2.056   -4.604  11.388  1.00 7.09  ? 160 ARG A O   1 
ATOM   1276 C CB  . ARG A 1 160 ? 0.228   -3.109  13.272  1.00 7.58  ? 160 ARG A CB  1 
ATOM   1277 C CG  . ARG A 1 160 ? 0.362   -4.057  14.590  1.00 8.51  ? 160 ARG A CG  1 
ATOM   1278 C CD  . ARG A 1 160 ? -1.005  -4.918  14.947  1.00 12.61 ? 160 ARG A CD  1 
ATOM   1279 N NE  . ARG A 1 160 ? -2.165  -4.064  15.065  1.00 20.02 ? 160 ARG A NE  1 
ATOM   1280 C CZ  . ARG A 1 160 ? -3.394  -4.278  14.561  1.00 24.32 ? 160 ARG A CZ  1 
ATOM   1281 N NH1 . ARG A 1 160 ? -3.637  -5.355  13.798  1.00 28.69 ? 160 ARG A NH1 1 
ATOM   1282 N NH2 . ARG A 1 160 ? -4.394  -3.391  14.819  1.00 18.68 ? 160 ARG A NH2 1 
ATOM   1283 N N   . LYS A 1 161 ? 3.611   -4.040  12.955  1.00 9.43  ? 161 LYS A N   1 
ATOM   1284 C CA  . LYS A 1 161 ? 4.508   -5.181  12.616  1.00 11.31 ? 161 LYS A CA  1 
ATOM   1285 C C   . LYS A 1 161 ? 3.782   -6.517  12.823  1.00 13.21 ? 161 LYS A C   1 
ATOM   1286 O O   . LYS A 1 161 ? 3.090   -6.679  13.867  1.00 13.95 ? 161 LYS A O   1 
ATOM   1287 C CB  . LYS A 1 161 ? 5.795   -5.102  13.430  1.00 11.45 ? 161 LYS A CB  1 
ATOM   1288 C CG  . LYS A 1 161 ? 6.828   -6.171  13.035  1.00 12.80 ? 161 LYS A CG  1 
ATOM   1289 C CD  . LYS A 1 161 ? 8.215   -5.879  13.657  1.00 12.56 ? 161 LYS A CD  1 
ATOM   1290 C CE  . LYS A 1 161 ? 9.194   -7.033  13.305  1.00 18.25 ? 161 LYS A CE  1 
ATOM   1291 N NZ  . LYS A 1 161 ? 10.520  -6.954  14.122  1.00 21.62 ? 161 LYS A NZ  1 
ATOM   1292 N N   . ALA A 1 162 ? 3.811   -7.426  11.831  1.00 14.30 ? 162 ALA A N   1 
ATOM   1293 C CA  . ALA A 1 162 ? 2.960   -8.622  11.822  1.00 18.91 ? 162 ALA A CA  1 
ATOM   1294 C C   . ALA A 1 162 ? 3.622   -9.593  12.756  1.00 23.54 ? 162 ALA A C   1 
ATOM   1295 O O   . ALA A 1 162 ? 3.019   -10.567 13.204  1.00 26.48 ? 162 ALA A O   1 
ATOM   1296 C CB  . ALA A 1 162 ? 2.717   -9.204  10.363  1.00 16.98 ? 162 ALA A CB  1 
ATOM   1297 N N   . THR A 1 163 ? 4.844   -9.236  13.136  1.00 28.52 ? 163 THR A N   1 
ATOM   1298 C CA  . THR A 1 163 ? 5.617   -9.858  14.248  1.00 32.60 ? 163 THR A CA  1 
ATOM   1299 C C   . THR A 1 163 ? 5.885   -11.371 14.097  1.00 34.14 ? 163 THR A C   1 
ATOM   1300 O O   . THR A 1 163 ? 6.866   -11.750 13.418  1.00 36.10 ? 163 THR A O   1 
ATOM   1301 C CB  . THR A 1 163 ? 5.122   -9.392  15.677  1.00 33.48 ? 163 THR A CB  1 
ATOM   1302 O OG1 . THR A 1 163 ? 6.132   -8.534  16.253  1.00 37.67 ? 163 THR A OG1 1 
ATOM   1303 C CG2 . THR A 1 163 ? 4.828   -10.556 16.612  1.00 32.63 ? 163 THR A CG2 1 
HETATM 1304 C C1  . EDO B 2 .   ? 16.474  -4.069  -0.752  1.00 23.16 ? 700 EDO A C1  1 
HETATM 1305 O O1  . EDO B 2 .   ? 16.111  -4.943  -1.808  1.00 30.61 ? 700 EDO A O1  1 
HETATM 1306 C C2  . EDO B 2 .   ? 17.967  -4.035  -0.639  1.00 19.41 ? 700 EDO A C2  1 
HETATM 1307 O O2  . EDO B 2 .   ? 18.378  -3.784  0.666   1.00 16.61 ? 700 EDO A O2  1 
HETATM 1308 C C1  . EDO C 2 .   ? 11.966  -3.640  -4.358  1.00 26.52 ? 701 EDO A C1  1 
HETATM 1309 O O1  . EDO C 2 .   ? 11.864  -2.355  -5.004  1.00 22.03 ? 701 EDO A O1  1 
HETATM 1310 C C2  . EDO C 2 .   ? 13.391  -3.737  -3.865  1.00 23.31 ? 701 EDO A C2  1 
HETATM 1311 O O2  . EDO C 2 .   ? 13.752  -5.084  -3.887  1.00 36.36 ? 701 EDO A O2  1 
HETATM 1312 O O   . HOH D 3 .   ? 5.194   10.965  -0.714  1.00 4.02  ? 702 HOH A O   1 
HETATM 1313 O O   . HOH D 3 .   ? -8.471  -1.385  -6.193  1.00 6.40  ? 703 HOH A O   1 
HETATM 1314 O O   . HOH D 3 .   ? 13.976  3.223   -3.061  1.00 2.03  ? 704 HOH A O   1 
HETATM 1315 O O   . HOH D 3 .   ? 11.333  0.516   -4.898  1.00 2.00  ? 705 HOH A O   1 
HETATM 1316 O O   . HOH D 3 .   ? 4.741   -2.059  -5.795  1.00 2.96  ? 706 HOH A O   1 
HETATM 1317 O O   . HOH D 3 .   ? 8.699   -4.406  4.818   1.00 6.43  ? 707 HOH A O   1 
HETATM 1318 O O   . HOH D 3 .   ? -8.900  6.763   -9.274  1.00 6.38  ? 708 HOH A O   1 
HETATM 1319 O O   . HOH D 3 .   ? -3.587  0.322   -16.768 1.00 5.40  ? 709 HOH A O   1 
HETATM 1320 O O   . HOH D 3 .   ? -3.252  14.883  1.116   1.00 8.57  ? 710 HOH A O   1 
HETATM 1321 O O   . HOH D 3 .   ? 0.428   -11.061 2.596   1.00 9.85  ? 711 HOH A O   1 
HETATM 1322 O O   . HOH D 3 .   ? 4.585   12.036  -9.905  1.00 8.89  ? 712 HOH A O   1 
HETATM 1323 O O   . HOH D 3 .   ? -3.107  5.975   1.590   1.00 3.50  ? 713 HOH A O   1 
HETATM 1324 O O   . HOH D 3 .   ? -6.947  12.073  -7.950  1.00 12.19 ? 714 HOH A O   1 
HETATM 1325 O O   . HOH D 3 .   ? 8.094   8.972   9.696   1.00 7.82  ? 715 HOH A O   1 
HETATM 1326 O O   . HOH D 3 .   ? 8.601   5.850   1.157   1.00 2.65  ? 716 HOH A O   1 
HETATM 1327 O O   . HOH D 3 .   ? -2.265  -4.831  5.789   1.00 10.63 ? 717 HOH A O   1 
HETATM 1328 O O   . HOH D 3 .   ? -7.670  -10.141 3.884   1.00 8.86  ? 718 HOH A O   1 
HETATM 1329 O O   . HOH D 3 .   ? 9.592   -2.611  12.550  1.00 8.82  ? 719 HOH A O   1 
HETATM 1330 O O   . HOH D 3 .   ? 3.648   -9.689  3.198   1.00 12.91 ? 720 HOH A O   1 
HETATM 1331 O O   . HOH D 3 .   ? 2.787   3.507   12.196  1.00 10.22 ? 721 HOH A O   1 
HETATM 1332 O O   . HOH D 3 .   ? 0.816   2.927   -13.294 1.00 8.31  ? 722 HOH A O   1 
HETATM 1333 O O   . HOH D 3 .   ? 12.042  1.631   -11.968 1.00 10.62 ? 723 HOH A O   1 
HETATM 1334 O O   . HOH D 3 .   ? -21.207 -6.303  5.547   1.00 7.24  ? 724 HOH A O   1 
HETATM 1335 O O   . HOH D 3 .   ? -11.575 -11.052 9.971   1.00 15.93 ? 725 HOH A O   1 
HETATM 1336 O O   . HOH D 3 .   ? -4.747  -4.508  6.754   1.00 13.54 ? 726 HOH A O   1 
HETATM 1337 O O   . HOH D 3 .   ? 4.273   -2.623  15.305  1.00 8.76  ? 727 HOH A O   1 
HETATM 1338 O O   . HOH D 3 .   ? 6.973   -1.824  -9.623  1.00 6.36  ? 728 HOH A O   1 
HETATM 1339 O O   . HOH D 3 .   ? 4.224   -1.984  -9.574  1.00 10.07 ? 729 HOH A O   1 
HETATM 1340 O O   . HOH D 3 .   ? 1.475   15.559  1.367   1.00 7.10  ? 730 HOH A O   1 
HETATM 1341 O O   . HOH D 3 .   ? -11.560 -1.256  -17.137 1.00 16.68 ? 731 HOH A O   1 
HETATM 1342 O O   . HOH D 3 .   ? -13.132 -8.394  -0.109  1.00 16.12 ? 732 HOH A O   1 
HETATM 1343 O O   . HOH D 3 .   ? 8.854   -10.108 -5.953  1.00 18.98 ? 733 HOH A O   1 
HETATM 1344 O O   . HOH D 3 .   ? 4.574   14.204  -3.687  1.00 12.10 ? 734 HOH A O   1 
HETATM 1345 O O   . HOH D 3 .   ? 12.740  -1.711  -13.744 1.00 13.08 ? 735 HOH A O   1 
HETATM 1346 O O   . HOH D 3 .   ? 10.581  4.604   -11.380 1.00 18.31 ? 736 HOH A O   1 
HETATM 1347 O O   . HOH D 3 .   ? 7.352   6.932   -10.487 1.00 14.33 ? 737 HOH A O   1 
HETATM 1348 O O   . HOH D 3 .   ? -6.428  -3.735  10.089  1.00 21.89 ? 738 HOH A O   1 
HETATM 1349 O O   . HOH D 3 .   ? 13.425  -3.521  -6.847  1.00 15.13 ? 739 HOH A O   1 
HETATM 1350 O O   . HOH D 3 .   ? 14.077  -5.230  -0.060  1.00 17.76 ? 740 HOH A O   1 
HETATM 1351 O O   . HOH D 3 .   ? -10.301 8.077   0.512   1.00 18.98 ? 741 HOH A O   1 
HETATM 1352 O O   . HOH D 3 .   ? 8.649   5.048   -9.589  1.00 13.63 ? 742 HOH A O   1 
HETATM 1353 O O   . HOH D 3 .   ? 21.208  -0.946  6.800   1.00 21.66 ? 743 HOH A O   1 
HETATM 1354 O O   . HOH D 3 .   ? -14.345 -3.447  0.828   1.00 18.01 ? 744 HOH A O   1 
HETATM 1355 O O   . HOH D 3 .   ? -7.212  -10.987 8.383   1.00 19.53 ? 745 HOH A O   1 
HETATM 1356 O O   . HOH D 3 .   ? -8.253  11.827  4.085   1.00 23.94 ? 746 HOH A O   1 
HETATM 1357 O O   . HOH D 3 .   ? 9.003   13.052  -7.043  1.00 15.28 ? 747 HOH A O   1 
HETATM 1358 O O   . HOH D 3 .   ? 9.853   8.561   -13.601 1.00 23.51 ? 748 HOH A O   1 
HETATM 1359 O O   . HOH D 3 .   ? 7.001   10.337  1.279   1.00 17.80 ? 749 HOH A O   1 
HETATM 1360 O O   . HOH D 3 .   ? 2.783   1.905   -11.639 1.00 22.44 ? 750 HOH A O   1 
HETATM 1361 O O   . HOH D 3 .   ? -16.098 6.701   -3.107  1.00 23.08 ? 751 HOH A O   1 
HETATM 1362 O O   . HOH D 3 .   ? 3.778   -11.798 4.740   1.00 23.21 ? 752 HOH A O   1 
HETATM 1363 O O   . HOH D 3 .   ? -9.656  0.869   -18.444 1.00 21.66 ? 753 HOH A O   1 
HETATM 1364 O O   . HOH D 3 .   ? 19.373  0.703   10.097  1.00 26.15 ? 754 HOH A O   1 
HETATM 1365 O O   . HOH D 3 .   ? 1.911   10.674  11.651  1.00 19.05 ? 755 HOH A O   1 
HETATM 1366 O O   . HOH D 3 .   ? 6.996   -10.268 9.515   1.00 25.48 ? 756 HOH A O   1 
HETATM 1367 O O   . HOH D 3 .   ? -17.438 -3.289  2.423   1.00 25.89 ? 757 HOH A O   1 
HETATM 1368 O O   . HOH D 3 .   ? -0.509  -11.420 -7.907  1.00 20.09 ? 758 HOH A O   1 
HETATM 1369 O O   . HOH D 3 .   ? 21.402  2.724   1.172   1.00 17.94 ? 759 HOH A O   1 
HETATM 1370 O O   . HOH D 3 .   ? -8.725  -8.245  -12.572 1.00 24.19 ? 760 HOH A O   1 
HETATM 1371 O O   . HOH D 3 .   ? 2.150   5.782   13.808  1.00 30.63 ? 761 HOH A O   1 
HETATM 1372 O O   . HOH D 3 .   ? -10.782 -12.628 0.796   1.00 23.51 ? 762 HOH A O   1 
HETATM 1373 O O   . HOH D 3 .   ? 13.486  -2.726  11.566  1.00 25.37 ? 763 HOH A O   1 
HETATM 1374 O O   . HOH D 3 .   ? 16.485  -5.118  4.824   1.00 20.07 ? 764 HOH A O   1 
HETATM 1375 O O   . HOH D 3 .   ? 4.387   4.912   15.933  1.00 31.67 ? 765 HOH A O   1 
HETATM 1376 O O   . HOH D 3 .   ? 9.759   -13.253 3.152   1.00 21.77 ? 766 HOH A O   1 
HETATM 1377 O O   . HOH D 3 .   ? -5.301  11.041  11.055  1.00 21.53 ? 767 HOH A O   1 
HETATM 1378 O O   . HOH D 3 .   ? -8.054  -11.314 0.268   1.00 16.86 ? 768 HOH A O   1 
HETATM 1379 O O   . HOH D 3 .   ? -10.894 3.757   -15.542 1.00 27.03 ? 769 HOH A O   1 
HETATM 1380 O O   . HOH D 3 .   ? 13.947  9.903   11.033  1.00 25.37 ? 770 HOH A O   1 
HETATM 1381 O O   . HOH D 3 .   ? -0.754  16.065  -6.333  1.00 20.33 ? 771 HOH A O   1 
HETATM 1382 O O   . HOH D 3 .   ? 8.143   -3.372  16.256  1.00 22.43 ? 772 HOH A O   1 
HETATM 1383 O O   . HOH D 3 .   ? -14.372 -11.342 14.361  1.00 17.48 ? 773 HOH A O   1 
HETATM 1384 O O   . HOH D 3 .   ? -16.187 -9.196  2.462   1.00 17.64 ? 774 HOH A O   1 
HETATM 1385 O O   . HOH D 3 .   ? 11.787  11.864  -5.022  1.00 23.13 ? 775 HOH A O   1 
HETATM 1386 O O   . HOH D 3 .   ? 3.296   13.580  -12.146 1.00 35.39 ? 776 HOH A O   1 
HETATM 1387 O O   . HOH D 3 .   ? -2.362  -12.395 -5.665  1.00 22.83 ? 777 HOH A O   1 
HETATM 1388 O O   . HOH D 3 .   ? -0.889  -0.285  -16.665 1.00 21.22 ? 778 HOH A O   1 
HETATM 1389 O O   . HOH D 3 .   ? 2.067   15.366  -10.504 1.00 20.73 ? 779 HOH A O   1 
HETATM 1390 O O   . HOH D 3 .   ? -9.796  -8.789  -10.058 1.00 25.15 ? 780 HOH A O   1 
HETATM 1391 O O   . HOH D 3 .   ? 24.843  -3.407  3.548   1.00 21.44 ? 781 HOH A O   1 
HETATM 1392 O O   . HOH D 3 .   ? 0.250   -13.215 -14.511 1.00 28.54 ? 782 HOH A O   1 
HETATM 1393 O O   . HOH D 3 .   ? 11.187  8.442   12.458  1.00 25.16 ? 783 HOH A O   1 
HETATM 1394 O O   . HOH D 3 .   ? -6.527  -11.813 5.640   1.00 18.03 ? 784 HOH A O   1 
HETATM 1395 O O   . HOH D 3 .   ? 8.216   -17.565 -2.851  1.00 31.44 ? 785 HOH A O   1 
HETATM 1396 O O   . HOH D 3 .   ? 14.329  -7.714  10.349  1.00 27.49 ? 786 HOH A O   1 
HETATM 1397 O O   . HOH D 3 .   ? -15.064 -12.994 2.121   1.00 24.21 ? 787 HOH A O   1 
HETATM 1398 O O   . HOH D 3 .   ? 10.881  -14.851 1.049   1.00 30.10 ? 788 HOH A O   1 
HETATM 1399 O O   . HOH D 3 .   ? 18.942  7.243   3.011   1.00 25.10 ? 789 HOH A O   1 
HETATM 1400 O O   . HOH D 3 .   ? -1.580  -11.437 -3.554  1.00 18.58 ? 790 HOH A O   1 
HETATM 1401 O O   . HOH D 3 .   ? 5.534   18.226  -9.838  1.00 23.35 ? 791 HOH A O   1 
HETATM 1402 O O   . HOH D 3 .   ? -16.921 1.766   -15.577 1.00 32.63 ? 792 HOH A O   1 
HETATM 1403 O O   . HOH D 3 .   ? 13.147  6.291   14.106  1.00 27.63 ? 793 HOH A O   1 
HETATM 1404 O O   . HOH D 3 .   ? 7.646   -9.761  -8.975  1.00 28.40 ? 794 HOH A O   1 
HETATM 1405 O O   . HOH D 3 .   ? -9.340  13.994  -6.038  1.00 22.47 ? 795 HOH A O   1 
HETATM 1406 O O   . HOH D 3 .   ? -0.854  15.739  7.954   1.00 28.73 ? 796 HOH A O   1 
HETATM 1407 O O   . HOH D 3 .   ? -3.465  -12.053 7.766   1.00 24.34 ? 797 HOH A O   1 
HETATM 1408 O O   . HOH D 3 .   ? 4.549   -4.245  -11.113 1.00 26.90 ? 798 HOH A O   1 
HETATM 1409 O O   . HOH D 3 .   ? 0.584   0.118   -14.620 1.00 29.84 ? 799 HOH A O   1 
HETATM 1410 O O   . HOH D 3 .   ? -10.145 7.721   4.100   1.00 39.40 ? 800 HOH A O   1 
HETATM 1411 O O   . HOH D 3 .   ? 14.612  -7.994  2.479   1.00 28.47 ? 801 HOH A O   1 
HETATM 1412 O O   . HOH D 3 .   ? 3.471   -5.424  16.338  1.00 30.93 ? 802 HOH A O   1 
HETATM 1413 O O   . HOH D 3 .   ? -15.841 -2.371  11.074  1.00 27.47 ? 803 HOH A O   1 
HETATM 1414 O O   . HOH D 3 .   ? -7.148  -7.311  14.021  1.00 34.14 ? 804 HOH A O   1 
HETATM 1415 O O   . HOH D 3 .   ? 15.095  2.714   -13.203 1.00 29.03 ? 805 HOH A O   1 
HETATM 1416 O O   . HOH D 3 .   ? 11.794  -9.110  13.206  1.00 25.42 ? 806 HOH A O   1 
HETATM 1417 O O   . HOH D 3 .   ? -15.448 -4.835  11.259  1.00 26.95 ? 807 HOH A O   1 
HETATM 1418 O O   . HOH D 3 .   ? 0.484   -7.930  14.878  1.00 31.68 ? 808 HOH A O   1 
HETATM 1419 O O   . HOH D 3 .   ? -13.407 7.219   -9.730  1.00 41.71 ? 809 HOH A O   1 
HETATM 1420 O O   . HOH D 3 .   ? -2.726  -1.213  15.093  1.00 27.04 ? 810 HOH A O   1 
HETATM 1421 O O   . HOH D 3 .   ? 15.528  -5.743  8.436   1.00 42.02 ? 811 HOH A O   1 
HETATM 1422 O O   . HOH D 3 .   ? 15.604  -3.327  10.043  1.00 28.42 ? 812 HOH A O   1 
HETATM 1423 O O   . HOH D 3 .   ? 17.764  1.094   12.335  1.00 30.58 ? 813 HOH A O   1 
HETATM 1424 O O   . HOH D 3 .   ? 16.526  3.880   11.731  1.00 35.04 ? 814 HOH A O   1 
HETATM 1425 O O   . HOH D 3 .   ? -0.989  -12.803 0.761   1.00 30.58 ? 815 HOH A O   1 
HETATM 1426 O O   . HOH D 3 .   ? -2.546  -12.640 -1.180  1.00 27.19 ? 816 HOH A O   1 
HETATM 1427 O O   . HOH D 3 .   ? 0.616   -14.299 -0.534  1.00 30.83 ? 817 HOH A O   1 
HETATM 1428 O O   . HOH D 3 .   ? 18.351  -4.947  2.875   1.00 39.75 ? 818 HOH A O   1 
HETATM 1429 O O   . HOH D 3 .   ? 23.478  -5.587  2.084   1.00 27.08 ? 819 HOH A O   1 
HETATM 1430 O O   . HOH D 3 .   ? 25.034  -0.979  4.058   1.00 41.46 ? 820 HOH A O   1 
HETATM 1431 O O   . HOH D 3 .   ? 25.822  1.918   1.237   1.00 32.33 ? 821 HOH A O   1 
HETATM 1432 O O   . HOH D 3 .   ? -8.320  5.782   7.702   1.00 18.80 ? 822 HOH A O   1 
HETATM 1433 O O   . HOH D 3 .   ? -8.292  7.856   6.742   1.00 19.92 ? 823 HOH A O   1 
HETATM 1434 O O   . HOH D 3 .   ? -10.115 -12.591 -1.723  1.00 26.78 ? 824 HOH A O   1 
HETATM 1435 O O   . HOH D 3 .   ? -13.841 -11.544 0.809   1.00 31.28 ? 825 HOH A O   1 
HETATM 1436 O O   . HOH D 3 .   ? -17.076 -6.250  2.580   1.00 24.93 ? 826 HOH A O   1 
HETATM 1437 O O   . HOH D 3 .   ? -20.495 -4.044  3.838   1.00 32.80 ? 827 HOH A O   1 
HETATM 1438 O O   . HOH D 3 .   ? -5.309  -13.700 -8.627  1.00 33.75 ? 828 HOH A O   1 
HETATM 1439 O O   . HOH D 3 .   ? -5.296  -8.822  -13.430 1.00 34.75 ? 829 HOH A O   1 
HETATM 1440 O O   . HOH D 3 .   ? -9.515  -12.394 8.655   1.00 34.45 ? 830 HOH A O   1 
HETATM 1441 O O   . HOH D 3 .   ? 0.241   -13.054 4.242   1.00 24.17 ? 831 HOH A O   1 
HETATM 1442 O O   . HOH D 3 .   ? 9.394   -12.356 7.524   1.00 27.39 ? 832 HOH A O   1 
HETATM 1443 O O   . HOH D 3 .   ? -1.771  -10.860 -10.581 1.00 38.85 ? 833 HOH A O   1 
HETATM 1444 O O   . HOH D 3 .   ? -2.495  -7.505  14.643  1.00 41.31 ? 834 HOH A O   1 
HETATM 1445 O O   . HOH D 3 .   ? 10.119  13.750  6.483   1.00 36.12 ? 835 HOH A O   1 
HETATM 1446 O O   . HOH D 3 .   ? 16.587  10.179  7.958   1.00 40.17 ? 836 HOH A O   1 
HETATM 1447 O O   . HOH D 3 .   ? 15.605  8.513   12.593  1.00 34.18 ? 837 HOH A O   1 
HETATM 1448 O O   . HOH D 3 .   ? 15.959  5.384   13.353  1.00 30.48 ? 838 HOH A O   1 
HETATM 1449 O O   . HOH D 3 .   ? 18.658  5.854   9.957   1.00 39.70 ? 839 HOH A O   1 
HETATM 1450 O O   . HOH D 3 .   ? 12.573  4.616   15.698  1.00 26.52 ? 840 HOH A O   1 
HETATM 1451 O O   . HOH D 3 .   ? 6.502   14.100  5.245   1.00 40.34 ? 841 HOH A O   1 
HETATM 1452 O O   . HOH D 3 .   ? 8.869   12.770  -2.675  1.00 25.22 ? 842 HOH A O   1 
HETATM 1453 O O   . HOH D 3 .   ? 12.983  12.143  -2.346  1.00 36.98 ? 843 HOH A O   1 
HETATM 1454 O O   . HOH D 3 .   ? 16.161  9.054   -0.536  1.00 25.38 ? 844 HOH A O   1 
HETATM 1455 O O   . HOH D 3 .   ? -4.915  13.991  7.735   1.00 24.76 ? 845 HOH A O   1 
HETATM 1456 O O   . HOH D 3 .   ? -5.984  -13.200 -0.433  1.00 24.95 ? 846 HOH A O   1 
HETATM 1457 O O   . HOH D 3 .   ? 0.649   -12.780 -2.785  1.00 32.44 ? 847 HOH A O   1 
HETATM 1458 O O   . HOH D 3 .   ? 3.663   -12.343 7.941   1.00 36.11 ? 848 HOH A O   1 
HETATM 1459 O O   . HOH D 3 .   ? 16.205  -5.816  -3.893  1.00 32.89 ? 849 HOH A O   1 
HETATM 1460 O O   . HOH D 3 .   ? 21.002  -4.609  2.852   1.00 32.69 ? 850 HOH A O   1 
HETATM 1461 O O   . HOH D 3 .   ? -9.968  15.461  2.474   1.00 30.03 ? 851 HOH A O   1 
HETATM 1462 O O   . HOH D 3 .   ? -2.789  -13.795 5.223   1.00 38.48 ? 852 HOH A O   1 
HETATM 1463 O O   . HOH D 3 .   ? 9.192   -8.043  16.841  1.00 36.13 ? 853 HOH A O   1 
HETATM 1464 O O   . HOH D 3 .   ? 12.847  -5.369  -9.009  1.00 42.75 ? 854 HOH A O   1 
HETATM 1465 O O   . HOH D 3 .   ? -18.108 -9.030  0.217   1.00 39.13 ? 855 HOH A O   1 
HETATM 1466 O O   . HOH D 3 .   ? 4.348   7.992   12.778  1.00 38.71 ? 856 HOH A O   1 
HETATM 1467 O O   . HOH D 3 .   ? 2.862   -13.918 -3.395  1.00 34.91 ? 857 HOH A O   1 
HETATM 1468 O O   . HOH D 3 .   ? -15.902 -10.489 0.008   1.00 33.50 ? 858 HOH A O   1 
HETATM 1469 O O   . HOH D 3 .   ? -10.965 2.172   -17.614 1.00 28.54 ? 859 HOH A O   1 
HETATM 1470 O O   . HOH D 3 .   ? -15.535 -1.417  -18.356 1.00 27.93 ? 860 HOH A O   1 
HETATM 1471 O O   . HOH D 3 .   ? -16.936 -0.475  -16.585 1.00 33.16 ? 861 HOH A O   1 
# 
